data_4F8H
#
_entry.id   4F8H
#
_cell.length_a   184.069
_cell.length_b   132.742
_cell.length_c   162.077
_cell.angle_alpha   90.00
_cell.angle_beta   103.61
_cell.angle_gamma   90.00
#
_symmetry.space_group_name_H-M   'C 1 2 1'
#
loop_
_entity.id
_entity.type
_entity.pdbx_description
1 polymer 'Proton-gated ion channel'
2 non-polymer (R)-ketamine
3 non-polymer 'tetradecyl 4-O-alpha-D-glucopyranosyl-beta-D-glucopyranoside'
4 non-polymer 1,2-DIACYL-SN-GLYCERO-3-PHOSPHOCHOLINE
5 water water
#
_entity_poly.entity_id   1
_entity_poly.type   'polypeptide(L)'
_entity_poly.pdbx_seq_one_letter_code
;GQDMVSPPPPIADEPLTVNTGIYLIECYSLDDKAETFKVNAFLSLSWKDRRLAFDPVRSGVRVKTYEPEAIWIPEIRFVN
VENARDADVVDISVSPDGTVQYLERFSARVLSPLDFRRYPFDSQTLHIYLIVRSVDTRNIVLAVDLEKVGKNDDVFLTGW
DIESFTAVVKPANFALEDRLESKLDYQLRISRQYFSYIPNIILPMLFILFISWTAFWSTSYEANVTLVVSTLIAHIAFNI
LVETNLPKTPYMTYTGAIIFMIYLFYFVAVIEVTVQHYLKVESQPARAASITRASRIAFPVVFLLANIILAFLFFGF
;
_entity_poly.pdbx_strand_id   A,B,C,D,E
#
# COMPACT_ATOMS: atom_id res chain seq x y z
N VAL A 5 -0.29 42.63 10.76
CA VAL A 5 -0.05 41.80 9.57
C VAL A 5 0.52 42.56 8.38
N SER A 6 1.69 43.15 8.58
CA SER A 6 2.54 43.62 7.48
C SER A 6 3.95 43.72 8.05
N PRO A 7 4.96 43.48 7.20
CA PRO A 7 6.31 43.26 7.73
C PRO A 7 6.88 44.47 8.48
N PRO A 8 7.64 44.22 9.56
CA PRO A 8 8.26 45.29 10.33
C PRO A 8 9.16 46.09 9.42
N PRO A 9 8.91 47.40 9.31
CA PRO A 9 9.68 48.22 8.37
C PRO A 9 11.03 48.56 8.97
N PRO A 10 12.03 48.82 8.10
CA PRO A 10 13.44 49.05 8.46
C PRO A 10 13.73 50.46 8.95
N ILE A 11 14.30 50.56 10.15
CA ILE A 11 14.82 51.83 10.63
C ILE A 11 16.12 52.14 9.86
N ALA A 12 15.97 52.29 8.55
CA ALA A 12 17.08 52.40 7.61
C ALA A 12 16.71 51.69 6.31
N ASP A 13 17.48 50.65 6.00
CA ASP A 13 17.22 49.80 4.84
C ASP A 13 17.92 48.44 4.99
N GLU A 14 18.11 48.01 6.23
CA GLU A 14 18.70 46.71 6.51
C GLU A 14 17.73 45.57 6.16
N PRO A 15 18.26 44.41 5.78
CA PRO A 15 17.35 43.28 5.61
C PRO A 15 16.98 42.74 6.98
N LEU A 16 15.76 42.21 7.12
CA LEU A 16 15.27 41.62 8.36
C LEU A 16 15.80 40.20 8.53
N THR A 17 16.47 39.96 9.65
CA THR A 17 17.06 38.66 9.89
C THR A 17 16.15 37.79 10.75
N VAL A 18 15.76 36.62 10.23
CA VAL A 18 15.05 35.63 11.03
C VAL A 18 15.98 34.50 11.48
N ASN A 19 16.00 34.27 12.79
CA ASN A 19 16.84 33.25 13.38
C ASN A 19 16.10 31.93 13.49
N THR A 20 16.65 30.90 12.87
CA THR A 20 15.98 29.62 12.82
C THR A 20 16.69 28.60 13.69
N GLY A 21 15.93 27.58 14.07
CA GLY A 21 16.44 26.45 14.81
C GLY A 21 15.53 25.26 14.64
N ILE A 22 16.12 24.11 14.36
CA ILE A 22 15.34 22.88 14.27
C ILE A 22 15.81 21.90 15.34
N TYR A 23 14.87 21.28 16.04
CA TYR A 23 15.20 20.29 17.06
C TYR A 23 14.38 19.03 16.79
N LEU A 24 15.04 18.02 16.23
CA LEU A 24 14.35 16.79 15.85
C LEU A 24 13.86 16.08 17.09
N ILE A 25 12.60 15.64 17.01
CA ILE A 25 12.00 14.83 18.06
C ILE A 25 11.86 13.39 17.59
N GLU A 26 11.57 13.21 16.30
CA GLU A 26 11.52 11.88 15.69
C GLU A 26 12.03 11.89 14.27
N CYS A 27 12.88 10.93 13.95
CA CYS A 27 13.08 10.59 12.55
C CYS A 27 12.56 9.16 12.41
N TYR A 28 12.03 8.86 11.24
CA TYR A 28 11.45 7.54 11.00
C TYR A 28 11.08 7.37 9.52
N SER A 29 10.96 6.12 9.08
CA SER A 29 10.53 5.83 7.71
C SER A 29 11.50 6.38 6.67
N LEU A 30 12.77 5.97 6.78
CA LEU A 30 13.72 6.21 5.70
C LEU A 30 13.48 5.15 4.63
N ASP A 31 12.78 5.55 3.58
CA ASP A 31 12.35 4.67 2.51
C ASP A 31 13.33 4.76 1.34
N ASP A 32 14.16 3.74 1.15
CA ASP A 32 15.22 3.83 0.14
C ASP A 32 14.68 3.98 -1.30
N LYS A 33 13.66 3.21 -1.68
CA LYS A 33 13.09 3.32 -3.02
C LYS A 33 12.60 4.73 -3.33
N ALA A 34 11.92 5.36 -2.37
CA ALA A 34 11.34 6.69 -2.57
C ALA A 34 12.32 7.82 -2.25
N GLU A 35 13.35 7.48 -1.49
CA GLU A 35 14.36 8.42 -1.07
C GLU A 35 13.72 9.53 -0.25
N THR A 36 12.92 9.12 0.73
CA THR A 36 12.24 10.05 1.65
C THR A 36 12.43 9.60 3.08
N PHE A 37 12.38 10.56 3.99
CA PHE A 37 12.19 10.23 5.40
C PHE A 37 11.14 11.14 6.01
N LYS A 38 10.63 10.76 7.17
CA LYS A 38 9.61 11.57 7.82
C LYS A 38 10.22 12.15 9.07
N VAL A 39 9.94 13.43 9.30
CA VAL A 39 10.52 14.12 10.45
C VAL A 39 9.41 14.65 11.36
N ASN A 40 9.74 14.77 12.63
CA ASN A 40 8.81 15.32 13.60
C ASN A 40 9.64 16.18 14.56
N ALA A 41 9.50 17.50 14.47
CA ALA A 41 10.48 18.41 15.07
C ALA A 41 9.92 19.73 15.60
N PHE A 42 10.72 20.42 16.41
CA PHE A 42 10.47 21.83 16.76
C PHE A 42 11.09 22.73 15.72
N LEU A 43 10.29 23.65 15.18
CA LEU A 43 10.85 24.77 14.42
C LEU A 43 10.80 26.00 15.30
N SER A 44 11.92 26.70 15.41
CA SER A 44 11.98 27.90 16.24
C SER A 44 12.37 29.11 15.38
N LEU A 45 11.61 30.19 15.50
CA LEU A 45 11.92 31.42 14.76
C LEU A 45 12.06 32.63 15.69
N SER A 46 12.96 33.54 15.35
CA SER A 46 13.15 34.76 16.13
C SER A 46 13.58 35.96 15.27
N TRP A 47 12.89 37.08 15.44
CA TRP A 47 13.20 38.29 14.69
C TRP A 47 12.77 39.48 15.51
N LYS A 48 13.24 40.67 15.14
CA LYS A 48 12.84 41.91 15.83
C LYS A 48 11.76 42.68 15.06
N ASP A 49 10.63 42.88 15.74
CA ASP A 49 9.53 43.69 15.23
C ASP A 49 9.31 44.81 16.25
N ARG A 50 10.00 45.95 16.06
CA ARG A 50 10.00 47.07 17.02
C ARG A 50 8.61 47.60 17.43
N ARG A 51 7.69 47.64 16.47
CA ARG A 51 6.29 47.96 16.75
C ARG A 51 5.68 47.21 17.95
N LEU A 52 6.30 46.10 18.34
CA LEU A 52 5.73 45.26 19.38
C LEU A 52 6.33 45.52 20.76
N ALA A 53 7.37 46.36 20.79
CA ALA A 53 8.07 46.70 22.04
C ALA A 53 7.15 47.37 23.07
N PHE A 54 7.58 47.32 24.34
CA PHE A 54 6.73 47.77 25.44
C PHE A 54 7.57 48.02 26.69
N ASP A 55 6.92 48.57 27.72
CA ASP A 55 7.56 48.86 29.00
C ASP A 55 7.24 47.79 30.04
N PRO A 56 8.28 47.15 30.61
CA PRO A 56 8.16 46.16 31.69
C PRO A 56 7.54 46.76 32.94
N VAL A 57 7.95 47.99 33.23
CA VAL A 57 7.51 48.73 34.41
C VAL A 57 6.02 49.07 34.33
N ARG A 58 5.65 49.87 33.33
CA ARG A 58 4.23 50.21 33.12
C ARG A 58 3.34 49.00 32.85
N SER A 59 3.72 48.23 31.83
CA SER A 59 2.92 47.09 31.40
C SER A 59 2.93 45.97 32.44
N GLY A 60 3.99 45.93 33.26
CA GLY A 60 4.03 45.06 34.43
C GLY A 60 4.43 43.63 34.16
N VAL A 61 4.55 43.28 32.89
CA VAL A 61 4.98 41.96 32.48
C VAL A 61 6.38 41.99 31.84
N ARG A 62 7.17 40.96 32.11
CA ARG A 62 8.53 40.87 31.60
C ARG A 62 8.52 40.43 30.13
N VAL A 63 7.37 39.89 29.72
CA VAL A 63 7.20 39.32 28.40
C VAL A 63 5.72 39.14 28.09
N LYS A 64 5.34 39.44 26.85
CA LYS A 64 3.93 39.34 26.46
C LYS A 64 3.66 38.24 25.43
N THR A 65 2.45 37.67 25.49
CA THR A 65 2.02 36.61 24.59
C THR A 65 1.13 37.12 23.46
N TYR A 66 1.26 36.51 22.28
CA TYR A 66 0.37 36.80 21.16
C TYR A 66 -0.07 35.52 20.44
N GLU A 67 -1.28 35.56 19.89
CA GLU A 67 -1.74 34.53 18.97
C GLU A 67 -1.21 34.82 17.56
N PRO A 68 -0.97 33.77 16.78
CA PRO A 68 -0.33 33.93 15.45
C PRO A 68 -1.01 34.96 14.55
N GLU A 69 -2.32 35.11 14.66
CA GLU A 69 -3.06 36.04 13.82
C GLU A 69 -2.81 37.48 14.23
N ALA A 70 -2.60 37.69 15.53
CA ALA A 70 -2.34 39.02 16.08
C ALA A 70 -1.14 39.72 15.43
N ILE A 71 -0.04 39.00 15.24
CA ILE A 71 1.17 39.66 14.74
C ILE A 71 1.61 39.14 13.39
N TRP A 72 2.54 39.87 12.78
CA TRP A 72 3.16 39.43 11.53
C TRP A 72 4.22 38.41 11.84
N ILE A 73 4.14 37.29 11.11
CA ILE A 73 5.07 36.19 11.23
C ILE A 73 5.63 35.87 9.86
N PRO A 74 6.94 35.66 9.76
CA PRO A 74 7.55 35.45 8.45
C PRO A 74 7.13 34.13 7.84
N GLU A 75 6.70 34.16 6.58
CA GLU A 75 6.31 32.94 5.86
C GLU A 75 7.54 32.06 5.50
N ILE A 76 7.99 31.30 6.49
CA ILE A 76 9.04 30.30 6.33
C ILE A 76 8.48 28.99 5.76
N ARG A 77 9.15 28.44 4.77
CA ARG A 77 8.65 27.22 4.14
C ARG A 77 9.80 26.21 3.92
N PHE A 78 9.49 24.91 3.91
CA PHE A 78 10.50 23.90 3.57
C PHE A 78 10.57 23.72 2.07
N VAL A 79 11.79 23.62 1.55
CA VAL A 79 11.95 23.47 0.11
C VAL A 79 11.66 22.06 -0.36
N ASN A 80 12.30 21.08 0.27
CA ASN A 80 12.21 19.70 -0.20
C ASN A 80 11.27 18.82 0.63
N VAL A 81 9.99 19.12 0.57
CA VAL A 81 9.00 18.29 1.23
C VAL A 81 7.95 17.91 0.22
N GLU A 82 7.23 16.82 0.53
CA GLU A 82 6.15 16.31 -0.29
C GLU A 82 4.96 17.28 -0.29
N ASN A 83 4.44 17.54 0.90
CA ASN A 83 3.40 18.53 1.07
C ASN A 83 3.77 19.56 2.12
N ALA A 84 3.12 20.71 2.06
CA ALA A 84 3.28 21.68 3.12
C ALA A 84 3.18 20.93 4.46
N ARG A 85 4.21 21.09 5.29
CA ARG A 85 4.25 20.45 6.60
C ARG A 85 3.00 20.73 7.43
N ASP A 86 2.62 19.78 8.27
CA ASP A 86 1.61 20.01 9.30
C ASP A 86 2.27 20.71 10.47
N ALA A 87 1.85 21.94 10.76
CA ALA A 87 2.41 22.68 11.89
C ALA A 87 1.36 22.99 12.94
N ASP A 88 1.82 23.08 14.18
CA ASP A 88 0.95 23.35 15.33
C ASP A 88 1.72 24.38 16.15
N VAL A 89 1.21 25.61 16.26
CA VAL A 89 1.97 26.63 16.96
C VAL A 89 1.93 26.37 18.46
N VAL A 90 3.11 26.35 19.06
CA VAL A 90 3.24 26.01 20.47
C VAL A 90 3.32 27.23 21.37
N ASP A 91 3.91 28.32 20.85
CA ASP A 91 4.19 29.50 21.66
C ASP A 91 4.72 30.72 20.89
N ILE A 92 4.13 31.89 21.14
CA ILE A 92 4.72 33.15 20.66
C ILE A 92 4.94 34.10 21.84
N SER A 93 6.20 34.48 22.06
CA SER A 93 6.58 35.25 23.24
C SER A 93 7.36 36.49 22.84
N VAL A 94 6.78 37.67 23.07
CA VAL A 94 7.46 38.92 22.74
C VAL A 94 8.12 39.55 23.95
N SER A 95 9.37 39.96 23.76
CA SER A 95 10.14 40.61 24.81
C SER A 95 10.14 42.12 24.56
N PRO A 96 10.32 42.89 25.64
CA PRO A 96 10.13 44.35 25.68
C PRO A 96 10.70 45.11 24.50
N ASP A 97 11.84 44.68 23.98
CA ASP A 97 12.48 45.40 22.86
C ASP A 97 11.87 45.08 21.49
N GLY A 98 10.82 44.25 21.49
CA GLY A 98 10.16 43.85 20.25
C GLY A 98 10.78 42.63 19.61
N THR A 99 11.42 41.80 20.42
CA THR A 99 11.99 40.56 19.93
C THR A 99 10.96 39.43 20.02
N VAL A 100 10.68 38.79 18.89
CA VAL A 100 9.72 37.69 18.87
C VAL A 100 10.41 36.32 18.96
N GLN A 101 9.83 35.45 19.78
CA GLN A 101 10.26 34.05 19.86
C GLN A 101 9.09 33.16 19.44
N TYR A 102 9.18 32.66 18.20
CA TYR A 102 8.18 31.75 17.63
C TYR A 102 8.61 30.30 17.85
N LEU A 103 7.63 29.43 18.09
CA LEU A 103 7.91 28.01 18.24
C LEU A 103 6.76 27.14 17.80
N GLU A 104 6.96 26.42 16.70
CA GLU A 104 5.96 25.45 16.25
C GLU A 104 6.52 24.05 16.37
N ARG A 105 5.61 23.08 16.46
CA ARG A 105 6.02 21.69 16.30
C ARG A 105 5.45 21.18 15.00
N PHE A 106 6.31 20.68 14.11
CA PHE A 106 5.81 20.25 12.81
C PHE A 106 6.13 18.79 12.52
N SER A 107 5.49 18.27 11.48
CA SER A 107 5.89 17.00 10.90
C SER A 107 5.83 17.12 9.39
N ALA A 108 6.86 16.64 8.72
CA ALA A 108 6.88 16.65 7.26
C ALA A 108 7.48 15.39 6.73
N ARG A 109 7.20 15.12 5.46
CA ARG A 109 7.89 14.06 4.76
C ARG A 109 8.90 14.69 3.80
N VAL A 110 10.17 14.50 4.12
CA VAL A 110 11.27 15.14 3.40
C VAL A 110 11.76 14.31 2.22
N LEU A 111 12.29 14.98 1.22
CA LEU A 111 12.63 14.36 -0.05
C LEU A 111 14.09 14.69 -0.37
N SER A 112 15.01 13.98 0.27
CA SER A 112 16.42 14.10 -0.02
C SER A 112 16.94 12.81 -0.64
N PRO A 113 17.66 12.91 -1.76
CA PRO A 113 18.19 11.74 -2.48
C PRO A 113 19.37 11.10 -1.75
N LEU A 114 19.53 9.78 -1.96
CA LEU A 114 20.60 8.98 -1.34
C LEU A 114 21.59 8.45 -2.38
N ASP A 115 22.82 8.21 -1.95
CA ASP A 115 23.85 7.61 -2.80
C ASP A 115 24.05 6.13 -2.49
N PHE A 116 23.66 5.26 -3.42
CA PHE A 116 23.67 3.81 -3.15
C PHE A 116 24.96 3.08 -3.53
N ARG A 117 25.89 3.78 -4.17
CA ARG A 117 27.13 3.18 -4.67
C ARG A 117 27.79 2.19 -3.71
N ARG A 118 27.80 2.50 -2.42
CA ARG A 118 28.45 1.63 -1.45
C ARG A 118 27.49 0.78 -0.63
N TYR A 119 26.27 0.61 -1.14
CA TYR A 119 25.24 -0.14 -0.43
C TYR A 119 25.61 -1.62 -0.33
N PRO A 120 25.38 -2.25 0.83
CA PRO A 120 24.75 -1.66 2.02
C PRO A 120 25.75 -1.11 3.03
N PHE A 121 26.94 -0.71 2.60
CA PHE A 121 27.93 -0.12 3.52
C PHE A 121 28.02 1.40 3.37
N ASP A 122 26.90 2.02 3.02
CA ASP A 122 26.88 3.41 2.62
C ASP A 122 26.55 4.34 3.77
N SER A 123 26.90 5.60 3.58
CA SER A 123 26.48 6.67 4.48
C SER A 123 25.77 7.73 3.68
N GLN A 124 24.84 8.43 4.32
CA GLN A 124 24.09 9.45 3.63
C GLN A 124 24.18 10.78 4.38
N THR A 125 23.98 11.87 3.65
CA THR A 125 23.68 13.16 4.26
C THR A 125 22.27 13.60 3.87
N LEU A 126 21.35 13.50 4.83
CA LEU A 126 19.98 13.98 4.61
C LEU A 126 19.93 15.50 4.70
N HIS A 127 19.06 16.10 3.87
CA HIS A 127 18.95 17.56 3.83
C HIS A 127 17.55 18.04 4.18
N ILE A 128 17.45 18.97 5.12
CA ILE A 128 16.19 19.70 5.29
C ILE A 128 16.47 21.17 4.98
N TYR A 129 15.90 21.67 3.88
CA TYR A 129 16.11 23.10 3.48
C TYR A 129 14.98 24.03 3.93
N LEU A 130 15.29 24.97 4.84
CA LEU A 130 14.39 26.10 5.14
C LEU A 130 14.54 27.23 4.12
N ILE A 131 13.42 27.75 3.65
CA ILE A 131 13.50 28.90 2.75
C ILE A 131 12.53 30.02 3.19
N VAL A 132 12.88 31.26 2.86
CA VAL A 132 11.93 32.36 3.04
C VAL A 132 12.00 33.38 1.91
N ARG A 133 10.83 33.83 1.47
CA ARG A 133 10.78 34.72 0.32
C ARG A 133 10.63 36.17 0.78
N SER A 134 11.46 37.05 0.24
CA SER A 134 11.43 38.46 0.61
C SER A 134 10.16 39.13 0.10
N VAL A 135 9.60 40.02 0.92
CA VAL A 135 8.38 40.75 0.59
C VAL A 135 8.72 42.07 -0.09
N ASP A 136 7.71 42.78 -0.57
CA ASP A 136 7.95 43.95 -1.40
C ASP A 136 8.51 45.16 -0.63
N THR A 137 8.37 45.17 0.68
CA THR A 137 8.83 46.33 1.45
C THR A 137 10.06 46.08 2.31
N ARG A 138 10.58 44.86 2.27
CA ARG A 138 11.97 44.60 2.68
C ARG A 138 12.43 43.16 2.47
N ASN A 139 13.75 42.99 2.56
CA ASN A 139 14.40 41.71 2.33
C ASN A 139 14.54 40.89 3.60
N ILE A 140 14.10 39.64 3.53
CA ILE A 140 14.20 38.74 4.66
C ILE A 140 15.35 37.76 4.47
N VAL A 141 16.11 37.54 5.54
CA VAL A 141 17.27 36.66 5.49
C VAL A 141 17.26 35.69 6.66
N LEU A 142 17.59 34.43 6.37
CA LEU A 142 17.64 33.41 7.41
C LEU A 142 19.02 33.26 8.05
N ALA A 143 19.03 32.88 9.32
CA ALA A 143 20.28 32.63 10.01
C ALA A 143 20.04 31.51 11.02
N VAL A 144 21.12 30.89 11.46
CA VAL A 144 21.02 29.74 12.34
C VAL A 144 21.38 30.11 13.78
N ASP A 145 20.42 29.98 14.69
CA ASP A 145 20.73 30.07 16.11
C ASP A 145 21.17 28.70 16.61
N LEU A 146 22.47 28.43 16.60
CA LEU A 146 22.99 27.11 16.96
C LEU A 146 22.45 26.61 18.30
N GLU A 147 22.21 27.53 19.23
CA GLU A 147 21.73 27.17 20.56
C GLU A 147 20.39 26.44 20.50
N LYS A 148 19.70 26.55 19.38
CA LYS A 148 18.32 26.04 19.24
C LYS A 148 18.24 24.93 18.18
N VAL A 149 19.38 24.32 17.90
CA VAL A 149 19.50 23.27 16.91
C VAL A 149 19.99 21.99 17.57
N GLY A 150 19.22 20.91 17.44
CA GLY A 150 19.61 19.65 18.02
C GLY A 150 18.63 18.52 17.76
N LYS A 151 18.72 17.48 18.58
CA LYS A 151 17.88 16.32 18.43
C LYS A 151 17.92 15.63 19.78
N ASN A 152 16.80 15.06 20.21
CA ASN A 152 16.82 14.34 21.47
C ASN A 152 17.49 12.95 21.37
N ASP A 153 17.92 12.42 22.51
CA ASP A 153 18.76 11.23 22.56
C ASP A 153 18.06 9.95 22.10
N ASP A 154 16.73 9.94 22.18
CA ASP A 154 15.94 8.81 21.70
C ASP A 154 15.95 8.65 20.18
N VAL A 155 15.78 9.77 19.46
CA VAL A 155 15.65 9.77 18.00
C VAL A 155 16.33 8.56 17.37
N PHE A 156 15.52 7.57 17.03
CA PHE A 156 16.02 6.32 16.51
C PHE A 156 15.51 6.13 15.08
N LEU A 157 16.41 6.17 14.12
CA LEU A 157 16.03 5.93 12.73
C LEU A 157 16.23 4.47 12.41
N THR A 158 15.15 3.69 12.52
CA THR A 158 15.19 2.24 12.39
C THR A 158 16.05 1.73 11.23
N GLY A 159 17.16 1.08 11.57
CA GLY A 159 18.07 0.52 10.58
C GLY A 159 19.24 1.41 10.21
N TRP A 160 19.38 2.52 10.93
CA TRP A 160 20.44 3.49 10.62
C TRP A 160 21.05 3.99 11.91
N ASP A 161 22.30 4.39 11.85
CA ASP A 161 22.94 5.07 12.98
C ASP A 161 22.98 6.54 12.64
N ILE A 162 22.57 7.37 13.61
CA ILE A 162 22.59 8.83 13.41
C ILE A 162 23.87 9.47 13.94
N GLU A 163 24.68 9.99 13.02
CA GLU A 163 25.97 10.58 13.39
C GLU A 163 25.89 12.02 13.91
N SER A 164 25.09 12.86 13.26
CA SER A 164 25.11 14.28 13.56
C SER A 164 23.93 15.04 12.94
N PHE A 165 23.57 16.17 13.56
CA PHE A 165 22.58 17.07 12.98
C PHE A 165 23.08 18.49 13.15
N THR A 166 23.44 19.13 12.04
CA THR A 166 24.01 20.47 12.08
C THR A 166 23.45 21.30 10.94
N ALA A 167 23.59 22.62 11.02
CA ALA A 167 23.15 23.46 9.93
C ALA A 167 24.34 24.19 9.36
N VAL A 168 24.35 24.37 8.04
CA VAL A 168 25.30 25.29 7.41
C VAL A 168 24.88 26.72 7.74
N VAL A 169 25.71 27.39 8.55
CA VAL A 169 25.38 28.72 9.09
C VAL A 169 25.10 29.79 8.04
N LYS A 170 25.78 29.69 6.90
CA LYS A 170 25.65 30.67 5.83
C LYS A 170 24.54 30.33 4.82
N PRO A 171 23.45 31.11 4.84
CA PRO A 171 22.34 30.97 3.92
C PRO A 171 22.76 31.21 2.48
N ALA A 172 22.15 30.47 1.56
CA ALA A 172 22.31 30.75 0.13
C ALA A 172 21.23 31.72 -0.30
N ASN A 173 21.62 32.96 -0.56
CA ASN A 173 20.68 33.95 -1.05
C ASN A 173 20.71 33.93 -2.57
N PHE A 174 19.57 34.16 -3.20
CA PHE A 174 19.48 34.15 -4.66
C PHE A 174 18.13 34.68 -5.08
N ALA A 175 17.98 34.92 -6.38
CA ALA A 175 16.74 35.54 -6.85
C ALA A 175 15.88 34.52 -7.55
N LEU A 176 14.64 34.39 -7.10
CA LEU A 176 13.69 33.46 -7.70
C LEU A 176 12.38 34.15 -8.08
N GLU A 177 12.21 34.37 -9.38
CA GLU A 177 11.02 35.03 -9.88
C GLU A 177 10.83 36.38 -9.18
N ASP A 178 11.63 37.37 -9.59
CA ASP A 178 11.45 38.76 -9.13
C ASP A 178 12.07 39.07 -7.78
N ARG A 179 11.61 38.40 -6.73
CA ARG A 179 12.08 38.63 -5.36
C ARG A 179 13.28 37.76 -4.94
N LEU A 180 13.87 38.09 -3.81
CA LEU A 180 15.04 37.37 -3.32
C LEU A 180 14.63 36.32 -2.30
N GLU A 181 15.33 35.19 -2.32
CA GLU A 181 15.00 34.09 -1.42
C GLU A 181 16.20 33.69 -0.57
N SER A 182 15.96 33.39 0.70
CA SER A 182 17.02 32.96 1.61
C SER A 182 16.84 31.48 2.03
N LYS A 183 17.85 30.65 1.75
CA LYS A 183 17.73 29.21 1.94
C LYS A 183 18.78 28.66 2.90
N LEU A 184 18.33 27.91 3.91
CA LEU A 184 19.23 27.30 4.89
C LEU A 184 19.31 25.79 4.71
N ASP A 185 20.49 25.25 4.96
CA ASP A 185 20.75 23.83 4.75
C ASP A 185 20.99 23.12 6.09
N TYR A 186 19.94 22.49 6.62
CA TYR A 186 20.09 21.59 7.76
C TYR A 186 20.49 20.19 7.28
N GLN A 187 21.45 19.57 7.96
CA GLN A 187 22.04 18.32 7.49
C GLN A 187 22.07 17.20 8.53
N LEU A 188 21.26 16.18 8.27
CA LEU A 188 21.22 14.99 9.13
C LEU A 188 22.13 13.93 8.55
N ARG A 189 23.15 13.53 9.30
CA ARG A 189 24.14 12.60 8.77
C ARG A 189 23.98 11.19 9.35
N ILE A 190 23.80 10.22 8.46
CA ILE A 190 23.53 8.87 8.91
C ILE A 190 24.40 7.86 8.19
N SER A 191 24.64 6.73 8.86
CA SER A 191 25.34 5.61 8.24
C SER A 191 24.52 4.34 8.42
N ARG A 192 24.36 3.59 7.33
CA ARG A 192 23.52 2.39 7.34
C ARG A 192 24.06 1.30 8.25
N GLN A 193 23.15 0.55 8.88
CA GLN A 193 23.52 -0.57 9.76
C GLN A 193 23.68 -1.83 8.94
N TYR A 194 24.91 -2.15 8.54
CA TYR A 194 25.14 -3.19 7.54
C TYR A 194 24.97 -4.62 8.06
N PHE A 195 25.09 -4.80 9.38
CA PHE A 195 25.02 -6.11 10.00
C PHE A 195 24.02 -7.11 9.42
N SER A 196 22.73 -6.79 9.45
CA SER A 196 21.71 -7.75 9.00
C SER A 196 21.95 -8.30 7.59
N TYR A 197 22.42 -7.44 6.68
CA TYR A 197 22.68 -7.86 5.31
C TYR A 197 23.61 -9.08 5.22
N ILE A 198 24.40 -9.28 6.27
CA ILE A 198 25.37 -10.35 6.29
C ILE A 198 24.74 -11.75 6.38
N PRO A 199 24.05 -12.05 7.47
CA PRO A 199 23.37 -13.36 7.52
C PRO A 199 22.14 -13.49 6.62
N ASN A 200 21.62 -12.38 6.11
CA ASN A 200 20.34 -12.41 5.39
C ASN A 200 20.49 -12.55 3.88
N ILE A 201 21.58 -12.01 3.35
CA ILE A 201 21.75 -11.83 1.91
C ILE A 201 23.13 -12.28 1.46
N ILE A 202 24.17 -11.71 2.07
CA ILE A 202 25.53 -11.93 1.61
C ILE A 202 26.03 -13.36 1.81
N LEU A 203 26.00 -13.87 3.04
CA LEU A 203 26.49 -15.23 3.26
C LEU A 203 25.67 -16.27 2.50
N PRO A 204 24.34 -16.28 2.68
CA PRO A 204 23.56 -17.28 1.95
C PRO A 204 23.94 -17.31 0.48
N MET A 205 24.09 -16.12 -0.09
CA MET A 205 24.41 -15.99 -1.50
C MET A 205 25.76 -16.63 -1.83
N LEU A 206 26.71 -16.52 -0.91
CA LEU A 206 28.03 -17.17 -1.04
C LEU A 206 27.95 -18.70 -0.90
N PHE A 207 27.36 -19.18 0.19
CA PHE A 207 27.04 -20.61 0.38
C PHE A 207 26.45 -21.31 -0.85
N ILE A 208 25.40 -20.76 -1.45
CA ILE A 208 24.83 -21.41 -2.64
C ILE A 208 25.85 -21.43 -3.78
N LEU A 209 26.75 -20.44 -3.80
CA LEU A 209 27.80 -20.38 -4.83
C LEU A 209 28.85 -21.45 -4.59
N PHE A 210 29.26 -21.62 -3.35
CA PHE A 210 30.20 -22.65 -2.96
C PHE A 210 29.60 -24.03 -3.23
N ILE A 211 28.38 -24.23 -2.76
CA ILE A 211 27.68 -25.46 -3.09
C ILE A 211 27.78 -25.78 -4.59
N SER A 212 27.79 -24.75 -5.43
CA SER A 212 27.85 -24.98 -6.88
C SER A 212 29.23 -25.48 -7.30
N TRP A 213 30.25 -25.20 -6.50
CA TRP A 213 31.62 -25.48 -6.89
C TRP A 213 32.01 -26.92 -6.60
N THR A 214 31.17 -27.63 -5.89
CA THR A 214 31.43 -29.04 -5.64
C THR A 214 31.26 -29.88 -6.92
N ALA A 215 30.80 -29.26 -8.00
CA ALA A 215 30.69 -29.96 -9.27
C ALA A 215 32.07 -30.19 -9.88
N PHE A 216 33.06 -29.48 -9.34
CA PHE A 216 34.44 -29.63 -9.80
C PHE A 216 35.08 -30.92 -9.25
N TRP A 217 34.49 -31.46 -8.19
CA TRP A 217 34.90 -32.76 -7.66
C TRP A 217 33.90 -33.86 -8.05
N SER A 218 33.27 -33.68 -9.21
CA SER A 218 32.29 -34.66 -9.69
C SER A 218 32.49 -34.85 -11.18
N THR A 219 32.12 -36.03 -11.67
CA THR A 219 32.26 -36.39 -13.08
C THR A 219 30.90 -36.62 -13.73
N SER A 220 29.85 -36.47 -12.92
CA SER A 220 28.46 -36.73 -13.30
C SER A 220 27.75 -35.50 -13.88
N TYR A 221 27.62 -35.43 -15.21
CA TYR A 221 26.99 -34.30 -15.88
C TYR A 221 25.55 -34.15 -15.46
N GLU A 222 24.87 -35.27 -15.39
CA GLU A 222 23.48 -35.35 -14.96
C GLU A 222 23.30 -34.68 -13.58
N ALA A 223 24.37 -34.63 -12.80
CA ALA A 223 24.29 -34.09 -11.45
C ALA A 223 24.86 -32.69 -11.37
N ASN A 224 25.99 -32.47 -12.04
CA ASN A 224 26.60 -31.16 -12.07
C ASN A 224 25.60 -30.15 -12.63
N VAL A 225 24.91 -30.53 -13.69
CA VAL A 225 23.92 -29.65 -14.29
C VAL A 225 22.83 -29.31 -13.29
N THR A 226 22.46 -30.27 -12.46
CA THR A 226 21.48 -30.02 -11.41
C THR A 226 22.02 -29.12 -10.27
N LEU A 227 23.25 -29.34 -9.83
CA LEU A 227 23.89 -28.45 -8.85
C LEU A 227 23.96 -27.02 -9.35
N VAL A 228 24.53 -26.84 -10.54
CA VAL A 228 24.84 -25.52 -11.03
C VAL A 228 23.59 -24.74 -11.43
N VAL A 229 22.65 -25.41 -12.10
CA VAL A 229 21.41 -24.74 -12.48
C VAL A 229 20.49 -24.47 -11.28
N SER A 230 20.36 -25.42 -10.37
CA SER A 230 19.54 -25.22 -9.19
C SER A 230 19.97 -24.01 -8.36
N THR A 231 21.27 -23.89 -8.12
CA THR A 231 21.78 -22.80 -7.31
C THR A 231 21.72 -21.46 -8.04
N LEU A 232 21.93 -21.49 -9.35
CA LEU A 232 21.81 -20.28 -10.18
C LEU A 232 20.42 -19.69 -10.00
N ILE A 233 19.45 -20.58 -9.82
CA ILE A 233 18.09 -20.16 -9.60
C ILE A 233 17.95 -19.50 -8.22
N ALA A 234 18.41 -20.18 -7.17
CA ALA A 234 18.45 -19.60 -5.83
C ALA A 234 19.12 -18.24 -5.85
N HIS A 235 20.12 -18.08 -6.71
CA HIS A 235 20.84 -16.83 -6.77
C HIS A 235 19.93 -15.76 -7.37
N ILE A 236 19.35 -16.08 -8.52
CA ILE A 236 18.34 -15.22 -9.12
C ILE A 236 17.37 -14.68 -8.06
N ALA A 237 16.88 -15.53 -7.16
CA ALA A 237 15.96 -15.10 -6.11
C ALA A 237 16.58 -13.98 -5.27
N PHE A 238 17.72 -14.28 -4.67
CA PHE A 238 18.40 -13.25 -3.91
C PHE A 238 18.63 -11.97 -4.72
N ASN A 239 18.94 -12.10 -6.00
CA ASN A 239 19.10 -10.93 -6.84
C ASN A 239 17.81 -10.11 -6.83
N ILE A 240 16.71 -10.73 -7.25
CA ILE A 240 15.41 -10.09 -7.25
C ILE A 240 15.05 -9.50 -5.88
N LEU A 241 15.25 -10.26 -4.81
CA LEU A 241 15.03 -9.77 -3.44
C LEU A 241 15.72 -8.44 -3.17
N VAL A 242 16.98 -8.35 -3.57
CA VAL A 242 17.78 -7.17 -3.32
C VAL A 242 17.31 -5.98 -4.19
N GLU A 243 16.95 -6.22 -5.44
CA GLU A 243 16.62 -5.12 -6.32
C GLU A 243 15.19 -4.64 -6.15
N THR A 244 14.45 -5.27 -5.26
CA THR A 244 13.13 -4.73 -4.85
C THR A 244 13.20 -3.89 -3.57
N ASN A 245 14.34 -3.93 -2.89
CA ASN A 245 14.64 -3.06 -1.74
C ASN A 245 15.35 -1.76 -2.15
N LEU A 246 15.52 -1.54 -3.45
CA LEU A 246 16.40 -0.50 -3.95
C LEU A 246 15.80 0.20 -5.13
N PRO A 247 15.98 1.52 -5.19
CA PRO A 247 15.58 2.33 -6.34
C PRO A 247 16.44 1.97 -7.54
N LYS A 248 15.98 2.30 -8.74
CA LYS A 248 16.77 1.98 -9.91
C LYS A 248 17.79 3.08 -10.17
N THR A 249 19.03 2.84 -9.73
CA THR A 249 20.12 3.78 -9.93
C THR A 249 20.72 3.66 -11.34
N PRO A 250 21.22 4.78 -11.87
CA PRO A 250 21.83 4.86 -13.20
C PRO A 250 23.33 4.62 -13.08
N TYR A 251 23.75 4.32 -11.85
CA TYR A 251 25.12 3.94 -11.58
C TYR A 251 25.12 2.52 -11.04
N MET A 252 26.29 2.00 -10.70
CA MET A 252 26.37 0.62 -10.26
C MET A 252 26.60 0.57 -8.76
N THR A 253 25.77 -0.20 -8.05
CA THR A 253 25.92 -0.37 -6.61
C THR A 253 26.89 -1.51 -6.30
N TYR A 254 27.47 -1.49 -5.12
CA TYR A 254 28.42 -2.51 -4.73
C TYR A 254 27.77 -3.90 -4.73
N THR A 255 26.72 -4.07 -3.92
CA THR A 255 25.95 -5.30 -3.90
C THR A 255 25.50 -5.70 -5.30
N GLY A 256 25.30 -4.71 -6.17
CA GLY A 256 24.81 -4.99 -7.52
C GLY A 256 25.88 -5.61 -8.38
N ALA A 257 27.09 -5.04 -8.30
CA ALA A 257 28.27 -5.58 -8.97
C ALA A 257 28.56 -7.01 -8.51
N ILE A 258 28.70 -7.19 -7.20
CA ILE A 258 28.94 -8.50 -6.62
C ILE A 258 27.91 -9.51 -7.12
N ILE A 259 26.64 -9.12 -7.07
CA ILE A 259 25.55 -10.00 -7.50
C ILE A 259 25.62 -10.31 -9.00
N PHE A 260 26.02 -9.32 -9.80
CA PHE A 260 26.14 -9.50 -11.24
C PHE A 260 27.33 -10.36 -11.61
N MET A 261 28.46 -10.13 -10.94
CA MET A 261 29.67 -10.90 -11.17
C MET A 261 29.39 -12.40 -10.99
N ILE A 262 28.79 -12.72 -9.86
CA ILE A 262 28.43 -14.10 -9.56
C ILE A 262 27.67 -14.79 -10.71
N TYR A 263 26.90 -14.03 -11.49
CA TYR A 263 26.25 -14.63 -12.65
C TYR A 263 27.31 -15.21 -13.57
N LEU A 264 28.40 -14.46 -13.77
CA LEU A 264 29.49 -14.91 -14.64
C LEU A 264 30.11 -16.21 -14.15
N PHE A 265 30.46 -16.26 -12.88
CA PHE A 265 30.97 -17.48 -12.26
C PHE A 265 30.02 -18.70 -12.35
N TYR A 266 28.77 -18.45 -12.72
CA TYR A 266 27.81 -19.52 -12.89
C TYR A 266 27.86 -19.96 -14.34
N PHE A 267 27.95 -18.97 -15.22
CA PHE A 267 28.00 -19.22 -16.65
C PHE A 267 29.31 -19.91 -17.04
N VAL A 268 30.42 -19.50 -16.44
CA VAL A 268 31.68 -20.16 -16.70
C VAL A 268 31.65 -21.59 -16.19
N ALA A 269 31.20 -21.76 -14.95
CA ALA A 269 31.01 -23.10 -14.39
C ALA A 269 30.14 -24.01 -15.28
N VAL A 270 29.03 -23.50 -15.80
CA VAL A 270 28.23 -24.33 -16.68
C VAL A 270 29.05 -24.70 -17.92
N ILE A 271 29.85 -23.76 -18.41
CA ILE A 271 30.75 -24.05 -19.52
C ILE A 271 31.70 -25.20 -19.18
N GLU A 272 32.54 -25.02 -18.16
CA GLU A 272 33.46 -26.07 -17.71
C GLU A 272 32.77 -27.44 -17.52
N VAL A 273 31.66 -27.46 -16.80
CA VAL A 273 30.86 -28.66 -16.58
C VAL A 273 30.48 -29.34 -17.91
N THR A 274 30.24 -28.52 -18.93
CA THR A 274 29.87 -28.99 -20.26
C THR A 274 31.09 -29.49 -21.04
N VAL A 275 32.14 -28.67 -21.07
CA VAL A 275 33.42 -29.05 -21.64
C VAL A 275 33.89 -30.40 -21.11
N GLN A 276 33.90 -30.54 -19.79
CA GLN A 276 34.29 -31.80 -19.15
C GLN A 276 33.49 -32.99 -19.68
N HIS A 277 32.17 -32.85 -19.77
CA HIS A 277 31.32 -33.93 -20.27
C HIS A 277 31.61 -34.20 -21.73
N TYR A 278 31.76 -33.15 -22.53
CA TYR A 278 32.09 -33.33 -23.95
C TYR A 278 33.32 -34.20 -24.16
N LEU A 279 34.36 -33.95 -23.37
CA LEU A 279 35.56 -34.77 -23.39
C LEU A 279 35.26 -36.23 -23.00
N LYS A 280 34.77 -36.44 -21.79
CA LYS A 280 34.41 -37.80 -21.33
C LYS A 280 33.62 -38.64 -22.34
N VAL A 281 32.74 -38.01 -23.11
CA VAL A 281 31.95 -38.75 -24.09
C VAL A 281 32.79 -39.14 -25.30
N GLU A 282 33.82 -38.34 -25.59
CA GLU A 282 34.77 -38.60 -26.67
C GLU A 282 35.92 -39.46 -26.16
N SER A 283 35.77 -39.94 -24.93
CA SER A 283 36.83 -40.69 -24.28
C SER A 283 38.07 -39.82 -24.19
N GLN A 284 38.11 -38.98 -23.16
CA GLN A 284 39.24 -38.11 -22.90
C GLN A 284 39.35 -37.77 -21.42
N PRO A 285 38.89 -38.67 -20.53
CA PRO A 285 38.83 -38.32 -19.10
C PRO A 285 40.13 -37.67 -18.62
N ALA A 286 41.20 -37.82 -19.40
CA ALA A 286 42.49 -37.23 -19.09
C ALA A 286 42.46 -35.71 -19.19
N ARG A 287 42.13 -35.19 -20.37
CA ARG A 287 42.00 -33.74 -20.58
C ARG A 287 40.98 -33.14 -19.63
N ALA A 288 39.80 -33.75 -19.60
CA ALA A 288 38.75 -33.35 -18.69
C ALA A 288 39.33 -33.12 -17.31
N ALA A 289 39.80 -34.20 -16.70
CA ALA A 289 40.25 -34.17 -15.30
C ALA A 289 41.35 -33.16 -15.03
N SER A 290 42.06 -32.72 -16.07
CA SER A 290 43.13 -31.76 -15.86
C SER A 290 42.54 -30.36 -15.79
N ILE A 291 41.51 -30.14 -16.60
CA ILE A 291 40.71 -28.92 -16.53
C ILE A 291 39.95 -28.85 -15.19
N THR A 292 39.09 -29.84 -14.96
CA THR A 292 38.39 -29.97 -13.68
C THR A 292 39.33 -29.79 -12.48
N ARG A 293 40.59 -30.16 -12.63
CA ARG A 293 41.52 -30.11 -11.51
C ARG A 293 41.94 -28.68 -11.27
N ALA A 294 42.04 -27.92 -12.36
CA ALA A 294 42.40 -26.50 -12.28
C ALA A 294 41.24 -25.67 -11.73
N SER A 295 40.05 -25.87 -12.30
CA SER A 295 38.86 -25.23 -11.82
C SER A 295 38.79 -25.20 -10.30
N ARG A 296 39.01 -26.36 -9.68
CA ARG A 296 38.94 -26.48 -8.22
C ARG A 296 39.75 -25.40 -7.51
N ILE A 297 40.71 -24.80 -8.20
CA ILE A 297 41.54 -23.76 -7.63
C ILE A 297 41.28 -22.43 -8.31
N ALA A 298 41.22 -22.46 -9.64
CA ALA A 298 41.04 -21.24 -10.42
C ALA A 298 39.82 -20.43 -9.97
N PHE A 299 38.68 -21.09 -9.82
CA PHE A 299 37.47 -20.38 -9.39
C PHE A 299 37.63 -19.66 -8.04
N PRO A 300 37.79 -20.41 -6.94
CA PRO A 300 37.90 -19.72 -5.65
C PRO A 300 38.98 -18.63 -5.66
N VAL A 301 40.01 -18.80 -6.48
CA VAL A 301 41.11 -17.85 -6.47
C VAL A 301 40.80 -16.64 -7.33
N VAL A 302 40.09 -16.85 -8.44
CA VAL A 302 39.71 -15.75 -9.30
C VAL A 302 38.55 -14.96 -8.67
N PHE A 303 37.73 -15.66 -7.88
CA PHE A 303 36.66 -15.00 -7.15
C PHE A 303 37.23 -14.10 -6.04
N LEU A 304 37.87 -14.71 -5.05
CA LEU A 304 38.53 -13.98 -3.98
C LEU A 304 39.47 -12.90 -4.53
N LEU A 305 39.86 -13.04 -5.78
CA LEU A 305 40.72 -12.05 -6.44
C LEU A 305 39.88 -10.86 -6.88
N ALA A 306 38.88 -11.14 -7.70
CA ALA A 306 37.98 -10.12 -8.24
C ALA A 306 37.20 -9.34 -7.17
N ASN A 307 36.72 -10.02 -6.13
CA ASN A 307 36.09 -9.31 -5.02
C ASN A 307 37.01 -8.25 -4.43
N ILE A 308 38.27 -8.61 -4.22
CA ILE A 308 39.26 -7.64 -3.76
C ILE A 308 39.32 -6.45 -4.72
N ILE A 309 39.41 -6.73 -6.01
CA ILE A 309 39.38 -5.66 -7.01
C ILE A 309 38.12 -4.79 -6.98
N LEU A 310 36.95 -5.36 -6.72
CA LEU A 310 35.73 -4.56 -6.60
C LEU A 310 35.82 -3.65 -5.39
N ALA A 311 35.98 -4.26 -4.20
CA ALA A 311 36.10 -3.48 -2.97
C ALA A 311 37.01 -2.28 -3.17
N PHE A 312 38.12 -2.51 -3.86
CA PHE A 312 39.03 -1.44 -4.18
C PHE A 312 38.30 -0.31 -4.92
N LEU A 313 37.74 -0.62 -6.10
CA LEU A 313 37.07 0.38 -6.93
C LEU A 313 35.94 1.09 -6.20
N PHE A 314 35.46 0.49 -5.12
CA PHE A 314 34.27 0.98 -4.44
C PHE A 314 34.54 1.68 -3.12
N PHE A 315 35.67 1.40 -2.48
CA PHE A 315 35.95 2.03 -1.18
C PHE A 315 37.32 2.72 -1.07
N VAL B 5 -8.44 32.74 27.92
CA VAL B 5 -7.28 32.18 27.20
C VAL B 5 -5.91 32.76 27.61
N SER B 6 -5.57 32.57 28.88
CA SER B 6 -4.20 32.74 29.37
C SER B 6 -4.14 31.96 30.68
N PRO B 7 -2.96 31.39 31.00
CA PRO B 7 -2.89 30.37 32.05
C PRO B 7 -3.31 30.89 33.42
N PRO B 8 -3.96 30.04 34.22
CA PRO B 8 -4.38 30.42 35.57
C PRO B 8 -3.15 30.80 36.38
N PRO B 9 -3.13 32.04 36.91
CA PRO B 9 -1.93 32.50 37.63
C PRO B 9 -1.91 31.91 39.05
N PRO B 10 -0.68 31.79 39.60
CA PRO B 10 -0.40 31.13 40.89
C PRO B 10 -0.69 32.04 42.08
N ILE B 11 -1.52 31.54 43.01
CA ILE B 11 -1.70 32.20 44.29
C ILE B 11 -0.46 31.92 45.12
N ALA B 12 0.68 32.41 44.64
CA ALA B 12 2.01 32.13 45.17
C ALA B 12 3.02 32.04 44.04
N ASP B 13 3.60 30.85 43.89
CA ASP B 13 4.50 30.55 42.80
C ASP B 13 4.63 29.03 42.60
N GLU B 14 3.56 28.31 42.93
CA GLU B 14 3.52 26.87 42.71
C GLU B 14 3.39 26.55 41.22
N PRO B 15 3.91 25.40 40.80
CA PRO B 15 3.64 25.00 39.42
C PRO B 15 2.22 24.47 39.33
N LEU B 16 1.58 24.67 38.17
CA LEU B 16 0.23 24.16 37.92
C LEU B 16 0.25 22.67 37.56
N THR B 17 -0.45 21.88 38.34
CA THR B 17 -0.48 20.45 38.11
C THR B 17 -1.66 20.04 37.22
N VAL B 18 -1.38 19.37 36.10
CA VAL B 18 -2.43 18.77 35.29
C VAL B 18 -2.49 17.26 35.49
N ASN B 19 -3.67 16.77 35.84
CA ASN B 19 -3.87 15.35 36.08
C ASN B 19 -4.32 14.66 34.81
N THR B 20 -3.57 13.64 34.40
CA THR B 20 -3.84 12.97 33.15
C THR B 20 -4.34 11.56 33.40
N GLY B 21 -5.02 11.03 32.39
CA GLY B 21 -5.54 9.67 32.40
C GLY B 21 -5.79 9.24 30.97
N ILE B 22 -5.35 8.03 30.64
CA ILE B 22 -5.62 7.47 29.33
C ILE B 22 -6.40 6.19 29.49
N TYR B 23 -7.47 6.04 28.72
CA TYR B 23 -8.29 4.81 28.74
C TYR B 23 -8.42 4.27 27.32
N LEU B 24 -7.68 3.20 27.03
CA LEU B 24 -7.64 2.63 25.68
C LEU B 24 -8.99 2.05 25.33
N ILE B 25 -9.45 2.34 24.11
CA ILE B 25 -10.69 1.79 23.60
C ILE B 25 -10.32 0.78 22.52
N GLU B 26 -9.32 1.11 21.72
CA GLU B 26 -8.83 0.17 20.72
C GLU B 26 -7.32 0.23 20.60
N CYS B 27 -6.69 -0.94 20.53
CA CYS B 27 -5.35 -1.03 19.98
C CYS B 27 -5.48 -1.87 18.74
N TYR B 28 -4.64 -1.60 17.75
CA TYR B 28 -4.72 -2.28 16.47
C TYR B 28 -3.56 -1.89 15.57
N SER B 29 -3.26 -2.73 14.59
CA SER B 29 -2.17 -2.44 13.64
C SER B 29 -0.80 -2.29 14.32
N LEU B 30 -0.39 -3.31 15.06
CA LEU B 30 1.01 -3.41 15.48
C LEU B 30 1.85 -3.91 14.30
N ASP B 31 2.50 -2.96 13.64
CA ASP B 31 3.27 -3.20 12.43
C ASP B 31 4.75 -3.41 12.81
N ASP B 32 5.25 -4.66 12.76
CA ASP B 32 6.63 -4.92 13.21
C ASP B 32 7.72 -4.22 12.38
N LYS B 33 7.60 -4.25 11.05
CA LYS B 33 8.56 -3.52 10.22
C LYS B 33 8.68 -2.02 10.57
N ALA B 34 7.54 -1.36 10.75
CA ALA B 34 7.51 0.08 11.02
C ALA B 34 7.68 0.40 12.51
N GLU B 35 7.41 -0.59 13.34
CA GLU B 35 7.47 -0.42 14.79
C GLU B 35 6.47 0.63 15.28
N THR B 36 5.23 0.50 14.84
CA THR B 36 4.17 1.42 15.18
C THR B 36 2.91 0.64 15.54
N PHE B 37 2.09 1.25 16.39
CA PHE B 37 0.73 0.76 16.56
C PHE B 37 -0.24 1.94 16.54
N LYS B 38 -1.52 1.62 16.40
CA LYS B 38 -2.52 2.68 16.29
C LYS B 38 -3.35 2.57 17.55
N VAL B 39 -3.67 3.71 18.14
CA VAL B 39 -4.42 3.71 19.38
C VAL B 39 -5.69 4.54 19.21
N ASN B 40 -6.73 4.16 19.95
CA ASN B 40 -7.97 4.89 19.95
C ASN B 40 -8.46 4.95 21.39
N ALA B 41 -8.39 6.13 22.00
CA ALA B 41 -8.50 6.23 23.47
C ALA B 41 -9.17 7.49 24.01
N PHE B 42 -9.54 7.44 25.30
CA PHE B 42 -9.94 8.65 26.04
C PHE B 42 -8.71 9.27 26.63
N LEU B 43 -8.50 10.56 26.37
CA LEU B 43 -7.56 11.38 27.16
C LEU B 43 -8.35 12.21 28.15
N SER B 44 -7.95 12.17 29.42
CA SER B 44 -8.65 12.92 30.46
C SER B 44 -7.69 13.89 31.15
N LEU B 45 -8.09 15.16 31.24
CA LEU B 45 -7.26 16.16 31.89
C LEU B 45 -8.00 16.86 33.03
N SER B 46 -7.28 17.20 34.09
CA SER B 46 -7.88 17.93 35.21
C SER B 46 -6.90 18.88 35.91
N TRP B 47 -7.32 20.12 36.08
CA TRP B 47 -6.48 21.11 36.75
C TRP B 47 -7.36 22.18 37.41
N LYS B 48 -6.79 22.96 38.32
CA LYS B 48 -7.56 24.03 38.98
C LYS B 48 -7.28 25.39 38.38
N ASP B 49 -8.35 26.00 37.88
CA ASP B 49 -8.35 27.36 37.36
C ASP B 49 -9.34 28.19 38.20
N ARG B 50 -8.84 28.79 39.28
CA ARG B 50 -9.70 29.45 40.28
C ARG B 50 -10.60 30.53 39.70
N ARG B 51 -10.13 31.21 38.66
CA ARG B 51 -10.94 32.20 37.93
C ARG B 51 -12.29 31.68 37.47
N LEU B 52 -12.43 30.37 37.42
CA LEU B 52 -13.67 29.79 36.92
C LEU B 52 -14.66 29.41 38.02
N ALA B 53 -14.24 29.56 39.28
CA ALA B 53 -15.05 29.13 40.43
C ALA B 53 -16.35 29.92 40.50
N PHE B 54 -17.32 29.38 41.22
CA PHE B 54 -18.65 29.95 41.26
C PHE B 54 -19.45 29.42 42.47
N ASP B 55 -20.66 29.97 42.66
CA ASP B 55 -21.53 29.60 43.77
C ASP B 55 -22.62 28.67 43.25
N PRO B 56 -22.74 27.46 43.83
CA PRO B 56 -23.82 26.50 43.61
C PRO B 56 -25.17 27.07 43.99
N VAL B 57 -25.21 27.76 45.13
CA VAL B 57 -26.43 28.33 45.67
C VAL B 57 -26.97 29.42 44.72
N ARG B 58 -26.20 30.47 44.53
CA ARG B 58 -26.59 31.56 43.63
C ARG B 58 -26.74 31.07 42.21
N SER B 59 -25.67 30.50 41.67
CA SER B 59 -25.66 30.09 40.28
C SER B 59 -26.64 28.94 40.03
N GLY B 60 -26.96 28.19 41.07
CA GLY B 60 -28.02 27.18 41.00
C GLY B 60 -27.65 25.85 40.36
N VAL B 61 -26.46 25.77 39.76
CA VAL B 61 -25.94 24.54 39.17
C VAL B 61 -24.78 23.97 39.99
N ARG B 62 -24.70 22.64 40.05
CA ARG B 62 -23.70 21.98 40.86
C ARG B 62 -22.40 21.97 40.08
N VAL B 63 -22.52 22.23 38.78
CA VAL B 63 -21.41 22.13 37.84
C VAL B 63 -21.75 22.79 36.51
N LYS B 64 -20.79 23.49 35.92
CA LYS B 64 -21.03 24.29 34.73
C LYS B 64 -20.24 23.77 33.56
N THR B 65 -20.79 23.96 32.36
CA THR B 65 -20.17 23.50 31.12
C THR B 65 -19.51 24.62 30.35
N TYR B 66 -18.44 24.31 29.64
CA TYR B 66 -17.78 25.29 28.78
C TYR B 66 -17.35 24.63 27.46
N GLU B 67 -17.34 25.42 26.39
CA GLU B 67 -16.72 25.01 25.13
C GLU B 67 -15.23 25.30 25.17
N PRO B 68 -14.42 24.49 24.48
CA PRO B 68 -12.95 24.57 24.57
C PRO B 68 -12.36 25.96 24.31
N GLU B 69 -13.00 26.75 23.45
CA GLU B 69 -12.53 28.11 23.18
C GLU B 69 -12.77 29.04 24.36
N ALA B 70 -13.87 28.83 25.08
CA ALA B 70 -14.24 29.62 26.25
C ALA B 70 -13.12 29.73 27.30
N ILE B 71 -12.50 28.60 27.62
CA ILE B 71 -11.53 28.59 28.70
C ILE B 71 -10.13 28.26 28.24
N TRP B 72 -9.14 28.51 29.10
CA TRP B 72 -7.77 28.10 28.86
C TRP B 72 -7.67 26.62 29.17
N ILE B 73 -7.05 25.91 28.23
CA ILE B 73 -6.80 24.48 28.34
C ILE B 73 -5.32 24.24 28.07
N PRO B 74 -4.70 23.37 28.87
CA PRO B 74 -3.25 23.16 28.73
C PRO B 74 -2.90 22.44 27.44
N GLU B 75 -1.94 22.98 26.69
CA GLU B 75 -1.49 22.36 25.46
C GLU B 75 -0.68 21.08 25.72
N ILE B 76 -1.40 19.98 25.96
CA ILE B 76 -0.83 18.64 26.12
C ILE B 76 -0.59 18.00 24.76
N ARG B 77 0.58 17.42 24.55
CA ARG B 77 0.88 16.79 23.27
C ARG B 77 1.54 15.42 23.44
N PHE B 78 1.39 14.54 22.46
CA PHE B 78 2.07 13.25 22.51
C PHE B 78 3.46 13.39 21.92
N VAL B 79 4.45 12.79 22.56
CA VAL B 79 5.81 12.90 22.07
C VAL B 79 6.07 11.99 20.89
N ASN B 80 5.74 10.70 21.04
CA ASN B 80 6.07 9.72 20.01
C ASN B 80 4.91 9.33 19.12
N VAL B 81 4.39 10.28 18.37
CA VAL B 81 3.40 9.98 17.36
C VAL B 81 3.87 10.42 15.98
N GLU B 82 3.25 9.83 14.96
CA GLU B 82 3.52 10.18 13.57
C GLU B 82 3.07 11.61 13.25
N ASN B 83 1.77 11.85 13.45
CA ASN B 83 1.20 13.18 13.31
C ASN B 83 0.44 13.59 14.55
N ALA B 84 0.27 14.88 14.74
CA ALA B 84 -0.62 15.37 15.78
C ALA B 84 -1.88 14.52 15.76
N ARG B 85 -2.19 13.93 16.90
CA ARG B 85 -3.37 13.09 17.03
C ARG B 85 -4.66 13.78 16.58
N ASP B 86 -5.60 13.01 16.05
CA ASP B 86 -6.95 13.51 15.80
C ASP B 86 -7.72 13.45 17.09
N ALA B 87 -8.13 14.62 17.59
CA ALA B 87 -8.90 14.69 18.83
C ALA B 87 -10.31 15.25 18.61
N ASP B 88 -11.23 14.79 19.44
CA ASP B 88 -12.61 15.24 19.40
C ASP B 88 -12.99 15.50 20.85
N VAL B 89 -13.25 16.76 21.22
CA VAL B 89 -13.57 17.03 22.62
C VAL B 89 -14.96 16.53 22.98
N VAL B 90 -15.01 15.75 24.05
CA VAL B 90 -16.23 15.08 24.46
C VAL B 90 -16.97 15.84 25.56
N ASP B 91 -16.24 16.51 26.44
CA ASP B 91 -16.82 17.18 27.61
C ASP B 91 -15.85 18.07 28.40
N ILE B 92 -16.28 19.28 28.72
CA ILE B 92 -15.57 20.11 29.71
C ILE B 92 -16.52 20.50 30.84
N SER B 93 -16.20 20.07 32.05
CA SER B 93 -17.08 20.25 33.21
C SER B 93 -16.35 20.95 34.36
N VAL B 94 -16.75 22.18 34.66
CA VAL B 94 -16.16 22.91 35.77
C VAL B 94 -16.95 22.82 37.08
N SER B 95 -16.25 22.52 38.16
CA SER B 95 -16.87 22.42 39.47
C SER B 95 -16.59 23.72 40.22
N PRO B 96 -17.48 24.07 41.15
CA PRO B 96 -17.53 25.35 41.83
C PRO B 96 -16.17 25.88 42.30
N ASP B 97 -15.24 25.02 42.70
CA ASP B 97 -13.96 25.52 43.21
C ASP B 97 -13.00 25.93 42.11
N GLY B 98 -13.47 25.85 40.86
CA GLY B 98 -12.63 26.10 39.70
C GLY B 98 -11.82 24.89 39.21
N THR B 99 -12.29 23.69 39.52
CA THR B 99 -11.63 22.47 39.06
C THR B 99 -12.19 22.10 37.69
N VAL B 100 -11.31 21.94 36.71
CA VAL B 100 -11.73 21.56 35.35
C VAL B 100 -11.56 20.08 35.09
N GLN B 101 -12.57 19.47 34.47
CA GLN B 101 -12.49 18.09 34.01
C GLN B 101 -12.63 18.10 32.49
N TYR B 102 -11.51 17.89 31.81
CA TYR B 102 -11.43 17.79 30.36
C TYR B 102 -11.50 16.33 29.93
N LEU B 103 -12.14 16.08 28.80
CA LEU B 103 -12.19 14.73 28.24
C LEU B 103 -12.30 14.70 26.73
N GLU B 104 -11.23 14.29 26.07
CA GLU B 104 -11.27 14.09 24.62
C GLU B 104 -11.19 12.62 24.27
N ARG B 105 -11.68 12.27 23.10
CA ARG B 105 -11.39 10.96 22.54
C ARG B 105 -10.47 11.15 21.35
N PHE B 106 -9.32 10.51 21.38
CA PHE B 106 -8.36 10.68 20.30
C PHE B 106 -7.98 9.38 19.59
N SER B 107 -7.35 9.54 18.43
CA SER B 107 -6.68 8.40 17.78
C SER B 107 -5.33 8.87 17.27
N ALA B 108 -4.31 8.10 17.55
CA ALA B 108 -2.99 8.41 17.03
C ALA B 108 -2.27 7.16 16.56
N ARG B 109 -1.28 7.37 15.71
CA ARG B 109 -0.37 6.30 15.37
C ARG B 109 0.94 6.49 16.14
N VAL B 110 1.17 5.61 17.08
CA VAL B 110 2.30 5.70 17.99
C VAL B 110 3.56 5.00 17.45
N LEU B 111 4.72 5.50 17.88
CA LEU B 111 6.00 5.11 17.31
C LEU B 111 6.92 4.69 18.44
N SER B 112 6.71 3.48 18.95
CA SER B 112 7.58 2.88 19.95
C SER B 112 8.30 1.67 19.36
N PRO B 113 9.62 1.61 19.55
CA PRO B 113 10.46 0.54 19.01
C PRO B 113 10.30 -0.77 19.76
N LEU B 114 10.48 -1.88 19.04
CA LEU B 114 10.35 -3.22 19.60
C LEU B 114 11.71 -3.96 19.64
N ASP B 115 11.81 -4.96 20.53
CA ASP B 115 13.01 -5.80 20.64
C ASP B 115 12.78 -7.20 20.05
N PHE B 116 13.41 -7.48 18.92
CA PHE B 116 13.12 -8.72 18.22
C PHE B 116 14.01 -9.91 18.61
N ARG B 117 15.03 -9.68 19.42
CA ARG B 117 15.97 -10.74 19.82
C ARG B 117 15.35 -12.12 20.09
N ARG B 118 14.20 -12.18 20.75
CA ARG B 118 13.59 -13.45 21.08
C ARG B 118 12.40 -13.81 20.16
N TYR B 119 12.34 -13.16 19.01
CA TYR B 119 11.23 -13.37 18.07
C TYR B 119 11.24 -14.80 17.53
N PRO B 120 10.07 -15.46 17.44
CA PRO B 120 8.74 -14.90 17.74
C PRO B 120 8.27 -15.20 19.17
N PHE B 121 9.19 -15.43 20.10
CA PHE B 121 8.79 -15.67 21.49
C PHE B 121 9.01 -14.43 22.37
N ASP B 122 8.89 -13.26 21.76
CA ASP B 122 9.25 -12.01 22.43
C ASP B 122 8.09 -11.33 23.15
N SER B 123 8.46 -10.45 24.06
CA SER B 123 7.50 -9.56 24.68
C SER B 123 7.95 -8.12 24.47
N GLN B 124 6.99 -7.21 24.41
CA GLN B 124 7.32 -5.82 24.21
C GLN B 124 6.73 -4.95 25.32
N THR B 125 7.34 -3.79 25.52
CA THR B 125 6.70 -2.71 26.27
C THR B 125 6.46 -1.50 25.36
N LEU B 126 5.21 -1.32 24.95
CA LEU B 126 4.84 -0.15 24.16
C LEU B 126 4.82 1.10 25.04
N HIS B 127 5.20 2.24 24.48
CA HIS B 127 5.20 3.49 25.21
C HIS B 127 4.33 4.56 24.57
N ILE B 128 3.45 5.17 25.35
CA ILE B 128 2.79 6.40 24.91
C ILE B 128 3.24 7.50 25.85
N TYR B 129 4.00 8.48 25.34
CA TYR B 129 4.51 9.61 26.15
C TYR B 129 3.67 10.89 26.02
N LEU B 130 3.03 11.30 27.13
CA LEU B 130 2.39 12.61 27.21
C LEU B 130 3.40 13.69 27.60
N ILE B 131 3.38 14.81 26.91
CA ILE B 131 4.23 15.92 27.31
C ILE B 131 3.47 17.26 27.39
N VAL B 132 3.93 18.15 28.26
CA VAL B 132 3.41 19.51 28.24
C VAL B 132 4.49 20.54 28.47
N ARG B 133 4.43 21.62 27.70
CA ARG B 133 5.46 22.64 27.77
C ARG B 133 5.03 23.81 28.67
N SER B 134 5.89 24.18 29.61
CA SER B 134 5.58 25.29 30.51
C SER B 134 5.50 26.61 29.76
N VAL B 135 4.57 27.47 30.17
CA VAL B 135 4.39 28.79 29.58
C VAL B 135 5.21 29.84 30.32
N ASP B 136 5.22 31.07 29.80
CA ASP B 136 6.08 32.09 30.37
C ASP B 136 5.67 32.61 31.76
N THR B 137 4.42 32.41 32.14
CA THR B 137 3.96 32.93 33.41
C THR B 137 3.70 31.88 34.50
N ARG B 138 3.95 30.61 34.16
CA ARG B 138 4.10 29.56 35.18
C ARG B 138 4.42 28.18 34.63
N ASN B 139 4.90 27.33 35.53
CA ASN B 139 5.35 26.00 35.19
C ASN B 139 4.22 24.99 35.27
N ILE B 140 4.07 24.21 34.21
CA ILE B 140 3.05 23.18 34.19
C ILE B 140 3.69 21.82 34.39
N VAL B 141 3.04 21.01 35.22
CA VAL B 141 3.54 19.67 35.54
C VAL B 141 2.45 18.63 35.37
N LEU B 142 2.80 17.48 34.79
CA LEU B 142 1.82 16.41 34.60
C LEU B 142 1.84 15.45 35.78
N ALA B 143 0.70 14.79 35.99
CA ALA B 143 0.58 13.78 37.03
C ALA B 143 -0.47 12.77 36.59
N VAL B 144 -0.43 11.59 37.18
CA VAL B 144 -1.29 10.52 36.74
C VAL B 144 -2.41 10.31 37.74
N ASP B 145 -3.65 10.51 37.29
CA ASP B 145 -4.80 10.09 38.08
C ASP B 145 -5.10 8.61 37.81
N LEU B 146 -4.57 7.71 38.64
CA LEU B 146 -4.72 6.28 38.39
C LEU B 146 -6.16 5.84 38.18
N GLU B 147 -7.07 6.50 38.87
CA GLU B 147 -8.50 6.19 38.76
C GLU B 147 -9.02 6.32 37.32
N LYS B 148 -8.29 7.03 36.47
CA LYS B 148 -8.77 7.39 35.13
C LYS B 148 -7.89 6.75 34.05
N VAL B 149 -7.18 5.70 34.44
CA VAL B 149 -6.25 4.99 33.57
C VAL B 149 -6.67 3.54 33.42
N GLY B 150 -6.89 3.09 32.19
CA GLY B 150 -7.28 1.72 31.95
C GLY B 150 -7.50 1.37 30.50
N LYS B 151 -8.20 0.27 30.28
CA LYS B 151 -8.50 -0.19 28.93
C LYS B 151 -9.72 -1.08 29.04
N ASN B 152 -10.60 -1.04 28.04
CA ASN B 152 -11.77 -1.91 28.10
C ASN B 152 -11.42 -3.36 27.78
N ASP B 153 -12.29 -4.27 28.18
CA ASP B 153 -12.02 -5.71 28.13
C ASP B 153 -11.95 -6.29 26.70
N ASP B 154 -12.58 -5.62 25.74
CA ASP B 154 -12.51 -6.00 24.34
C ASP B 154 -11.12 -5.81 23.72
N VAL B 155 -10.51 -4.65 23.98
CA VAL B 155 -9.23 -4.24 23.36
C VAL B 155 -8.43 -5.45 22.93
N PHE B 156 -8.48 -5.75 21.64
CA PHE B 156 -7.83 -6.94 21.10
C PHE B 156 -6.76 -6.50 20.10
N LEU B 157 -5.51 -6.75 20.44
CA LEU B 157 -4.42 -6.43 19.53
C LEU B 157 -4.11 -7.67 18.72
N THR B 158 -4.68 -7.75 17.53
CA THR B 158 -4.58 -8.93 16.67
C THR B 158 -3.17 -9.55 16.61
N GLY B 159 -3.05 -10.76 17.14
CA GLY B 159 -1.75 -11.45 17.14
C GLY B 159 -0.89 -11.25 18.38
N TRP B 160 -1.44 -10.62 19.40
CA TRP B 160 -0.69 -10.31 20.61
C TRP B 160 -1.59 -10.50 21.83
N ASP B 161 -0.97 -10.77 22.97
CA ASP B 161 -1.72 -10.84 24.21
C ASP B 161 -1.37 -9.60 24.97
N ILE B 162 -2.38 -8.93 25.51
CA ILE B 162 -2.16 -7.71 26.27
C ILE B 162 -2.07 -8.01 27.76
N GLU B 163 -0.90 -7.80 28.33
CA GLU B 163 -0.69 -8.06 29.75
C GLU B 163 -1.16 -6.95 30.68
N SER B 164 -0.86 -5.69 30.36
CA SER B 164 -1.08 -4.60 31.30
C SER B 164 -1.01 -3.22 30.66
N PHE B 165 -1.71 -2.25 31.26
CA PHE B 165 -1.57 -0.86 30.86
C PHE B 165 -1.47 -0.03 32.12
N THR B 166 -0.30 0.56 32.35
CA THR B 166 -0.06 1.38 33.53
C THR B 166 0.77 2.61 33.20
N ALA B 167 0.78 3.59 34.10
CA ALA B 167 1.61 4.76 33.87
C ALA B 167 2.66 4.84 34.95
N VAL B 168 3.86 5.28 34.60
CA VAL B 168 4.85 5.63 35.59
C VAL B 168 4.42 6.95 36.21
N VAL B 169 4.08 6.92 37.49
CA VAL B 169 3.48 8.06 38.20
C VAL B 169 4.37 9.30 38.21
N LYS B 170 5.69 9.10 38.26
CA LYS B 170 6.63 10.20 38.35
C LYS B 170 7.06 10.74 36.98
N PRO B 171 6.60 11.96 36.64
CA PRO B 171 6.95 12.65 35.40
C PRO B 171 8.43 12.94 35.35
N ALA B 172 8.99 12.89 34.15
CA ALA B 172 10.36 13.35 33.93
C ALA B 172 10.29 14.81 33.53
N ASN B 173 10.74 15.68 34.43
CA ASN B 173 10.84 17.09 34.12
C ASN B 173 12.25 17.44 33.64
N PHE B 174 12.35 18.36 32.69
CA PHE B 174 13.64 18.69 32.09
C PHE B 174 13.46 19.93 31.23
N ALA B 175 14.57 20.48 30.78
CA ALA B 175 14.51 21.73 30.05
C ALA B 175 14.73 21.50 28.57
N LEU B 176 13.82 21.99 27.74
CA LEU B 176 13.94 21.85 26.31
C LEU B 176 13.75 23.20 25.63
N GLU B 177 14.85 23.75 25.13
CA GLU B 177 14.81 25.04 24.46
C GLU B 177 14.16 26.07 25.34
N ASP B 178 14.88 26.55 26.35
CA ASP B 178 14.42 27.68 27.19
C ASP B 178 13.45 27.31 28.32
N ARG B 179 12.29 26.78 27.96
CA ARG B 179 11.25 26.43 28.94
C ARG B 179 11.37 25.00 29.46
N LEU B 180 10.61 24.70 30.50
CA LEU B 180 10.63 23.38 31.11
C LEU B 180 9.51 22.50 30.54
N GLU B 181 9.79 21.22 30.42
CA GLU B 181 8.81 20.30 29.87
C GLU B 181 8.52 19.14 30.86
N SER B 182 7.25 18.75 30.97
CA SER B 182 6.84 17.62 31.81
C SER B 182 6.35 16.40 30.99
N LYS B 183 7.00 15.25 31.17
CA LYS B 183 6.75 14.09 30.31
C LYS B 183 6.32 12.85 31.09
N LEU B 184 5.19 12.26 30.69
CA LEU B 184 4.67 11.06 31.36
C LEU B 184 4.80 9.83 30.49
N ASP B 185 5.03 8.70 31.14
CA ASP B 185 5.30 7.46 30.44
C ASP B 185 4.18 6.47 30.70
N TYR B 186 3.25 6.40 29.75
CA TYR B 186 2.25 5.32 29.75
C TYR B 186 2.82 4.08 29.07
N GLN B 187 2.56 2.90 29.65
CA GLN B 187 3.22 1.65 29.23
C GLN B 187 2.30 0.48 28.96
N LEU B 188 2.17 0.12 27.68
CA LEU B 188 1.29 -0.98 27.27
C LEU B 188 2.18 -2.20 27.11
N ARG B 189 1.92 -3.24 27.91
CA ARG B 189 2.80 -4.42 27.92
C ARG B 189 2.18 -5.60 27.20
N ILE B 190 2.87 -6.11 26.19
CA ILE B 190 2.29 -7.16 25.37
C ILE B 190 3.28 -8.27 25.15
N SER B 191 2.75 -9.46 24.92
CA SER B 191 3.58 -10.63 24.59
C SER B 191 3.02 -11.25 23.30
N ARG B 192 3.92 -11.62 22.39
CA ARG B 192 3.54 -12.14 21.08
C ARG B 192 2.90 -13.52 21.17
N GLN B 193 1.91 -13.77 20.31
CA GLN B 193 1.24 -15.05 20.25
C GLN B 193 2.03 -15.99 19.33
N TYR B 194 2.92 -16.79 19.92
CA TYR B 194 3.87 -17.58 19.13
C TYR B 194 3.28 -18.77 18.37
N PHE B 195 2.13 -19.27 18.84
CA PHE B 195 1.51 -20.46 18.24
C PHE B 195 1.61 -20.60 16.72
N SER B 196 1.04 -19.65 15.98
CA SER B 196 0.96 -19.79 14.52
C SER B 196 2.32 -20.08 13.87
N TYR B 197 3.38 -19.44 14.38
CA TYR B 197 4.72 -19.61 13.84
C TYR B 197 5.16 -21.09 13.80
N ILE B 198 4.55 -21.89 14.65
CA ILE B 198 4.91 -23.30 14.73
C ILE B 198 4.52 -24.12 13.49
N PRO B 199 3.22 -24.25 13.21
CA PRO B 199 2.86 -24.97 11.97
C PRO B 199 3.15 -24.20 10.67
N ASN B 200 3.42 -22.90 10.75
CA ASN B 200 3.52 -22.08 9.53
C ASN B 200 4.94 -21.91 9.03
N ILE B 201 5.89 -21.92 9.96
CA ILE B 201 7.28 -21.57 9.67
C ILE B 201 8.26 -22.57 10.25
N ILE B 202 8.16 -22.80 11.56
CA ILE B 202 9.14 -23.63 12.27
C ILE B 202 9.14 -25.11 11.89
N LEU B 203 7.99 -25.78 12.00
CA LEU B 203 7.96 -27.20 11.65
C LEU B 203 8.27 -27.44 10.17
N PRO B 204 7.53 -26.80 9.26
CA PRO B 204 7.84 -27.01 7.84
C PRO B 204 9.34 -26.92 7.56
N MET B 205 9.97 -25.92 8.15
CA MET B 205 11.39 -25.68 7.94
C MET B 205 12.24 -26.84 8.47
N LEU B 206 11.80 -27.47 9.55
CA LEU B 206 12.45 -28.67 10.09
C LEU B 206 12.24 -29.91 9.21
N PHE B 207 10.99 -30.21 8.89
CA PHE B 207 10.64 -31.25 7.93
C PHE B 207 11.48 -31.26 6.66
N ILE B 208 11.60 -30.10 5.98
CA ILE B 208 12.42 -30.07 4.76
C ILE B 208 13.89 -30.38 5.07
N LEU B 209 14.33 -30.01 6.28
CA LEU B 209 15.69 -30.30 6.73
C LEU B 209 15.89 -31.80 6.97
N PHE B 210 14.92 -32.43 7.62
CA PHE B 210 14.95 -33.85 7.87
C PHE B 210 14.90 -34.61 6.54
N ILE B 211 13.97 -34.23 5.68
CA ILE B 211 13.91 -34.81 4.35
C ILE B 211 15.31 -34.78 3.69
N SER B 212 16.10 -33.75 3.99
CA SER B 212 17.43 -33.65 3.39
C SER B 212 18.38 -34.71 3.96
N TRP B 213 18.09 -35.18 5.17
CA TRP B 213 19.02 -36.05 5.87
C TRP B 213 18.88 -37.50 5.44
N THR B 214 17.87 -37.80 4.64
CA THR B 214 17.71 -39.14 4.12
C THR B 214 18.77 -39.45 3.07
N ALA B 215 19.55 -38.46 2.69
CA ALA B 215 20.65 -38.70 1.75
C ALA B 215 21.78 -39.49 2.42
N PHE B 216 21.72 -39.57 3.74
CA PHE B 216 22.71 -40.32 4.50
C PHE B 216 22.46 -41.83 4.43
N TRP B 217 21.23 -42.20 4.06
CA TRP B 217 20.88 -43.62 3.81
C TRP B 217 20.76 -43.86 2.30
N SER B 218 21.55 -43.13 1.52
CA SER B 218 21.57 -43.32 0.08
C SER B 218 22.99 -43.25 -0.43
N THR B 219 23.23 -43.89 -1.58
CA THR B 219 24.57 -43.95 -2.18
C THR B 219 24.56 -43.29 -3.54
N SER B 220 23.37 -42.82 -3.94
CA SER B 220 23.16 -42.18 -5.22
C SER B 220 23.43 -40.65 -5.25
N TYR B 221 24.58 -40.24 -5.77
CA TYR B 221 24.96 -38.83 -5.83
C TYR B 221 23.96 -38.03 -6.66
N GLU B 222 23.61 -38.60 -7.80
CA GLU B 222 22.62 -38.03 -8.70
C GLU B 222 21.30 -37.69 -7.96
N ALA B 223 21.04 -38.40 -6.87
CA ALA B 223 19.80 -38.20 -6.11
C ALA B 223 20.02 -37.39 -4.85
N ASN B 224 21.10 -37.65 -4.13
CA ASN B 224 21.43 -36.89 -2.95
C ASN B 224 21.54 -35.41 -3.31
N VAL B 225 22.18 -35.13 -4.43
CA VAL B 225 22.36 -33.75 -4.85
C VAL B 225 21.00 -33.11 -5.09
N THR B 226 20.06 -33.89 -5.60
CA THR B 226 18.71 -33.38 -5.82
C THR B 226 17.94 -33.17 -4.50
N LEU B 227 18.04 -34.12 -3.56
CA LEU B 227 17.44 -33.94 -2.24
C LEU B 227 17.98 -32.71 -1.54
N VAL B 228 19.30 -32.60 -1.46
CA VAL B 228 19.91 -31.58 -0.63
C VAL B 228 19.76 -30.20 -1.24
N VAL B 229 19.96 -30.09 -2.55
CA VAL B 229 19.80 -28.80 -3.20
C VAL B 229 18.34 -28.34 -3.30
N SER B 230 17.43 -29.26 -3.59
CA SER B 230 16.01 -28.89 -3.67
C SER B 230 15.46 -28.35 -2.36
N THR B 231 15.81 -28.97 -1.25
CA THR B 231 15.31 -28.53 0.05
C THR B 231 16.02 -27.24 0.49
N LEU B 232 17.29 -27.08 0.13
CA LEU B 232 18.03 -25.87 0.45
C LEU B 232 17.29 -24.69 -0.16
N ILE B 233 16.66 -24.95 -1.30
CA ILE B 233 15.92 -23.93 -2.00
C ILE B 233 14.64 -23.61 -1.22
N ALA B 234 13.85 -24.62 -0.89
CA ALA B 234 12.66 -24.46 -0.04
C ALA B 234 13.01 -23.72 1.24
N HIS B 235 14.20 -23.96 1.76
CA HIS B 235 14.62 -23.28 2.99
C HIS B 235 14.82 -21.80 2.71
N ILE B 236 15.59 -21.50 1.67
CA ILE B 236 15.74 -20.13 1.21
C ILE B 236 14.39 -19.39 1.19
N ALA B 237 13.34 -20.02 0.64
CA ALA B 237 12.00 -19.39 0.62
C ALA B 237 11.54 -19.02 2.01
N PHE B 238 11.47 -19.99 2.89
CA PHE B 238 11.11 -19.69 4.27
C PHE B 238 11.96 -18.57 4.86
N ASN B 239 13.26 -18.56 4.55
CA ASN B 239 14.13 -17.52 5.05
C ASN B 239 13.62 -16.16 4.59
N ILE B 240 13.49 -16.00 3.27
CA ILE B 240 12.96 -14.79 2.68
C ILE B 240 11.58 -14.41 3.26
N LEU B 241 10.68 -15.38 3.36
CA LEU B 241 9.36 -15.15 3.96
C LEU B 241 9.44 -14.49 5.33
N VAL B 242 10.31 -15.03 6.16
CA VAL B 242 10.48 -14.53 7.52
C VAL B 242 11.11 -13.13 7.54
N GLU B 243 12.10 -12.87 6.70
CA GLU B 243 12.79 -11.57 6.77
C GLU B 243 12.03 -10.43 6.05
N THR B 244 10.89 -10.75 5.45
CA THR B 244 9.99 -9.71 4.95
C THR B 244 8.90 -9.34 5.95
N ASN B 245 8.76 -10.15 7.01
CA ASN B 245 7.86 -9.85 8.14
C ASN B 245 8.56 -9.08 9.26
N LEU B 246 9.82 -8.71 9.05
CA LEU B 246 10.67 -8.19 10.11
C LEU B 246 11.53 -7.04 9.63
N PRO B 247 11.69 -6.04 10.51
CA PRO B 247 12.60 -4.91 10.27
C PRO B 247 14.04 -5.40 10.26
N LYS B 248 14.95 -4.65 9.68
CA LYS B 248 16.33 -5.08 9.66
C LYS B 248 17.01 -4.63 10.95
N THR B 249 17.10 -5.57 11.88
CA THR B 249 17.79 -5.36 13.15
C THR B 249 19.32 -5.47 13.01
N PRO B 250 20.05 -4.68 13.81
CA PRO B 250 21.51 -4.67 13.82
C PRO B 250 22.01 -5.70 14.84
N TYR B 251 21.07 -6.41 15.43
CA TYR B 251 21.39 -7.52 16.32
C TYR B 251 20.84 -8.78 15.69
N MET B 252 21.04 -9.91 16.38
CA MET B 252 20.62 -11.17 15.81
C MET B 252 19.35 -11.68 16.49
N THR B 253 18.33 -11.99 15.69
CA THR B 253 17.09 -12.55 16.22
C THR B 253 17.19 -14.06 16.38
N TYR B 254 16.39 -14.63 17.27
CA TYR B 254 16.41 -16.07 17.51
C TYR B 254 16.09 -16.83 16.23
N THR B 255 14.91 -16.58 15.65
CA THR B 255 14.53 -17.17 14.36
C THR B 255 15.59 -16.96 13.29
N GLY B 256 16.35 -15.89 13.43
CA GLY B 256 17.33 -15.56 12.42
C GLY B 256 18.55 -16.44 12.55
N ALA B 257 18.95 -16.67 13.79
CA ALA B 257 20.07 -17.56 14.11
C ALA B 257 19.73 -18.96 13.65
N ILE B 258 18.61 -19.48 14.13
CA ILE B 258 18.15 -20.81 13.75
C ILE B 258 18.15 -20.97 12.23
N ILE B 259 17.59 -19.98 11.54
CA ILE B 259 17.48 -20.03 10.08
C ILE B 259 18.86 -19.99 9.43
N PHE B 260 19.77 -19.23 10.02
CA PHE B 260 21.12 -19.12 9.47
C PHE B 260 21.93 -20.40 9.69
N MET B 261 21.81 -20.95 10.89
CA MET B 261 22.52 -22.15 11.27
C MET B 261 22.19 -23.25 10.27
N ILE B 262 20.89 -23.45 10.05
CA ILE B 262 20.44 -24.48 9.11
C ILE B 262 21.13 -24.40 7.76
N TYR B 263 21.51 -23.20 7.32
CA TYR B 263 22.31 -23.07 6.09
C TYR B 263 23.57 -23.89 6.22
N LEU B 264 24.24 -23.81 7.36
CA LEU B 264 25.46 -24.57 7.59
C LEU B 264 25.23 -26.09 7.47
N PHE B 265 24.20 -26.59 8.13
CA PHE B 265 23.83 -27.99 8.06
C PHE B 265 23.47 -28.46 6.63
N TYR B 266 23.31 -27.52 5.72
CA TYR B 266 23.03 -27.84 4.33
C TYR B 266 24.35 -27.92 3.60
N PHE B 267 25.23 -26.98 3.93
CA PHE B 267 26.52 -26.88 3.29
C PHE B 267 27.41 -28.04 3.72
N VAL B 268 27.35 -28.42 4.99
CA VAL B 268 28.10 -29.58 5.44
C VAL B 268 27.56 -30.84 4.77
N ALA B 269 26.24 -31.02 4.78
CA ALA B 269 25.63 -32.15 4.08
C ALA B 269 26.05 -32.24 2.61
N VAL B 270 26.02 -31.12 1.88
CA VAL B 270 26.49 -31.17 0.51
C VAL B 270 27.95 -31.63 0.45
N ILE B 271 28.76 -31.19 1.41
CA ILE B 271 30.14 -31.65 1.50
C ILE B 271 30.19 -33.17 1.66
N GLU B 272 29.61 -33.68 2.75
CA GLU B 272 29.57 -35.13 2.99
C GLU B 272 29.08 -35.92 1.77
N VAL B 273 27.95 -35.49 1.19
CA VAL B 273 27.37 -36.12 -0.01
C VAL B 273 28.38 -36.17 -1.16
N THR B 274 29.25 -35.15 -1.22
CA THR B 274 30.29 -35.05 -2.24
C THR B 274 31.49 -35.94 -1.91
N VAL B 275 31.99 -35.81 -0.68
CA VAL B 275 33.04 -36.68 -0.17
C VAL B 275 32.71 -38.15 -0.43
N GLN B 276 31.51 -38.56 -0.03
CA GLN B 276 31.05 -39.94 -0.22
C GLN B 276 31.16 -40.38 -1.68
N HIS B 277 30.67 -39.55 -2.59
CA HIS B 277 30.76 -39.86 -4.01
C HIS B 277 32.21 -39.92 -4.48
N TYR B 278 33.02 -38.95 -4.07
CA TYR B 278 34.43 -38.95 -4.43
C TYR B 278 35.12 -40.28 -4.11
N LEU B 279 34.87 -40.79 -2.91
CA LEU B 279 35.37 -42.10 -2.51
C LEU B 279 34.86 -43.21 -3.44
N LYS B 280 33.54 -43.39 -3.50
CA LYS B 280 32.92 -44.41 -4.37
C LYS B 280 33.49 -44.49 -5.79
N VAL B 281 33.82 -43.34 -6.36
CA VAL B 281 34.36 -43.31 -7.71
C VAL B 281 35.82 -43.81 -7.74
N GLU B 282 36.52 -43.62 -6.63
CA GLU B 282 37.89 -44.09 -6.48
C GLU B 282 37.90 -45.52 -5.97
N SER B 283 36.71 -46.10 -5.90
CA SER B 283 36.54 -47.43 -5.33
C SER B 283 36.99 -47.38 -3.87
N GLN B 284 36.10 -46.93 -2.99
CA GLN B 284 36.36 -46.90 -1.55
C GLN B 284 35.08 -47.01 -0.75
N PRO B 285 34.04 -47.68 -1.29
CA PRO B 285 32.74 -47.70 -0.60
C PRO B 285 32.88 -47.96 0.91
N ALA B 286 34.03 -48.49 1.32
CA ALA B 286 34.32 -48.75 2.72
C ALA B 286 34.42 -47.46 3.52
N ARG B 287 35.38 -46.60 3.16
CA ARG B 287 35.57 -45.31 3.82
C ARG B 287 34.29 -44.47 3.75
N ALA B 288 33.76 -44.34 2.55
CA ALA B 288 32.49 -43.65 2.35
C ALA B 288 31.48 -44.09 3.39
N ALA B 289 31.10 -45.37 3.35
CA ALA B 289 30.04 -45.89 4.19
C ALA B 289 30.28 -45.74 5.69
N SER B 290 31.52 -45.52 6.09
CA SER B 290 31.82 -45.35 7.50
C SER B 290 31.54 -43.89 7.88
N ILE B 291 31.85 -42.99 6.95
CA ILE B 291 31.48 -41.58 7.08
C ILE B 291 29.95 -41.40 7.06
N THR B 292 29.34 -41.82 5.94
CA THR B 292 27.89 -41.83 5.81
C THR B 292 27.21 -42.46 7.03
N ARG B 293 27.86 -43.41 7.67
CA ARG B 293 27.24 -44.10 8.80
C ARG B 293 27.24 -43.20 10.03
N ALA B 294 28.27 -42.37 10.15
CA ALA B 294 28.41 -41.43 11.26
C ALA B 294 27.45 -40.26 11.09
N SER B 295 27.45 -39.69 9.89
CA SER B 295 26.54 -38.61 9.56
C SER B 295 25.13 -38.89 10.06
N ARG B 296 24.61 -40.08 9.78
CA ARG B 296 23.27 -40.47 10.20
C ARG B 296 23.00 -40.19 11.67
N ILE B 297 24.07 -40.06 12.46
CA ILE B 297 23.92 -39.78 13.88
C ILE B 297 24.47 -38.39 14.22
N ALA B 298 25.65 -38.09 13.68
CA ALA B 298 26.31 -36.82 13.96
C ALA B 298 25.40 -35.61 13.70
N PHE B 299 24.78 -35.58 12.52
CA PHE B 299 23.88 -34.46 12.19
C PHE B 299 22.75 -34.25 13.21
N PRO B 300 21.80 -35.19 13.30
CA PRO B 300 20.70 -34.97 14.25
C PRO B 300 21.19 -34.65 15.66
N VAL B 301 22.37 -35.15 16.02
CA VAL B 301 22.86 -34.96 17.37
C VAL B 301 23.55 -33.61 17.54
N VAL B 302 24.26 -33.19 16.51
CA VAL B 302 24.90 -31.87 16.54
C VAL B 302 23.85 -30.77 16.36
N PHE B 303 22.78 -31.09 15.65
CA PHE B 303 21.67 -30.15 15.49
C PHE B 303 20.94 -29.94 16.83
N LEU B 304 20.34 -31.01 17.33
CA LEU B 304 19.64 -31.01 18.62
C LEU B 304 20.56 -30.49 19.74
N LEU B 305 21.86 -30.53 19.49
CA LEU B 305 22.84 -30.02 20.43
C LEU B 305 22.92 -28.52 20.32
N ALA B 306 23.24 -28.04 19.12
CA ALA B 306 23.37 -26.60 18.86
C ALA B 306 22.11 -25.79 19.16
N ASN B 307 20.94 -26.31 18.77
CA ASN B 307 19.68 -25.65 19.12
C ASN B 307 19.56 -25.38 20.61
N ILE B 308 19.91 -26.39 21.41
CA ILE B 308 19.93 -26.24 22.85
C ILE B 308 20.84 -25.07 23.24
N ILE B 309 22.05 -25.06 22.69
CA ILE B 309 22.98 -23.96 22.92
C ILE B 309 22.45 -22.57 22.50
N LEU B 310 21.70 -22.48 21.41
CA LEU B 310 21.12 -21.19 21.04
C LEU B 310 20.08 -20.78 22.06
N ALA B 311 19.07 -21.62 22.23
CA ALA B 311 18.01 -21.37 23.20
C ALA B 311 18.60 -20.81 24.48
N PHE B 312 19.68 -21.43 24.93
CA PHE B 312 20.39 -20.96 26.09
C PHE B 312 20.80 -19.49 25.96
N LEU B 313 21.63 -19.19 24.96
CA LEU B 313 22.13 -17.82 24.73
C LEU B 313 21.00 -16.80 24.55
N PHE B 314 19.80 -17.26 24.24
CA PHE B 314 18.71 -16.37 23.91
C PHE B 314 17.65 -16.23 25.01
N PHE B 315 17.54 -17.21 25.90
CA PHE B 315 16.50 -17.15 26.94
C PHE B 315 16.98 -17.40 28.37
N VAL C 5 -28.07 24.69 23.09
CA VAL C 5 -26.91 23.83 23.35
C VAL C 5 -26.68 23.49 24.84
N SER C 6 -27.68 22.87 25.45
CA SER C 6 -27.51 22.18 26.73
C SER C 6 -28.67 21.19 26.83
N PRO C 7 -28.44 20.05 27.48
CA PRO C 7 -29.36 18.92 27.34
C PRO C 7 -30.77 19.25 27.85
N PRO C 8 -31.81 18.70 27.21
CA PRO C 8 -33.20 18.93 27.64
C PRO C 8 -33.36 18.40 29.05
N PRO C 9 -33.80 19.26 29.98
CA PRO C 9 -33.88 18.85 31.38
C PRO C 9 -35.14 18.03 31.61
N PRO C 10 -35.09 17.15 32.62
CA PRO C 10 -36.14 16.18 32.95
C PRO C 10 -37.32 16.80 33.70
N ILE C 11 -38.53 16.61 33.17
CA ILE C 11 -39.74 16.95 33.91
C ILE C 11 -39.95 15.87 34.96
N ALA C 12 -38.99 15.79 35.88
CA ALA C 12 -38.90 14.73 36.89
C ALA C 12 -37.44 14.38 37.13
N ASP C 13 -37.10 13.14 36.82
CA ASP C 13 -35.72 12.67 36.89
C ASP C 13 -35.54 11.40 36.04
N GLU C 14 -36.31 11.31 34.96
CA GLU C 14 -36.18 10.20 34.03
C GLU C 14 -34.92 10.35 33.17
N PRO C 15 -34.35 9.23 32.73
CA PRO C 15 -33.24 9.35 31.79
C PRO C 15 -33.78 9.67 30.40
N LEU C 16 -33.03 10.44 29.62
CA LEU C 16 -33.42 10.79 28.26
C LEU C 16 -33.13 9.65 27.29
N THR C 17 -34.16 9.19 26.59
CA THR C 17 -33.99 8.09 25.68
C THR C 17 -33.75 8.57 24.24
N VAL C 18 -32.65 8.15 23.65
CA VAL C 18 -32.41 8.41 22.24
C VAL C 18 -32.68 7.16 21.41
N ASN C 19 -33.50 7.32 20.39
CA ASN C 19 -33.86 6.20 19.52
C ASN C 19 -32.95 6.17 18.31
N THR C 20 -32.26 5.05 18.13
CA THR C 20 -31.29 4.95 17.06
C THR C 20 -31.78 4.01 15.99
N GLY C 21 -31.21 4.18 14.80
CA GLY C 21 -31.45 3.31 13.67
C GLY C 21 -30.30 3.41 12.70
N ILE C 22 -29.84 2.29 12.19
CA ILE C 22 -28.79 2.28 11.17
C ILE C 22 -29.32 1.59 9.92
N TYR C 23 -29.11 2.20 8.76
CA TYR C 23 -29.52 1.60 7.49
C TYR C 23 -28.33 1.59 6.57
N LEU C 24 -27.74 0.41 6.38
CA LEU C 24 -26.53 0.25 5.57
C LEU C 24 -26.84 0.53 4.12
N ILE C 25 -25.98 1.33 3.50
CA ILE C 25 -26.09 1.63 2.09
C ILE C 25 -24.99 0.89 1.33
N GLU C 26 -23.82 0.80 1.96
CA GLU C 26 -22.72 0.02 1.41
C GLU C 26 -21.93 -0.72 2.48
N CYS C 27 -21.66 -1.99 2.26
CA CYS C 27 -20.58 -2.63 2.97
C CYS C 27 -19.54 -2.96 1.92
N TYR C 28 -18.28 -2.95 2.31
CA TYR C 28 -17.20 -3.19 1.38
C TYR C 28 -15.85 -3.29 2.11
N SER C 29 -14.87 -3.92 1.46
CA SER C 29 -13.52 -4.03 2.02
C SER C 29 -13.48 -4.78 3.36
N LEU C 30 -13.98 -6.01 3.36
CA LEU C 30 -13.78 -6.91 4.49
C LEU C 30 -12.39 -7.49 4.37
N ASP C 31 -11.47 -6.92 5.13
CA ASP C 31 -10.06 -7.25 5.10
C ASP C 31 -9.75 -8.27 6.20
N ASP C 32 -9.52 -9.52 5.82
CA ASP C 32 -9.32 -10.56 6.84
C ASP C 32 -8.09 -10.33 7.73
N LYS C 33 -6.95 -10.00 7.13
CA LYS C 33 -5.74 -9.74 7.92
C LYS C 33 -5.94 -8.66 9.00
N ALA C 34 -6.59 -7.56 8.62
CA ALA C 34 -6.81 -6.43 9.53
C ALA C 34 -8.04 -6.60 10.41
N GLU C 35 -8.94 -7.46 9.96
CA GLU C 35 -10.20 -7.69 10.66
C GLU C 35 -11.02 -6.40 10.73
N THR C 36 -11.15 -5.74 9.58
CA THR C 36 -11.95 -4.52 9.44
C THR C 36 -12.87 -4.60 8.24
N PHE C 37 -13.99 -3.88 8.31
CA PHE C 37 -14.74 -3.61 7.11
C PHE C 37 -15.09 -2.13 7.05
N LYS C 38 -15.53 -1.66 5.89
CA LYS C 38 -15.89 -0.26 5.75
C LYS C 38 -17.40 -0.21 5.54
N VAL C 39 -18.05 0.74 6.20
CA VAL C 39 -19.50 0.85 6.11
C VAL C 39 -19.86 2.25 5.59
N ASN C 40 -21.02 2.34 4.95
CA ASN C 40 -21.53 3.60 4.46
C ASN C 40 -23.05 3.57 4.66
N ALA C 41 -23.54 4.34 5.63
CA ALA C 41 -24.89 4.11 6.15
C ALA C 41 -25.63 5.38 6.59
N PHE C 42 -26.95 5.26 6.78
CA PHE C 42 -27.74 6.28 7.48
C PHE C 42 -27.70 5.99 8.95
N LEU C 43 -27.41 7.02 9.74
CA LEU C 43 -27.63 6.97 11.19
C LEU C 43 -28.83 7.84 11.47
N SER C 44 -29.81 7.29 12.20
CA SER C 44 -31.01 8.04 12.54
C SER C 44 -31.16 8.17 14.05
N LEU C 45 -31.40 9.38 14.52
CA LEU C 45 -31.60 9.63 15.95
C LEU C 45 -32.92 10.33 16.25
N SER C 46 -33.55 9.96 17.36
CA SER C 46 -34.78 10.62 17.78
C SER C 46 -34.94 10.71 19.30
N TRP C 47 -35.26 11.90 19.79
CA TRP C 47 -35.46 12.12 21.22
C TRP C 47 -36.41 13.28 21.41
N LYS C 48 -36.96 13.42 22.62
CA LYS C 48 -37.84 14.54 22.94
C LYS C 48 -37.14 15.68 23.70
N ASP C 49 -37.15 16.86 23.09
CA ASP C 49 -36.64 18.09 23.69
C ASP C 49 -37.82 19.07 23.76
N ARG C 50 -38.55 19.02 24.87
CA ARG C 50 -39.79 19.81 25.02
C ARG C 50 -39.65 21.32 24.72
N ARG C 51 -38.53 21.91 25.15
CA ARG C 51 -38.19 23.28 24.80
C ARG C 51 -38.43 23.64 23.33
N LEU C 52 -38.47 22.63 22.46
CA LEU C 52 -38.56 22.89 21.03
C LEU C 52 -39.98 22.81 20.49
N ALA C 53 -40.91 22.39 21.35
CA ALA C 53 -42.32 22.29 21.00
C ALA C 53 -42.95 23.60 20.53
N PHE C 54 -44.05 23.49 19.79
CA PHE C 54 -44.67 24.66 19.16
C PHE C 54 -46.12 24.38 18.77
N ASP C 55 -46.80 25.41 18.27
CA ASP C 55 -48.19 25.31 17.84
C ASP C 55 -48.28 25.26 16.32
N PRO C 56 -48.89 24.18 15.80
CA PRO C 56 -49.16 23.99 14.36
C PRO C 56 -50.05 25.09 13.80
N VAL C 57 -51.06 25.44 14.59
CA VAL C 57 -52.06 26.44 14.23
C VAL C 57 -51.45 27.84 14.12
N ARG C 58 -50.90 28.36 15.23
CA ARG C 58 -50.22 29.66 15.21
C ARG C 58 -49.01 29.69 14.30
N SER C 59 -48.08 28.76 14.52
CA SER C 59 -46.84 28.76 13.77
C SER C 59 -47.08 28.38 12.30
N GLY C 60 -48.17 27.65 12.05
CA GLY C 60 -48.64 27.41 10.69
C GLY C 60 -47.95 26.28 9.94
N VAL C 61 -46.90 25.74 10.54
CA VAL C 61 -46.18 24.61 9.97
C VAL C 61 -46.42 23.35 10.80
N ARG C 62 -46.48 22.21 10.12
CA ARG C 62 -46.74 20.93 10.77
C ARG C 62 -45.46 20.40 11.40
N VAL C 63 -44.35 20.99 10.98
CA VAL C 63 -43.03 20.55 11.39
C VAL C 63 -42.00 21.62 11.03
N LYS C 64 -41.03 21.82 11.92
CA LYS C 64 -40.02 22.86 11.72
C LYS C 64 -38.62 22.28 11.56
N THR C 65 -37.79 22.99 10.78
CA THR C 65 -36.42 22.60 10.50
C THR C 65 -35.39 23.35 11.37
N TYR C 66 -34.32 22.67 11.73
CA TYR C 66 -33.20 23.33 12.41
C TYR C 66 -31.86 22.88 11.83
N GLU C 67 -30.88 23.78 11.86
CA GLU C 67 -29.49 23.43 11.61
C GLU C 67 -28.86 22.83 12.90
N PRO C 68 -27.90 21.92 12.74
CA PRO C 68 -27.34 21.20 13.88
C PRO C 68 -26.83 22.11 15.01
N GLU C 69 -26.36 23.31 14.68
CA GLU C 69 -25.81 24.23 15.68
C GLU C 69 -26.91 24.86 16.50
N ALA C 70 -28.05 25.09 15.85
CA ALA C 70 -29.23 25.66 16.51
C ALA C 70 -29.66 24.88 17.76
N ILE C 71 -29.74 23.55 17.67
CA ILE C 71 -30.27 22.79 18.79
C ILE C 71 -29.25 21.86 19.44
N TRP C 72 -29.58 21.37 20.63
CA TRP C 72 -28.79 20.35 21.30
C TRP C 72 -29.04 19.01 20.66
N ILE C 73 -27.94 18.34 20.33
CA ILE C 73 -27.97 17.02 19.72
C ILE C 73 -27.07 16.12 20.55
N PRO C 74 -27.53 14.89 20.82
CA PRO C 74 -26.76 14.00 21.70
C PRO C 74 -25.47 13.55 21.04
N GLU C 75 -24.37 13.64 21.77
CA GLU C 75 -23.08 13.17 21.28
C GLU C 75 -23.01 11.64 21.23
N ILE C 76 -23.57 11.08 20.14
CA ILE C 76 -23.49 9.65 19.84
C ILE C 76 -22.19 9.30 19.11
N ARG C 77 -21.49 8.27 19.57
CA ARG C 77 -20.22 7.89 18.94
C ARG C 77 -20.13 6.37 18.71
N PHE C 78 -19.36 5.95 17.72
CA PHE C 78 -19.12 4.51 17.50
C PHE C 78 -17.97 4.03 18.37
N VAL C 79 -18.14 2.87 18.99
CA VAL C 79 -17.09 2.37 19.85
C VAL C 79 -15.93 1.77 19.08
N ASN C 80 -16.23 0.85 18.16
CA ASN C 80 -15.20 0.11 17.46
C ASN C 80 -14.92 0.60 16.05
N VAL C 81 -14.43 1.83 15.93
CA VAL C 81 -14.03 2.37 14.64
C VAL C 81 -12.58 2.82 14.74
N GLU C 82 -11.94 2.90 13.57
CA GLU C 82 -10.56 3.34 13.44
C GLU C 82 -10.44 4.82 13.78
N ASN C 83 -11.19 5.63 13.06
CA ASN C 83 -11.27 7.06 13.35
C ASN C 83 -12.71 7.50 13.50
N ALA C 84 -12.91 8.61 14.19
CA ALA C 84 -14.21 9.24 14.22
C ALA C 84 -14.77 9.23 12.80
N ARG C 85 -15.97 8.66 12.66
CA ARG C 85 -16.64 8.55 11.36
C ARG C 85 -16.80 9.90 10.67
N ASP C 86 -16.77 9.89 9.34
CA ASP C 86 -17.12 11.07 8.56
C ASP C 86 -18.62 11.13 8.46
N ALA C 87 -19.22 12.17 9.04
CA ALA C 87 -20.67 12.33 8.99
C ALA C 87 -21.06 13.59 8.23
N ASP C 88 -22.25 13.55 7.64
CA ASP C 88 -22.80 14.63 6.84
C ASP C 88 -24.27 14.69 7.24
N VAL C 89 -24.67 15.76 7.90
CA VAL C 89 -26.06 15.84 8.37
C VAL C 89 -27.02 16.07 7.22
N VAL C 90 -28.03 15.21 7.13
CA VAL C 90 -28.94 15.21 6.00
C VAL C 90 -30.24 15.96 6.32
N ASP C 91 -30.67 15.89 7.58
CA ASP C 91 -31.96 16.47 7.97
C ASP C 91 -32.23 16.50 9.50
N ILE C 92 -32.69 17.64 10.00
CA ILE C 92 -33.22 17.72 11.35
C ILE C 92 -34.64 18.29 11.34
N SER C 93 -35.59 17.50 11.83
CA SER C 93 -37.02 17.83 11.69
C SER C 93 -37.71 17.74 13.04
N VAL C 94 -38.15 18.87 13.56
CA VAL C 94 -38.83 18.89 14.85
C VAL C 94 -40.34 18.94 14.70
N SER C 95 -41.01 18.11 15.47
CA SER C 95 -42.46 18.03 15.44
C SER C 95 -43.00 18.75 16.67
N PRO C 96 -44.26 19.22 16.58
CA PRO C 96 -44.89 20.14 17.53
C PRO C 96 -44.69 19.81 19.00
N ASP C 97 -44.65 18.53 19.35
CA ASP C 97 -44.48 18.14 20.75
C ASP C 97 -43.03 18.17 21.23
N GLY C 98 -42.11 18.57 20.36
CA GLY C 98 -40.70 18.69 20.70
C GLY C 98 -39.92 17.41 20.43
N THR C 99 -40.42 16.61 19.50
CA THR C 99 -39.75 15.38 19.11
C THR C 99 -38.79 15.67 17.96
N VAL C 100 -37.53 15.30 18.14
CA VAL C 100 -36.52 15.57 17.12
C VAL C 100 -36.25 14.33 16.29
N GLN C 101 -36.14 14.52 14.97
CA GLN C 101 -35.74 13.45 14.06
C GLN C 101 -34.44 13.86 13.37
N TYR C 102 -33.34 13.28 13.83
CA TYR C 102 -32.01 13.51 13.31
C TYR C 102 -31.68 12.45 12.24
N LEU C 103 -30.98 12.87 11.19
CA LEU C 103 -30.55 11.90 10.18
C LEU C 103 -29.24 12.30 9.51
N GLU C 104 -28.19 11.54 9.78
CA GLU C 104 -26.91 11.75 9.09
C GLU C 104 -26.61 10.57 8.19
N ARG C 105 -25.78 10.83 7.19
CA ARG C 105 -25.19 9.74 6.43
C ARG C 105 -23.72 9.69 6.76
N PHE C 106 -23.23 8.55 7.23
CA PHE C 106 -21.84 8.45 7.62
C PHE C 106 -21.07 7.36 6.88
N SER C 107 -19.76 7.40 7.01
CA SER C 107 -18.92 6.29 6.58
C SER C 107 -17.84 6.08 7.61
N ALA C 108 -17.63 4.84 8.01
CA ALA C 108 -16.60 4.53 8.97
C ALA C 108 -15.90 3.25 8.58
N ARG C 109 -14.71 3.06 9.14
CA ARG C 109 -14.03 1.80 9.03
C ARG C 109 -14.12 1.13 10.40
N VAL C 110 -14.88 0.05 10.44
CA VAL C 110 -15.17 -0.67 11.67
C VAL C 110 -14.15 -1.79 11.94
N LEU C 111 -13.98 -2.11 13.21
CA LEU C 111 -12.94 -2.99 13.69
C LEU C 111 -13.58 -4.09 14.53
N SER C 112 -14.16 -5.07 13.87
CA SER C 112 -14.69 -6.24 14.55
C SER C 112 -13.85 -7.47 14.18
N PRO C 113 -13.44 -8.26 15.19
CA PRO C 113 -12.64 -9.47 14.96
C PRO C 113 -13.44 -10.61 14.36
N LEU C 114 -12.75 -11.45 13.59
CA LEU C 114 -13.34 -12.63 12.94
C LEU C 114 -12.81 -13.95 13.53
N ASP C 115 -13.61 -15.02 13.40
CA ASP C 115 -13.19 -16.36 13.81
C ASP C 115 -12.80 -17.22 12.60
N PHE C 116 -11.51 -17.53 12.48
CA PHE C 116 -11.04 -18.24 11.29
C PHE C 116 -11.02 -19.77 11.39
N ARG C 117 -11.37 -20.31 12.55
CA ARG C 117 -11.33 -21.76 12.79
C ARG C 117 -11.87 -22.63 11.66
N ARG C 118 -12.98 -22.23 11.06
CA ARG C 118 -13.56 -23.01 9.98
C ARG C 118 -13.28 -22.46 8.56
N TYR C 119 -12.24 -21.65 8.44
CA TYR C 119 -11.90 -21.03 7.17
C TYR C 119 -11.45 -22.09 6.16
N PRO C 120 -11.91 -22.00 4.90
CA PRO C 120 -12.74 -20.91 4.37
C PRO C 120 -14.24 -21.20 4.40
N PHE C 121 -14.69 -22.08 5.31
CA PHE C 121 -16.12 -22.41 5.39
C PHE C 121 -16.78 -21.73 6.60
N ASP C 122 -16.23 -20.57 6.96
CA ASP C 122 -16.62 -19.88 8.17
C ASP C 122 -17.75 -18.88 8.00
N SER C 123 -18.38 -18.56 9.11
CA SER C 123 -19.34 -17.48 9.14
C SER C 123 -18.92 -16.51 10.21
N GLN C 124 -19.29 -15.24 10.03
CA GLN C 124 -18.90 -14.21 10.99
C GLN C 124 -20.11 -13.44 11.47
N THR C 125 -19.99 -12.88 12.67
CA THR C 125 -20.92 -11.84 13.10
C THR C 125 -20.16 -10.51 13.28
N LEU C 126 -20.32 -9.62 12.31
CA LEU C 126 -19.76 -8.28 12.42
C LEU C 126 -20.53 -7.44 13.46
N HIS C 127 -19.80 -6.59 14.18
CA HIS C 127 -20.40 -5.74 15.20
C HIS C 127 -20.21 -4.24 14.93
N ILE C 128 -21.29 -3.47 14.95
CA ILE C 128 -21.14 -2.02 15.00
C ILE C 128 -21.76 -1.53 16.31
N TYR C 129 -20.93 -1.03 17.23
CA TYR C 129 -21.41 -0.58 18.55
C TYR C 129 -21.64 0.93 18.63
N LEU C 130 -22.90 1.34 18.83
CA LEU C 130 -23.22 2.74 19.13
C LEU C 130 -23.08 2.99 20.63
N ILE C 131 -22.47 4.12 20.99
CA ILE C 131 -22.40 4.47 22.41
C ILE C 131 -22.77 5.93 22.65
N VAL C 132 -23.29 6.22 23.83
CA VAL C 132 -23.49 7.61 24.23
C VAL C 132 -23.19 7.83 25.71
N ARG C 133 -22.51 8.93 25.99
CA ARG C 133 -22.06 9.22 27.35
C ARG C 133 -23.03 10.19 28.05
N SER C 134 -23.46 9.83 29.26
CA SER C 134 -24.38 10.69 30.00
C SER C 134 -23.73 12.00 30.43
N VAL C 135 -24.49 13.09 30.35
CA VAL C 135 -24.01 14.40 30.79
C VAL C 135 -24.29 14.64 32.27
N ASP C 136 -23.77 15.76 32.79
CA ASP C 136 -23.85 15.98 34.23
C ASP C 136 -25.25 16.31 34.75
N THR C 137 -26.16 16.71 33.87
CA THR C 137 -27.49 17.10 34.31
C THR C 137 -28.60 16.12 33.93
N ARG C 138 -28.23 15.03 33.27
CA ARG C 138 -29.10 13.85 33.17
C ARG C 138 -28.49 12.67 32.41
N ASN C 139 -29.10 11.51 32.58
CA ASN C 139 -28.63 10.27 32.00
C ASN C 139 -29.24 10.02 30.64
N ILE C 140 -28.39 9.73 29.66
CA ILE C 140 -28.85 9.41 28.32
C ILE C 140 -28.79 7.91 28.08
N VAL C 141 -29.83 7.38 27.46
CA VAL C 141 -29.95 5.95 27.19
C VAL C 141 -30.32 5.71 25.74
N LEU C 142 -29.69 4.72 25.12
CA LEU C 142 -29.98 4.39 23.73
C LEU C 142 -31.06 3.30 23.61
N ALA C 143 -31.79 3.35 22.50
CA ALA C 143 -32.78 2.34 22.22
C ALA C 143 -32.87 2.16 20.72
N VAL C 144 -33.41 1.03 20.29
CA VAL C 144 -33.45 0.71 18.87
C VAL C 144 -34.82 0.88 18.27
N ASP C 145 -34.97 1.81 17.34
CA ASP C 145 -36.20 1.90 16.57
C ASP C 145 -36.11 0.93 15.39
N LEU C 146 -36.61 -0.29 15.58
CA LEU C 146 -36.50 -1.33 14.54
C LEU C 146 -37.00 -0.86 13.17
N GLU C 147 -38.04 -0.04 13.17
CA GLU C 147 -38.58 0.49 11.92
C GLU C 147 -37.51 1.17 11.04
N LYS C 148 -36.41 1.60 11.67
CA LYS C 148 -35.41 2.46 11.01
C LYS C 148 -34.06 1.73 10.89
N VAL C 149 -34.12 0.42 10.99
CA VAL C 149 -32.95 -0.42 10.91
C VAL C 149 -33.05 -1.37 9.71
N GLY C 150 -32.05 -1.32 8.84
CA GLY C 150 -32.08 -2.16 7.66
C GLY C 150 -30.87 -2.00 6.76
N LYS C 151 -31.02 -2.44 5.51
CA LYS C 151 -29.94 -2.38 4.53
C LYS C 151 -30.60 -2.48 3.18
N ASN C 152 -30.06 -1.80 2.18
CA ASN C 152 -30.70 -1.90 0.87
C ASN C 152 -30.28 -3.18 0.14
N ASP C 153 -31.08 -3.57 -0.85
CA ASP C 153 -30.96 -4.87 -1.50
C ASP C 153 -29.67 -5.05 -2.29
N ASP C 154 -29.08 -3.95 -2.74
CA ASP C 154 -27.80 -3.98 -3.45
C ASP C 154 -26.62 -4.41 -2.56
N VAL C 155 -26.56 -3.84 -1.35
CA VAL C 155 -25.42 -4.04 -0.44
C VAL C 155 -24.72 -5.35 -0.71
N PHE C 156 -23.60 -5.26 -1.41
CA PHE C 156 -22.86 -6.44 -1.82
C PHE C 156 -21.46 -6.41 -1.17
N LEU C 157 -21.23 -7.34 -0.26
CA LEU C 157 -19.92 -7.44 0.36
C LEU C 157 -19.08 -8.44 -0.40
N THR C 158 -18.28 -7.94 -1.34
CA THR C 158 -17.50 -8.76 -2.27
C THR C 158 -16.82 -9.99 -1.63
N GLY C 159 -17.29 -11.18 -2.02
CA GLY C 159 -16.75 -12.42 -1.50
C GLY C 159 -17.48 -13.02 -0.30
N TRP C 160 -18.61 -12.42 0.06
CA TRP C 160 -19.37 -12.85 1.23
C TRP C 160 -20.86 -12.80 0.94
N ASP C 161 -21.60 -13.65 1.62
CA ASP C 161 -23.06 -13.58 1.54
C ASP C 161 -23.54 -12.91 2.82
N ILE C 162 -24.46 -11.97 2.65
CA ILE C 162 -25.00 -11.26 3.81
C ILE C 162 -26.31 -11.89 4.27
N GLU C 163 -26.29 -12.48 5.46
CA GLU C 163 -27.48 -13.14 6.00
C GLU C 163 -28.49 -12.19 6.64
N SER C 164 -28.02 -11.25 7.45
CA SER C 164 -28.92 -10.46 8.28
C SER C 164 -28.27 -9.22 8.88
N PHE C 165 -29.09 -8.21 9.18
CA PHE C 165 -28.63 -7.03 9.93
C PHE C 165 -29.68 -6.67 10.95
N THR C 166 -29.34 -6.85 12.22
CA THR C 166 -30.29 -6.61 13.31
C THR C 166 -29.59 -5.98 14.50
N ALA C 167 -30.35 -5.40 15.41
CA ALA C 167 -29.72 -4.83 16.60
C ALA C 167 -30.25 -5.55 17.82
N VAL C 168 -29.39 -5.72 18.81
CA VAL C 168 -29.84 -6.20 20.11
C VAL C 168 -30.55 -5.04 20.80
N VAL C 169 -31.86 -5.20 21.00
CA VAL C 169 -32.72 -4.12 21.49
C VAL C 169 -32.29 -3.56 22.84
N LYS C 170 -31.74 -4.43 23.69
CA LYS C 170 -31.38 -4.06 25.05
C LYS C 170 -29.95 -3.52 25.16
N PRO C 171 -29.83 -2.21 25.41
CA PRO C 171 -28.53 -1.53 25.57
C PRO C 171 -27.81 -2.05 26.80
N ALA C 172 -26.49 -2.10 26.72
CA ALA C 172 -25.67 -2.42 27.88
C ALA C 172 -25.30 -1.10 28.53
N ASN C 173 -25.87 -0.83 29.70
CA ASN C 173 -25.53 0.36 30.46
C ASN C 173 -24.46 -0.01 31.49
N PHE C 174 -23.53 0.91 31.72
CA PHE C 174 -22.41 0.66 32.62
C PHE C 174 -21.69 1.97 32.89
N ALA C 175 -20.80 1.96 33.87
CA ALA C 175 -20.14 3.19 34.26
C ALA C 175 -18.70 3.23 33.75
N LEU C 176 -18.36 4.29 33.02
CA LEU C 176 -17.03 4.44 32.49
C LEU C 176 -16.46 5.79 32.88
N GLU C 177 -15.51 5.78 33.80
CA GLU C 177 -14.88 7.01 34.26
C GLU C 177 -15.93 8.01 34.70
N ASP C 178 -16.52 7.79 35.88
CA ASP C 178 -17.42 8.75 36.53
C ASP C 178 -18.88 8.68 36.05
N ARG C 179 -19.08 8.96 34.75
CA ARG C 179 -20.42 8.97 34.17
C ARG C 179 -20.88 7.63 33.60
N LEU C 180 -22.16 7.55 33.27
CA LEU C 180 -22.75 6.31 32.77
C LEU C 180 -22.77 6.32 31.24
N GLU C 181 -22.59 5.16 30.65
CA GLU C 181 -22.56 5.05 29.20
C GLU C 181 -23.59 4.03 28.71
N SER C 182 -24.26 4.34 27.61
CA SER C 182 -25.23 3.43 26.99
C SER C 182 -24.74 2.89 25.63
N LYS C 183 -24.61 1.56 25.51
CA LYS C 183 -24.00 0.93 24.34
C LYS C 183 -24.95 -0.03 23.60
N LEU C 184 -25.12 0.17 22.30
CA LEU C 184 -25.98 -0.68 21.49
C LEU C 184 -25.17 -1.57 20.55
N ASP C 185 -25.66 -2.79 20.33
CA ASP C 185 -24.95 -3.78 19.54
C ASP C 185 -25.68 -4.07 18.22
N TYR C 186 -25.27 -3.38 17.15
CA TYR C 186 -25.75 -3.73 15.82
C TYR C 186 -24.93 -4.89 15.26
N GLN C 187 -25.61 -5.88 14.65
CA GLN C 187 -24.97 -7.12 14.22
C GLN C 187 -25.19 -7.48 12.77
N LEU C 188 -24.13 -7.38 11.97
CA LEU C 188 -24.15 -7.79 10.57
C LEU C 188 -23.67 -9.24 10.45
N ARG C 189 -24.54 -10.13 9.98
CA ARG C 189 -24.18 -11.56 9.92
C ARG C 189 -23.86 -12.04 8.51
N ILE C 190 -22.66 -12.58 8.35
CA ILE C 190 -22.22 -12.94 7.01
C ILE C 190 -21.62 -14.34 7.01
N SER C 191 -21.66 -14.97 5.84
CA SER C 191 -21.03 -16.26 5.65
C SER C 191 -20.14 -16.21 4.41
N ARG C 192 -18.92 -16.72 4.54
CA ARG C 192 -17.95 -16.64 3.45
C ARG C 192 -18.37 -17.46 2.21
N GLN C 193 -18.04 -16.97 1.02
CA GLN C 193 -18.33 -17.68 -0.22
C GLN C 193 -17.19 -18.64 -0.54
N TYR C 194 -17.36 -19.90 -0.16
CA TYR C 194 -16.24 -20.84 -0.19
C TYR C 194 -15.84 -21.31 -1.58
N PHE C 195 -16.78 -21.23 -2.53
CA PHE C 195 -16.57 -21.73 -3.89
C PHE C 195 -15.18 -21.55 -4.48
N SER C 196 -14.71 -20.31 -4.62
CA SER C 196 -13.44 -20.05 -5.31
C SER C 196 -12.27 -20.85 -4.71
N TYR C 197 -12.25 -21.00 -3.40
CA TYR C 197 -11.18 -21.72 -2.74
C TYR C 197 -10.97 -23.12 -3.28
N ILE C 198 -12.03 -23.67 -3.88
CA ILE C 198 -12.01 -25.02 -4.37
C ILE C 198 -11.11 -25.21 -5.59
N PRO C 199 -11.39 -24.51 -6.70
CA PRO C 199 -10.48 -24.64 -7.85
C PRO C 199 -9.16 -23.88 -7.71
N ASN C 200 -9.06 -22.98 -6.73
CA ASN C 200 -7.90 -22.09 -6.64
C ASN C 200 -6.81 -22.58 -5.70
N ILE C 201 -7.23 -23.30 -4.67
CA ILE C 201 -6.34 -23.71 -3.57
C ILE C 201 -6.48 -25.18 -3.22
N ILE C 202 -7.68 -25.62 -2.91
CA ILE C 202 -7.90 -26.98 -2.41
C ILE C 202 -7.62 -28.10 -3.43
N LEU C 203 -8.26 -28.08 -4.59
CA LEU C 203 -8.01 -29.13 -5.58
C LEU C 203 -6.55 -29.15 -6.04
N PRO C 204 -6.04 -28.01 -6.54
CA PRO C 204 -4.64 -28.02 -6.98
C PRO C 204 -3.73 -28.67 -5.95
N MET C 205 -3.97 -28.33 -4.69
CA MET C 205 -3.15 -28.82 -3.60
C MET C 205 -3.24 -30.33 -3.48
N LEU C 206 -4.43 -30.88 -3.73
CA LEU C 206 -4.66 -32.32 -3.73
C LEU C 206 -3.99 -33.02 -4.92
N PHE C 207 -4.29 -32.54 -6.13
CA PHE C 207 -3.60 -32.97 -7.35
C PHE C 207 -2.08 -33.13 -7.21
N ILE C 208 -1.39 -32.11 -6.71
CA ILE C 208 0.06 -32.22 -6.58
C ILE C 208 0.41 -33.32 -5.58
N LEU C 209 -0.49 -33.59 -4.64
CA LEU C 209 -0.28 -34.61 -3.62
C LEU C 209 -0.43 -36.00 -4.23
N PHE C 210 -1.47 -36.15 -5.04
CA PHE C 210 -1.72 -37.37 -5.75
C PHE C 210 -0.58 -37.65 -6.72
N ILE C 211 -0.21 -36.65 -7.50
CA ILE C 211 0.94 -36.77 -8.37
C ILE C 211 2.14 -37.33 -7.58
N SER C 212 2.27 -36.96 -6.31
CA SER C 212 3.39 -37.46 -5.52
C SER C 212 3.27 -38.97 -5.25
N TRP C 213 2.05 -39.48 -5.29
CA TRP C 213 1.78 -40.84 -4.83
C TRP C 213 2.07 -41.87 -5.91
N THR C 214 2.30 -41.40 -7.13
CA THR C 214 2.69 -42.29 -8.20
C THR C 214 4.10 -42.86 -8.00
N ALA C 215 4.83 -42.35 -7.01
CA ALA C 215 6.15 -42.91 -6.70
C ALA C 215 6.02 -44.29 -6.06
N PHE C 216 4.80 -44.64 -5.65
CA PHE C 216 4.54 -45.96 -5.09
C PHE C 216 4.43 -47.03 -6.18
N TRP C 217 4.23 -46.61 -7.42
CA TRP C 217 4.25 -47.50 -8.57
C TRP C 217 5.55 -47.32 -9.38
N SER C 218 6.62 -46.95 -8.69
CA SER C 218 7.91 -46.78 -9.33
C SER C 218 9.00 -47.36 -8.44
N THR C 219 10.11 -47.75 -9.06
CA THR C 219 11.22 -48.36 -8.34
C THR C 219 12.46 -47.49 -8.46
N SER C 220 12.31 -46.38 -9.18
CA SER C 220 13.40 -45.45 -9.48
C SER C 220 13.58 -44.35 -8.43
N TYR C 221 14.58 -44.49 -7.57
CA TYR C 221 14.84 -43.51 -6.51
C TYR C 221 15.16 -42.15 -7.09
N GLU C 222 15.99 -42.16 -8.11
CA GLU C 222 16.40 -40.96 -8.83
C GLU C 222 15.16 -40.17 -9.31
N ALA C 223 14.04 -40.86 -9.50
CA ALA C 223 12.81 -40.24 -9.99
C ALA C 223 11.79 -39.97 -8.90
N ASN C 224 11.62 -40.94 -8.00
CA ASN C 224 10.74 -40.74 -6.87
C ASN C 224 11.15 -39.50 -6.08
N VAL C 225 12.45 -39.35 -5.86
CA VAL C 225 12.96 -38.22 -5.09
C VAL C 225 12.60 -36.93 -5.81
N THR C 226 12.63 -36.95 -7.13
CA THR C 226 12.22 -35.79 -7.92
C THR C 226 10.71 -35.52 -7.86
N LEU C 227 9.89 -36.56 -7.95
CA LEU C 227 8.44 -36.42 -7.79
C LEU C 227 8.09 -35.83 -6.42
N VAL C 228 8.62 -36.46 -5.37
CA VAL C 228 8.17 -36.14 -4.03
C VAL C 228 8.70 -34.79 -3.57
N VAL C 229 9.95 -34.51 -3.87
CA VAL C 229 10.50 -33.22 -3.50
C VAL C 229 9.94 -32.05 -4.33
N SER C 230 9.77 -32.26 -5.63
CA SER C 230 9.24 -31.20 -6.48
C SER C 230 7.85 -30.76 -6.07
N THR C 231 7.00 -31.73 -5.76
CA THR C 231 5.64 -31.41 -5.37
C THR C 231 5.56 -30.81 -3.96
N LEU C 232 6.44 -31.26 -3.08
CA LEU C 232 6.52 -30.73 -1.71
C LEU C 232 6.78 -29.24 -1.81
N ILE C 233 7.54 -28.87 -2.83
CA ILE C 233 7.85 -27.48 -3.06
C ILE C 233 6.58 -26.72 -3.51
N ALA C 234 5.94 -27.21 -4.56
CA ALA C 234 4.66 -26.68 -5.00
C ALA C 234 3.68 -26.52 -3.83
N HIS C 235 3.75 -27.44 -2.88
CA HIS C 235 2.84 -27.41 -1.74
C HIS C 235 3.21 -26.24 -0.86
N ILE C 236 4.49 -26.16 -0.52
CA ILE C 236 5.01 -25.01 0.21
C ILE C 236 4.45 -23.70 -0.35
N ALA C 237 4.47 -23.54 -1.68
CA ALA C 237 3.92 -22.33 -2.31
C ALA C 237 2.49 -22.10 -1.89
N PHE C 238 1.63 -23.07 -2.17
CA PHE C 238 0.24 -22.93 -1.76
C PHE C 238 0.13 -22.61 -0.27
N ASN C 239 0.97 -23.22 0.55
CA ASN C 239 0.95 -22.93 1.98
C ASN C 239 1.17 -21.43 2.21
N ILE C 240 2.31 -20.94 1.72
CA ILE C 240 2.62 -19.51 1.81
C ILE C 240 1.50 -18.62 1.24
N LEU C 241 1.00 -18.95 0.06
CA LEU C 241 -0.11 -18.22 -0.54
C LEU C 241 -1.28 -18.05 0.42
N VAL C 242 -1.65 -19.14 1.08
CA VAL C 242 -2.78 -19.13 1.99
C VAL C 242 -2.49 -18.30 3.26
N GLU C 243 -1.29 -18.41 3.81
CA GLU C 243 -1.01 -17.73 5.08
C GLU C 243 -0.68 -16.26 4.92
N THR C 244 -0.66 -15.78 3.67
CA THR C 244 -0.56 -14.34 3.42
C THR C 244 -1.93 -13.71 3.21
N ASN C 245 -2.97 -14.54 3.07
CA ASN C 245 -4.35 -14.07 3.01
C ASN C 245 -5.01 -14.04 4.39
N LEU C 246 -4.24 -14.35 5.43
CA LEU C 246 -4.82 -14.63 6.74
C LEU C 246 -4.00 -14.03 7.85
N PRO C 247 -4.69 -13.51 8.87
CA PRO C 247 -4.03 -13.00 10.08
C PRO C 247 -3.42 -14.17 10.85
N LYS C 248 -2.47 -13.89 11.71
CA LYS C 248 -1.85 -14.98 12.46
C LYS C 248 -2.68 -15.28 13.72
N THR C 249 -3.51 -16.32 13.59
CA THR C 249 -4.35 -16.77 14.70
C THR C 249 -3.56 -17.64 15.69
N PRO C 250 -3.92 -17.57 16.98
CA PRO C 250 -3.29 -18.34 18.05
C PRO C 250 -4.01 -19.68 18.21
N TYR C 251 -4.95 -19.93 17.31
CA TYR C 251 -5.63 -21.19 17.26
C TYR C 251 -5.34 -21.80 15.90
N MET C 252 -5.91 -22.96 15.62
CA MET C 252 -5.62 -23.65 14.39
C MET C 252 -6.81 -23.52 13.45
N THR C 253 -6.56 -23.09 12.22
CA THR C 253 -7.61 -23.02 11.21
C THR C 253 -7.75 -24.34 10.46
N TYR C 254 -8.92 -24.57 9.90
CA TYR C 254 -9.19 -25.82 9.18
C TYR C 254 -8.20 -25.98 8.02
N THR C 255 -8.19 -25.02 7.09
CA THR C 255 -7.24 -25.03 5.97
C THR C 255 -5.80 -25.15 6.46
N GLY C 256 -5.53 -24.65 7.66
CA GLY C 256 -4.19 -24.70 8.21
C GLY C 256 -3.80 -26.10 8.63
N ALA C 257 -4.72 -26.79 9.29
CA ALA C 257 -4.56 -28.19 9.69
C ALA C 257 -4.34 -29.08 8.48
N ILE C 258 -5.28 -29.01 7.54
CA ILE C 258 -5.18 -29.77 6.30
C ILE C 258 -3.82 -29.55 5.64
N ILE C 259 -3.43 -28.28 5.52
CA ILE C 259 -2.17 -27.91 4.88
C ILE C 259 -0.98 -28.45 5.65
N PHE C 260 -1.07 -28.43 6.97
CA PHE C 260 0.02 -28.94 7.81
C PHE C 260 0.13 -30.46 7.75
N MET C 261 -1.02 -31.13 7.79
CA MET C 261 -1.07 -32.58 7.75
C MET C 261 -0.36 -33.08 6.50
N ILE C 262 -0.74 -32.50 5.37
CA ILE C 262 -0.13 -32.87 4.10
C ILE C 262 1.41 -32.85 4.15
N TYR C 263 1.99 -31.97 4.96
CA TYR C 263 3.44 -32.00 5.12
C TYR C 263 3.88 -33.38 5.61
N LEU C 264 3.15 -33.92 6.57
CA LEU C 264 3.45 -35.25 7.11
C LEU C 264 3.44 -36.33 6.04
N PHE C 265 2.36 -36.37 5.25
CA PHE C 265 2.23 -37.30 4.14
C PHE C 265 3.33 -37.17 3.09
N TYR C 266 4.08 -36.08 3.13
CA TYR C 266 5.20 -35.88 2.23
C TYR C 266 6.44 -36.47 2.89
N PHE C 267 6.56 -36.22 4.19
CA PHE C 267 7.70 -36.69 4.95
C PHE C 267 7.69 -38.21 5.07
N VAL C 268 6.51 -38.78 5.28
CA VAL C 268 6.41 -40.23 5.32
C VAL C 268 6.73 -40.83 3.96
N ALA C 269 6.13 -40.29 2.91
CA ALA C 269 6.46 -40.72 1.55
C ALA C 269 7.96 -40.66 1.26
N VAL C 270 8.63 -39.56 1.60
CA VAL C 270 10.07 -39.55 1.38
C VAL C 270 10.74 -40.67 2.17
N ILE C 271 10.24 -40.96 3.37
CA ILE C 271 10.76 -42.08 4.15
C ILE C 271 10.60 -43.39 3.37
N GLU C 272 9.36 -43.76 3.06
CA GLU C 272 9.09 -44.98 2.28
C GLU C 272 9.95 -45.09 1.02
N VAL C 273 9.95 -44.02 0.21
CA VAL C 273 10.78 -43.95 -1.00
C VAL C 273 12.25 -44.25 -0.73
N THR C 274 12.72 -43.86 0.46
CA THR C 274 14.10 -44.06 0.88
C THR C 274 14.31 -45.50 1.37
N VAL C 275 13.42 -45.95 2.25
CA VAL C 275 13.40 -47.33 2.72
C VAL C 275 13.43 -48.33 1.55
N GLN C 276 12.53 -48.14 0.60
CA GLN C 276 12.48 -48.97 -0.60
C GLN C 276 13.82 -49.04 -1.34
N HIS C 277 14.46 -47.90 -1.56
CA HIS C 277 15.76 -47.86 -2.22
C HIS C 277 16.81 -48.55 -1.38
N TYR C 278 16.82 -48.30 -0.06
CA TYR C 278 17.78 -48.95 0.82
C TYR C 278 17.75 -50.46 0.67
N LEU C 279 16.55 -51.02 0.61
CA LEU C 279 16.36 -52.46 0.40
C LEU C 279 16.94 -52.89 -0.95
N LYS C 280 16.39 -52.35 -2.04
CA LYS C 280 16.88 -52.66 -3.40
C LYS C 280 18.41 -52.66 -3.56
N VAL C 281 19.10 -51.76 -2.89
CA VAL C 281 20.56 -51.70 -2.97
C VAL C 281 21.22 -52.88 -2.23
N GLU C 282 20.54 -53.35 -1.18
CA GLU C 282 20.99 -54.49 -0.40
C GLU C 282 20.48 -55.77 -1.01
N SER C 283 19.89 -55.63 -2.20
CA SER C 283 19.24 -56.75 -2.86
C SER C 283 18.15 -57.31 -1.96
N GLN C 284 16.97 -56.69 -2.03
CA GLN C 284 15.81 -57.13 -1.26
C GLN C 284 14.51 -56.76 -1.95
N PRO C 285 14.51 -56.63 -3.29
CA PRO C 285 13.33 -56.10 -3.98
C PRO C 285 12.04 -56.74 -3.48
N ALA C 286 12.16 -57.86 -2.77
CA ALA C 286 11.02 -58.54 -2.20
C ALA C 286 10.38 -57.72 -1.07
N ARG C 287 11.17 -57.45 -0.03
CA ARG C 287 10.69 -56.65 1.10
C ARG C 287 10.19 -55.30 0.61
N ALA C 288 11.04 -54.62 -0.15
CA ALA C 288 10.70 -53.34 -0.74
C ALA C 288 9.30 -53.41 -1.32
N ALA C 289 9.14 -54.25 -2.33
CA ALA C 289 7.89 -54.30 -3.10
C ALA C 289 6.68 -54.63 -2.26
N SER C 290 6.88 -55.21 -1.08
CA SER C 290 5.74 -55.55 -0.24
C SER C 290 5.31 -54.31 0.54
N ILE C 291 6.30 -53.52 0.95
CA ILE C 291 6.05 -52.21 1.53
C ILE C 291 5.42 -51.28 0.49
N THR C 292 6.14 -51.03 -0.60
CA THR C 292 5.62 -50.25 -1.71
C THR C 292 4.19 -50.66 -2.09
N ARG C 293 3.86 -51.93 -1.93
CA ARG C 293 2.57 -52.43 -2.35
C ARG C 293 1.50 -51.96 -1.37
N ALA C 294 1.89 -51.87 -0.10
CA ALA C 294 0.97 -51.46 0.96
C ALA C 294 0.74 -49.95 0.86
N SER C 295 1.83 -49.20 0.74
CA SER C 295 1.76 -47.76 0.57
C SER C 295 0.67 -47.37 -0.43
N ARG C 296 0.65 -48.01 -1.58
CA ARG C 296 -0.33 -47.72 -2.62
C ARG C 296 -1.76 -47.69 -2.10
N ILE C 297 -1.99 -48.32 -0.96
CA ILE C 297 -3.32 -48.33 -0.36
C ILE C 297 -3.34 -47.57 0.96
N ALA C 298 -2.34 -47.81 1.79
CA ALA C 298 -2.27 -47.19 3.10
C ALA C 298 -2.38 -45.66 3.04
N PHE C 299 -1.61 -45.03 2.15
CA PHE C 299 -1.67 -43.58 2.02
C PHE C 299 -3.07 -43.05 1.70
N PRO C 300 -3.57 -43.32 0.50
CA PRO C 300 -4.92 -42.79 0.19
C PRO C 300 -5.95 -43.12 1.28
N VAL C 301 -5.77 -44.23 1.98
CA VAL C 301 -6.77 -44.64 2.95
C VAL C 301 -6.59 -43.93 4.28
N VAL C 302 -5.34 -43.73 4.69
CA VAL C 302 -5.06 -43.00 5.92
C VAL C 302 -5.31 -41.50 5.72
N PHE C 303 -5.17 -41.03 4.48
CA PHE C 303 -5.47 -39.64 4.16
C PHE C 303 -6.98 -39.40 4.25
N LEU C 304 -7.74 -40.06 3.37
CA LEU C 304 -9.20 -39.98 3.36
C LEU C 304 -9.77 -40.32 4.74
N LEU C 305 -8.98 -40.98 5.57
CA LEU C 305 -9.37 -41.30 6.93
C LEU C 305 -9.20 -40.08 7.82
N ALA C 306 -7.98 -39.58 7.89
CA ALA C 306 -7.65 -38.42 8.73
C ALA C 306 -8.42 -37.13 8.36
N ASN C 307 -8.60 -36.87 7.07
CA ASN C 307 -9.46 -35.76 6.66
C ASN C 307 -10.84 -35.83 7.29
N ILE C 308 -11.44 -37.02 7.26
CA ILE C 308 -12.72 -37.23 7.90
C ILE C 308 -12.63 -36.87 9.38
N ILE C 309 -11.62 -37.38 10.06
CA ILE C 309 -11.38 -37.01 11.45
C ILE C 309 -11.19 -35.50 11.72
N LEU C 310 -10.52 -34.78 10.82
CA LEU C 310 -10.40 -33.31 10.99
C LEU C 310 -11.76 -32.67 10.86
N ALA C 311 -12.40 -32.85 9.71
CA ALA C 311 -13.74 -32.30 9.47
C ALA C 311 -14.61 -32.47 10.71
N PHE C 312 -14.54 -33.65 11.30
CA PHE C 312 -15.28 -33.91 12.51
C PHE C 312 -14.92 -32.89 13.59
N LEU C 313 -13.65 -32.85 13.99
CA LEU C 313 -13.18 -31.94 15.04
C LEU C 313 -13.49 -30.48 14.75
N PHE C 314 -13.76 -30.16 13.48
CA PHE C 314 -13.92 -28.78 13.07
C PHE C 314 -15.35 -28.34 12.80
N PHE C 315 -16.24 -29.29 12.51
CA PHE C 315 -17.62 -28.92 12.18
C PHE C 315 -18.71 -29.68 12.97
N VAL D 5 -32.14 29.87 2.56
CA VAL D 5 -31.90 28.50 3.00
C VAL D 5 -33.16 27.79 3.52
N SER D 6 -34.17 27.68 2.66
CA SER D 6 -35.26 26.73 2.85
C SER D 6 -35.87 26.52 1.47
N PRO D 7 -36.40 25.32 1.20
CA PRO D 7 -36.73 24.94 -0.18
C PRO D 7 -37.80 25.82 -0.80
N PRO D 8 -37.67 26.10 -2.12
CA PRO D 8 -38.64 26.93 -2.83
C PRO D 8 -40.01 26.27 -2.74
N PRO D 9 -41.00 27.00 -2.21
CA PRO D 9 -42.32 26.39 -2.00
C PRO D 9 -43.09 26.36 -3.31
N PRO D 10 -44.03 25.41 -3.41
CA PRO D 10 -44.80 25.10 -4.63
C PRO D 10 -45.97 26.06 -4.85
N ILE D 11 -46.01 26.67 -6.03
CA ILE D 11 -47.19 27.43 -6.44
C ILE D 11 -48.27 26.43 -6.82
N ALA D 12 -48.68 25.64 -5.83
CA ALA D 12 -49.58 24.50 -6.02
C ALA D 12 -49.19 23.37 -5.06
N ASP D 13 -48.79 22.26 -5.65
CA ASP D 13 -48.28 21.11 -4.90
C ASP D 13 -47.47 20.17 -5.82
N GLU D 14 -46.85 20.77 -6.84
CA GLU D 14 -45.97 19.99 -7.72
C GLU D 14 -44.66 19.63 -7.03
N PRO D 15 -44.06 18.51 -7.43
CA PRO D 15 -42.73 18.23 -6.89
C PRO D 15 -41.72 19.10 -7.61
N LEU D 16 -40.66 19.51 -6.91
CA LEU D 16 -39.58 20.31 -7.49
C LEU D 16 -38.61 19.45 -8.29
N THR D 17 -38.45 19.77 -9.56
CA THR D 17 -37.58 19.00 -10.43
C THR D 17 -36.18 19.60 -10.49
N VAL D 18 -35.18 18.81 -10.13
CA VAL D 18 -33.78 19.20 -10.35
C VAL D 18 -33.21 18.50 -11.58
N ASN D 19 -32.67 19.30 -12.48
CA ASN D 19 -32.04 18.78 -13.69
C ASN D 19 -30.55 18.52 -13.48
N THR D 20 -30.14 17.27 -13.70
CA THR D 20 -28.76 16.91 -13.47
C THR D 20 -28.03 16.64 -14.78
N GLY D 21 -26.71 16.75 -14.69
CA GLY D 21 -25.83 16.46 -15.80
C GLY D 21 -24.44 16.16 -15.27
N ILE D 22 -23.85 15.08 -15.75
CA ILE D 22 -22.48 14.73 -15.39
C ILE D 22 -21.60 14.76 -16.64
N TYR D 23 -20.46 15.41 -16.55
CA TYR D 23 -19.49 15.45 -17.66
C TYR D 23 -18.13 14.99 -17.14
N LEU D 24 -17.76 13.75 -17.51
CA LEU D 24 -16.51 13.16 -17.02
C LEU D 24 -15.34 13.93 -17.59
N ILE D 25 -14.39 14.25 -16.72
CA ILE D 25 -13.12 14.85 -17.12
C ILE D 25 -12.00 13.81 -17.03
N GLU D 26 -12.07 12.96 -16.01
CA GLU D 26 -11.11 11.86 -15.87
C GLU D 26 -11.77 10.62 -15.32
N CYS D 27 -11.49 9.47 -15.94
CA CYS D 27 -11.69 8.19 -15.26
C CYS D 27 -10.30 7.62 -15.09
N TYR D 28 -10.11 6.87 -14.01
CA TYR D 28 -8.81 6.30 -13.73
C TYR D 28 -8.89 5.35 -12.54
N SER D 29 -7.92 4.45 -12.42
CA SER D 29 -7.87 3.51 -11.30
C SER D 29 -9.09 2.58 -11.23
N LEU D 30 -9.33 1.85 -12.31
CA LEU D 30 -10.29 0.76 -12.26
C LEU D 30 -9.59 -0.43 -11.63
N ASP D 31 -9.84 -0.61 -10.34
CA ASP D 31 -9.23 -1.65 -9.51
C ASP D 31 -10.12 -2.92 -9.48
N ASP D 32 -9.73 -3.96 -10.19
CA ASP D 32 -10.58 -5.16 -10.27
C ASP D 32 -10.85 -5.83 -8.92
N LYS D 33 -9.80 -6.05 -8.13
CA LYS D 33 -9.99 -6.64 -6.81
C LYS D 33 -11.02 -5.91 -5.95
N ALA D 34 -10.94 -4.58 -5.91
CA ALA D 34 -11.81 -3.77 -5.07
C ALA D 34 -13.13 -3.43 -5.76
N GLU D 35 -13.13 -3.53 -7.08
CA GLU D 35 -14.31 -3.22 -7.88
C GLU D 35 -14.69 -1.75 -7.72
N THR D 36 -13.68 -0.88 -7.87
CA THR D 36 -13.86 0.57 -7.75
C THR D 36 -13.18 1.27 -8.90
N PHE D 37 -13.70 2.44 -9.25
CA PHE D 37 -12.92 3.35 -10.09
C PHE D 37 -12.99 4.74 -9.51
N LYS D 38 -12.10 5.62 -9.95
CA LYS D 38 -12.10 6.99 -9.47
C LYS D 38 -12.57 7.89 -10.59
N VAL D 39 -13.40 8.86 -10.26
CA VAL D 39 -13.94 9.75 -11.27
C VAL D 39 -13.60 11.20 -10.94
N ASN D 40 -13.48 12.01 -11.98
CA ASN D 40 -13.23 13.42 -11.81
C ASN D 40 -14.07 14.16 -12.84
N ALA D 41 -15.12 14.85 -12.39
CA ALA D 41 -16.18 15.28 -13.30
C ALA D 41 -16.86 16.61 -12.95
N PHE D 42 -17.59 17.17 -13.92
CA PHE D 42 -18.52 18.26 -13.66
C PHE D 42 -19.87 17.69 -13.25
N LEU D 43 -20.41 18.16 -12.13
CA LEU D 43 -21.82 17.92 -11.80
C LEU D 43 -22.57 19.22 -12.08
N SER D 44 -23.67 19.12 -12.81
CA SER D 44 -24.46 20.31 -13.12
C SER D 44 -25.89 20.18 -12.60
N LEU D 45 -26.36 21.18 -11.88
CA LEU D 45 -27.73 21.15 -11.36
C LEU D 45 -28.55 22.37 -11.81
N SER D 46 -29.83 22.16 -12.08
CA SER D 46 -30.71 23.26 -12.45
C SER D 46 -32.15 23.07 -11.96
N TRP D 47 -32.68 24.09 -11.30
CA TRP D 47 -34.05 24.05 -10.77
C TRP D 47 -34.61 25.47 -10.72
N LYS D 48 -35.94 25.60 -10.58
CA LYS D 48 -36.56 26.92 -10.47
C LYS D 48 -36.91 27.29 -9.03
N ASP D 49 -36.32 28.40 -8.58
CA ASP D 49 -36.60 28.98 -7.27
C ASP D 49 -37.12 30.39 -7.52
N ARG D 50 -38.45 30.52 -7.65
CA ARG D 50 -39.09 31.79 -8.04
C ARG D 50 -38.75 33.00 -7.18
N ARG D 51 -38.59 32.78 -5.88
CA ARG D 51 -38.09 33.79 -4.96
C ARG D 51 -36.84 34.56 -5.45
N LEU D 52 -36.10 33.97 -6.38
CA LEU D 52 -34.84 34.55 -6.83
C LEU D 52 -34.98 35.37 -8.12
N ALA D 53 -36.18 35.37 -8.70
CA ALA D 53 -36.46 36.09 -9.94
C ALA D 53 -36.27 37.59 -9.78
N PHE D 54 -36.06 38.27 -10.91
CA PHE D 54 -35.74 39.69 -10.93
C PHE D 54 -35.99 40.32 -12.30
N ASP D 55 -35.83 41.64 -12.37
CA ASP D 55 -36.04 42.38 -13.60
C ASP D 55 -34.71 42.73 -14.26
N PRO D 56 -34.55 42.32 -15.53
CA PRO D 56 -33.37 42.62 -16.36
C PRO D 56 -33.21 44.11 -16.58
N VAL D 57 -34.36 44.76 -16.81
CA VAL D 57 -34.42 46.19 -17.09
C VAL D 57 -34.01 47.03 -15.87
N ARG D 58 -34.75 46.91 -14.77
CA ARG D 58 -34.42 47.60 -13.53
C ARG D 58 -33.06 47.19 -12.95
N SER D 59 -32.88 45.89 -12.75
CA SER D 59 -31.67 45.37 -12.14
C SER D 59 -30.46 45.53 -13.07
N GLY D 60 -30.71 45.56 -14.37
CA GLY D 60 -29.69 45.95 -15.34
C GLY D 60 -28.77 44.84 -15.77
N VAL D 61 -28.90 43.70 -15.12
CA VAL D 61 -28.12 42.51 -15.45
C VAL D 61 -29.02 41.42 -16.07
N ARG D 62 -28.47 40.70 -17.05
CA ARG D 62 -29.21 39.64 -17.72
C ARG D 62 -29.24 38.37 -16.86
N VAL D 63 -28.35 38.35 -15.87
CA VAL D 63 -28.14 37.19 -15.01
C VAL D 63 -27.35 37.59 -13.77
N LYS D 64 -27.74 37.04 -12.62
CA LYS D 64 -27.10 37.39 -11.36
C LYS D 64 -26.36 36.20 -10.73
N THR D 65 -25.29 36.52 -10.00
CA THR D 65 -24.45 35.52 -9.34
C THR D 65 -24.77 35.39 -7.84
N TYR D 66 -24.61 34.20 -7.30
CA TYR D 66 -24.74 33.98 -5.87
C TYR D 66 -23.67 33.02 -5.37
N GLU D 67 -23.28 33.21 -4.10
CA GLU D 67 -22.45 32.23 -3.40
C GLU D 67 -23.35 31.13 -2.81
N PRO D 68 -22.81 29.91 -2.72
CA PRO D 68 -23.62 28.75 -2.31
C PRO D 68 -24.40 28.95 -1.01
N GLU D 69 -23.85 29.75 -0.08
CA GLU D 69 -24.50 29.98 1.21
C GLU D 69 -25.69 30.90 1.07
N ALA D 70 -25.61 31.82 0.11
CA ALA D 70 -26.68 32.77 -0.16
C ALA D 70 -28.02 32.12 -0.46
N ILE D 71 -28.03 31.10 -1.29
CA ILE D 71 -29.29 30.50 -1.71
C ILE D 71 -29.46 29.06 -1.25
N TRP D 72 -30.70 28.56 -1.37
CA TRP D 72 -30.97 27.15 -1.14
C TRP D 72 -30.55 26.35 -2.34
N ILE D 73 -29.80 25.28 -2.05
CA ILE D 73 -29.31 24.36 -3.06
C ILE D 73 -29.71 22.95 -2.64
N PRO D 74 -30.19 22.14 -3.60
CA PRO D 74 -30.68 20.81 -3.24
C PRO D 74 -29.54 19.90 -2.80
N GLU D 75 -29.72 19.23 -1.66
CA GLU D 75 -28.74 18.26 -1.18
C GLU D 75 -28.71 16.97 -2.03
N ILE D 76 -28.01 17.05 -3.17
CA ILE D 76 -27.76 15.93 -4.06
C ILE D 76 -26.57 15.13 -3.56
N ARG D 77 -26.70 13.80 -3.52
CA ARG D 77 -25.61 12.97 -3.03
C ARG D 77 -25.40 11.75 -3.95
N PHE D 78 -24.18 11.19 -3.97
CA PHE D 78 -23.93 9.96 -4.73
C PHE D 78 -24.24 8.77 -3.84
N VAL D 79 -24.88 7.75 -4.42
CA VAL D 79 -25.23 6.58 -3.63
C VAL D 79 -24.05 5.66 -3.44
N ASN D 80 -23.39 5.30 -4.54
CA ASN D 80 -22.35 4.30 -4.46
C ASN D 80 -20.93 4.84 -4.49
N VAL D 81 -20.57 5.60 -3.45
CA VAL D 81 -19.22 6.10 -3.32
C VAL D 81 -18.65 5.68 -1.98
N GLU D 82 -17.32 5.69 -1.89
CA GLU D 82 -16.60 5.35 -0.68
C GLU D 82 -16.83 6.39 0.39
N ASN D 83 -16.47 7.63 0.07
CA ASN D 83 -16.72 8.76 0.95
C ASN D 83 -17.46 9.85 0.22
N ALA D 84 -18.13 10.71 0.96
CA ALA D 84 -18.72 11.90 0.37
C ALA D 84 -17.69 12.52 -0.57
N ARG D 85 -18.10 12.72 -1.82
CA ARG D 85 -17.21 13.28 -2.83
C ARG D 85 -16.60 14.61 -2.40
N ASP D 86 -15.37 14.89 -2.87
CA ASP D 86 -14.79 16.22 -2.73
C ASP D 86 -15.36 17.10 -3.83
N ALA D 87 -16.08 18.15 -3.45
CA ALA D 87 -16.65 19.05 -4.44
C ALA D 87 -16.10 20.45 -4.27
N ASP D 88 -16.04 21.18 -5.38
CA ASP D 88 -15.56 22.54 -5.43
C ASP D 88 -16.56 23.28 -6.31
N VAL D 89 -17.31 24.22 -5.73
CA VAL D 89 -18.31 24.92 -6.53
C VAL D 89 -17.67 25.88 -7.52
N VAL D 90 -18.05 25.75 -8.78
CA VAL D 90 -17.42 26.51 -9.85
C VAL D 90 -18.24 27.75 -10.23
N ASP D 91 -19.56 27.65 -10.12
CA ASP D 91 -20.46 28.71 -10.59
C ASP D 91 -21.95 28.52 -10.21
N ILE D 92 -22.56 29.58 -9.70
CA ILE D 92 -24.01 29.62 -9.54
C ILE D 92 -24.57 30.86 -10.25
N SER D 93 -25.42 30.61 -11.25
CA SER D 93 -25.93 31.67 -12.11
C SER D 93 -27.45 31.67 -12.17
N VAL D 94 -28.07 32.72 -11.63
CA VAL D 94 -29.52 32.82 -11.65
C VAL D 94 -30.04 33.69 -12.78
N SER D 95 -31.04 33.18 -13.49
CA SER D 95 -31.66 33.91 -14.58
C SER D 95 -32.96 34.51 -14.10
N PRO D 96 -33.41 35.60 -14.75
CA PRO D 96 -34.50 36.48 -14.31
C PRO D 96 -35.76 35.76 -13.81
N ASP D 97 -36.09 34.61 -14.38
CA ASP D 97 -37.32 33.91 -13.99
C ASP D 97 -37.13 33.05 -12.73
N GLY D 98 -35.94 33.10 -12.14
CA GLY D 98 -35.63 32.34 -10.94
C GLY D 98 -35.10 30.95 -11.24
N THR D 99 -34.50 30.79 -12.41
CA THR D 99 -33.89 29.52 -12.79
C THR D 99 -32.43 29.50 -12.33
N VAL D 100 -32.06 28.49 -11.56
CA VAL D 100 -30.69 28.38 -11.07
C VAL D 100 -29.87 27.41 -11.90
N GLN D 101 -28.63 27.81 -12.19
CA GLN D 101 -27.66 26.94 -12.86
C GLN D 101 -26.47 26.72 -11.92
N TYR D 102 -26.42 25.54 -11.32
CA TYR D 102 -25.36 25.15 -10.41
C TYR D 102 -24.31 24.36 -11.19
N LEU D 103 -23.05 24.52 -10.81
CA LEU D 103 -21.98 23.74 -11.42
C LEU D 103 -20.81 23.51 -10.48
N GLU D 104 -20.61 22.26 -10.08
CA GLU D 104 -19.46 21.91 -9.27
C GLU D 104 -18.55 21.00 -10.05
N ARG D 105 -17.28 20.99 -9.68
CA ARG D 105 -16.38 19.96 -10.17
C ARG D 105 -16.05 19.06 -8.99
N PHE D 106 -16.28 17.75 -9.15
CA PHE D 106 -16.05 16.84 -8.03
C PHE D 106 -15.09 15.75 -8.40
N SER D 107 -14.64 15.04 -7.37
CA SER D 107 -13.93 13.77 -7.55
C SER D 107 -14.43 12.77 -6.50
N ALA D 108 -14.75 11.56 -6.95
CA ALA D 108 -15.17 10.52 -6.02
C ALA D 108 -14.57 9.20 -6.39
N ARG D 109 -14.55 8.29 -5.42
CA ARG D 109 -14.20 6.92 -5.70
C ARG D 109 -15.47 6.08 -5.68
N VAL D 110 -15.87 5.62 -6.86
CA VAL D 110 -17.12 4.92 -7.04
C VAL D 110 -16.99 3.41 -6.86
N LEU D 111 -18.08 2.78 -6.44
CA LEU D 111 -18.10 1.41 -6.00
C LEU D 111 -19.16 0.66 -6.79
N SER D 112 -18.83 0.30 -8.02
CA SER D 112 -19.72 -0.51 -8.85
C SER D 112 -19.06 -1.87 -9.13
N PRO D 113 -19.81 -2.95 -8.94
CA PRO D 113 -19.30 -4.32 -9.09
C PRO D 113 -19.15 -4.71 -10.55
N LEU D 114 -18.19 -5.59 -10.80
CA LEU D 114 -17.90 -6.08 -12.15
C LEU D 114 -18.23 -7.57 -12.31
N ASP D 115 -18.47 -7.99 -13.56
CA ASP D 115 -18.74 -9.40 -13.87
C ASP D 115 -17.52 -10.01 -14.55
N PHE D 116 -16.86 -10.95 -13.86
CA PHE D 116 -15.61 -11.51 -14.37
C PHE D 116 -15.74 -12.78 -15.21
N ARG D 117 -16.95 -13.31 -15.34
CA ARG D 117 -17.18 -14.58 -16.05
C ARG D 117 -16.42 -14.72 -17.38
N ARG D 118 -16.34 -13.64 -18.16
CA ARG D 118 -15.66 -13.71 -19.45
C ARG D 118 -14.25 -13.09 -19.44
N TYR D 119 -13.67 -12.94 -18.26
CA TYR D 119 -12.35 -12.36 -18.11
C TYR D 119 -11.29 -13.24 -18.77
N PRO D 120 -10.35 -12.62 -19.50
CA PRO D 120 -10.20 -11.18 -19.66
C PRO D 120 -10.86 -10.64 -20.93
N PHE D 121 -11.88 -11.33 -21.44
CA PHE D 121 -12.59 -10.83 -22.63
C PHE D 121 -13.93 -10.16 -22.27
N ASP D 122 -13.98 -9.57 -21.08
CA ASP D 122 -15.24 -9.12 -20.52
C ASP D 122 -15.53 -7.66 -20.81
N SER D 123 -16.80 -7.32 -20.68
CA SER D 123 -17.21 -5.93 -20.74
C SER D 123 -17.96 -5.60 -19.45
N GLN D 124 -17.90 -4.34 -19.04
CA GLN D 124 -18.58 -3.93 -17.83
C GLN D 124 -19.51 -2.76 -18.08
N THR D 125 -20.52 -2.64 -17.23
CA THR D 125 -21.29 -1.38 -17.14
C THR D 125 -21.06 -0.75 -15.76
N LEU D 126 -20.27 0.32 -15.73
CA LEU D 126 -20.07 1.05 -14.49
C LEU D 126 -21.27 1.94 -14.17
N HIS D 127 -21.59 2.06 -12.89
CA HIS D 127 -22.75 2.84 -12.46
C HIS D 127 -22.37 4.01 -11.53
N ILE D 128 -22.81 5.22 -11.88
CA ILE D 128 -22.76 6.31 -10.92
C ILE D 128 -24.20 6.72 -10.60
N TYR D 129 -24.65 6.48 -9.36
CA TYR D 129 -26.04 6.81 -8.95
C TYR D 129 -26.15 8.14 -8.21
N LEU D 130 -26.84 9.11 -8.80
CA LEU D 130 -27.21 10.35 -8.11
C LEU D 130 -28.50 10.13 -7.32
N ILE D 131 -28.52 10.59 -6.07
CA ILE D 131 -29.76 10.55 -5.30
C ILE D 131 -30.10 11.89 -4.63
N VAL D 132 -31.38 12.15 -4.43
CA VAL D 132 -31.77 13.30 -3.62
C VAL D 132 -32.95 12.98 -2.74
N ARG D 133 -32.89 13.45 -1.49
CA ARG D 133 -33.92 13.12 -0.51
C ARG D 133 -34.92 14.25 -0.39
N SER D 134 -36.22 13.93 -0.45
CA SER D 134 -37.27 14.95 -0.36
C SER D 134 -37.34 15.56 1.03
N VAL D 135 -37.57 16.87 1.10
CA VAL D 135 -37.69 17.58 2.37
C VAL D 135 -39.13 17.61 2.86
N ASP D 136 -39.35 18.13 4.06
CA ASP D 136 -40.66 18.04 4.66
C ASP D 136 -41.72 18.93 4.02
N THR D 137 -41.31 19.92 3.26
CA THR D 137 -42.27 20.85 2.70
C THR D 137 -42.45 20.74 1.19
N ARG D 138 -41.73 19.80 0.57
CA ARG D 138 -42.04 19.35 -0.79
C ARG D 138 -41.12 18.24 -1.31
N ASN D 139 -41.58 17.59 -2.38
CA ASN D 139 -40.88 16.45 -2.97
C ASN D 139 -39.94 16.89 -4.05
N ILE D 140 -38.71 16.41 -3.95
CA ILE D 140 -37.72 16.71 -4.95
C ILE D 140 -37.51 15.50 -5.88
N VAL D 141 -37.46 15.80 -7.18
CA VAL D 141 -37.29 14.77 -8.18
C VAL D 141 -36.14 15.08 -9.13
N LEU D 142 -35.34 14.06 -9.45
CA LEU D 142 -34.22 14.26 -10.38
C LEU D 142 -34.61 14.00 -11.83
N ALA D 143 -33.96 14.71 -12.73
CA ALA D 143 -34.14 14.48 -14.16
C ALA D 143 -32.81 14.71 -14.88
N VAL D 144 -32.71 14.16 -16.09
CA VAL D 144 -31.45 14.24 -16.83
C VAL D 144 -31.51 15.27 -17.94
N ASP D 145 -30.68 16.31 -17.85
CA ASP D 145 -30.54 17.21 -18.98
C ASP D 145 -29.47 16.65 -19.91
N LEU D 146 -29.90 15.90 -20.93
CA LEU D 146 -28.96 15.21 -21.83
C LEU D 146 -27.90 16.15 -22.42
N GLU D 147 -28.30 17.40 -22.68
CA GLU D 147 -27.39 18.41 -23.22
C GLU D 147 -26.13 18.62 -22.35
N LYS D 148 -26.22 18.23 -21.09
CA LYS D 148 -25.17 18.52 -20.12
C LYS D 148 -24.48 17.23 -19.62
N VAL D 149 -24.62 16.17 -20.40
CA VAL D 149 -24.09 14.85 -20.06
C VAL D 149 -23.09 14.41 -21.11
N GLY D 150 -21.86 14.15 -20.69
CA GLY D 150 -20.84 13.72 -21.64
C GLY D 150 -19.50 13.39 -21.01
N LYS D 151 -18.47 13.36 -21.83
CA LYS D 151 -17.12 13.07 -21.37
C LYS D 151 -16.20 13.66 -22.40
N ASN D 152 -15.07 14.20 -21.98
CA ASN D 152 -14.11 14.71 -22.96
C ASN D 152 -13.33 13.61 -23.69
N ASP D 153 -12.78 13.95 -24.86
CA ASP D 153 -12.19 12.96 -25.76
C ASP D 153 -10.92 12.30 -25.22
N ASP D 154 -10.24 12.97 -24.30
CA ASP D 154 -9.04 12.42 -23.66
C ASP D 154 -9.35 11.25 -22.72
N VAL D 155 -10.40 11.40 -21.91
CA VAL D 155 -10.75 10.43 -20.86
C VAL D 155 -10.25 9.05 -21.20
N PHE D 156 -9.12 8.68 -20.61
CA PHE D 156 -8.48 7.41 -20.90
C PHE D 156 -8.47 6.54 -19.64
N LEU D 157 -9.20 5.44 -19.69
CA LEU D 157 -9.21 4.52 -18.56
C LEU D 157 -8.18 3.43 -18.80
N THR D 158 -6.98 3.62 -18.25
CA THR D 158 -5.84 2.76 -18.51
C THR D 158 -6.18 1.26 -18.51
N GLY D 159 -6.05 0.63 -19.68
CA GLY D 159 -6.34 -0.80 -19.80
C GLY D 159 -7.77 -1.16 -20.22
N TRP D 160 -8.55 -0.15 -20.58
CA TRP D 160 -9.94 -0.35 -20.95
C TRP D 160 -10.32 0.54 -22.12
N ASP D 161 -11.31 0.11 -22.89
CA ASP D 161 -11.83 0.95 -23.95
C ASP D 161 -13.15 1.46 -23.46
N ILE D 162 -13.38 2.76 -23.63
CA ILE D 162 -14.63 3.37 -23.20
C ILE D 162 -15.62 3.45 -24.35
N GLU D 163 -16.72 2.72 -24.24
CA GLU D 163 -17.74 2.69 -25.29
C GLU D 163 -18.72 3.87 -25.23
N SER D 164 -19.23 4.18 -24.04
CA SER D 164 -20.34 5.13 -23.94
C SER D 164 -20.57 5.63 -22.52
N PHE D 165 -21.17 6.83 -22.42
CA PHE D 165 -21.59 7.37 -21.12
C PHE D 165 -22.95 7.98 -21.29
N THR D 166 -23.96 7.35 -20.71
CA THR D 166 -25.34 7.83 -20.86
C THR D 166 -26.09 7.69 -19.54
N ALA D 167 -27.21 8.37 -19.41
CA ALA D 167 -27.99 8.24 -18.19
C ALA D 167 -29.34 7.66 -18.53
N VAL D 168 -29.86 6.82 -17.65
CA VAL D 168 -31.25 6.39 -17.75
C VAL D 168 -32.14 7.57 -17.35
N VAL D 169 -32.87 8.11 -18.33
CA VAL D 169 -33.65 9.34 -18.15
C VAL D 169 -34.68 9.26 -17.02
N LYS D 170 -35.24 8.07 -16.81
CA LYS D 170 -36.29 7.88 -15.82
C LYS D 170 -35.76 7.53 -14.44
N PRO D 171 -35.90 8.45 -13.48
CA PRO D 171 -35.49 8.26 -12.07
C PRO D 171 -36.29 7.19 -11.42
N ALA D 172 -35.64 6.42 -10.54
CA ALA D 172 -36.34 5.46 -9.68
C ALA D 172 -36.73 6.18 -8.41
N ASN D 173 -38.03 6.46 -8.26
CA ASN D 173 -38.52 7.07 -7.02
C ASN D 173 -38.96 5.96 -6.08
N PHE D 174 -38.75 6.16 -4.78
CA PHE D 174 -39.09 5.17 -3.78
C PHE D 174 -38.99 5.78 -2.40
N ALA D 175 -39.47 5.07 -1.39
CA ALA D 175 -39.49 5.63 -0.06
C ALA D 175 -38.43 5.00 0.79
N LEU D 176 -37.59 5.84 1.39
CA LEU D 176 -36.53 5.38 2.27
C LEU D 176 -36.56 6.07 3.63
N GLU D 177 -37.02 5.35 4.64
CA GLU D 177 -37.13 5.93 5.97
C GLU D 177 -37.96 7.21 5.95
N ASP D 178 -39.28 7.06 5.86
CA ASP D 178 -40.21 8.19 5.99
C ASP D 178 -40.38 9.02 4.72
N ARG D 179 -39.28 9.60 4.22
CA ARG D 179 -39.33 10.49 3.06
C ARG D 179 -39.07 9.77 1.73
N LEU D 180 -39.34 10.46 0.64
CA LEU D 180 -39.20 9.88 -0.68
C LEU D 180 -37.84 10.26 -1.27
N GLU D 181 -37.26 9.34 -2.03
CA GLU D 181 -35.94 9.55 -2.60
C GLU D 181 -35.96 9.39 -4.12
N SER D 182 -35.23 10.25 -4.83
CA SER D 182 -35.15 10.17 -6.29
C SER D 182 -33.73 9.79 -6.74
N LYS D 183 -33.61 8.68 -7.46
CA LYS D 183 -32.30 8.12 -7.82
C LYS D 183 -32.08 8.02 -9.34
N LEU D 184 -30.98 8.58 -9.84
CA LEU D 184 -30.65 8.51 -11.26
C LEU D 184 -29.48 7.56 -11.52
N ASP D 185 -29.55 6.88 -12.67
CA ASP D 185 -28.56 5.88 -13.02
C ASP D 185 -27.71 6.35 -14.21
N TYR D 186 -26.54 6.91 -13.92
CA TYR D 186 -25.55 7.19 -14.96
C TYR D 186 -24.71 5.92 -15.24
N GLN D 187 -24.49 5.64 -16.53
CA GLN D 187 -23.87 4.38 -16.92
C GLN D 187 -22.67 4.50 -17.85
N LEU D 188 -21.49 4.19 -17.31
CA LEU D 188 -20.25 4.19 -18.08
C LEU D 188 -19.95 2.80 -18.61
N ARG D 189 -19.95 2.64 -19.92
CA ARG D 189 -19.79 1.31 -20.53
C ARG D 189 -18.40 1.05 -21.08
N ILE D 190 -17.76 0.01 -20.57
CA ILE D 190 -16.39 -0.23 -20.95
C ILE D 190 -16.16 -1.69 -21.32
N SER D 191 -15.15 -1.92 -22.16
CA SER D 191 -14.75 -3.26 -22.54
C SER D 191 -13.24 -3.40 -22.32
N ARG D 192 -12.83 -4.49 -21.70
CA ARG D 192 -11.44 -4.70 -21.33
C ARG D 192 -10.55 -4.86 -22.56
N GLN D 193 -9.32 -4.37 -22.46
CA GLN D 193 -8.33 -4.51 -23.52
C GLN D 193 -7.59 -5.84 -23.38
N TYR D 194 -8.06 -6.86 -24.08
CA TYR D 194 -7.57 -8.22 -23.84
C TYR D 194 -6.16 -8.51 -24.35
N PHE D 195 -5.69 -7.73 -25.32
CA PHE D 195 -4.40 -7.94 -25.97
C PHE D 195 -3.26 -8.41 -25.06
N SER D 196 -2.90 -7.61 -24.06
CA SER D 196 -1.72 -7.93 -23.25
C SER D 196 -1.77 -9.35 -22.66
N TYR D 197 -2.95 -9.79 -22.26
CA TYR D 197 -3.10 -11.09 -21.62
C TYR D 197 -2.59 -12.21 -22.51
N ILE D 198 -2.56 -11.95 -23.81
CA ILE D 198 -2.12 -12.95 -24.75
C ILE D 198 -0.63 -13.32 -24.64
N PRO D 199 0.27 -12.36 -24.89
CA PRO D 199 1.69 -12.70 -24.73
C PRO D 199 2.16 -12.81 -23.27
N ASN D 200 1.35 -12.36 -22.32
CA ASN D 200 1.79 -12.27 -20.92
C ASN D 200 1.40 -13.46 -20.07
N ILE D 201 0.26 -14.06 -20.40
CA ILE D 201 -0.36 -15.10 -19.58
C ILE D 201 -0.78 -16.30 -20.41
N ILE D 202 -1.62 -16.08 -21.42
CA ILE D 202 -2.20 -17.17 -22.19
C ILE D 202 -1.19 -18.01 -22.99
N LEU D 203 -0.40 -17.39 -23.86
CA LEU D 203 0.56 -18.15 -24.66
C LEU D 203 1.61 -18.85 -23.80
N PRO D 204 2.30 -18.10 -22.94
CA PRO D 204 3.30 -18.75 -22.10
C PRO D 204 2.74 -20.00 -21.45
N MET D 205 1.52 -19.87 -20.93
CA MET D 205 0.87 -20.97 -20.23
C MET D 205 0.65 -22.16 -21.14
N LEU D 206 0.35 -21.90 -22.41
CA LEU D 206 0.21 -22.96 -23.44
C LEU D 206 1.55 -23.61 -23.79
N PHE D 207 2.54 -22.80 -24.16
CA PHE D 207 3.91 -23.26 -24.38
C PHE D 207 4.43 -24.24 -23.30
N ILE D 208 4.32 -23.88 -22.03
CA ILE D 208 4.83 -24.78 -20.99
C ILE D 208 4.04 -26.09 -21.00
N LEU D 209 2.78 -26.03 -21.44
CA LEU D 209 1.92 -27.21 -21.52
C LEU D 209 2.35 -28.12 -22.67
N PHE D 210 2.64 -27.49 -23.80
CA PHE D 210 3.13 -28.22 -24.97
C PHE D 210 4.49 -28.84 -24.65
N ILE D 211 5.41 -28.04 -24.13
CA ILE D 211 6.69 -28.57 -23.67
C ILE D 211 6.48 -29.85 -22.82
N SER D 212 5.39 -29.91 -22.04
CA SER D 212 5.14 -31.08 -21.23
C SER D 212 4.78 -32.30 -22.08
N TRP D 213 4.27 -32.05 -23.28
CA TRP D 213 3.71 -33.13 -24.08
C TRP D 213 4.77 -33.87 -24.86
N THR D 214 5.99 -33.33 -24.83
CA THR D 214 7.09 -34.01 -25.50
C THR D 214 7.50 -35.27 -24.76
N ALA D 215 6.92 -35.50 -23.58
CA ALA D 215 7.19 -36.72 -22.82
C ALA D 215 6.54 -37.92 -23.50
N PHE D 216 5.62 -37.64 -24.42
CA PHE D 216 4.94 -38.69 -25.17
C PHE D 216 5.85 -39.27 -26.27
N TRP D 217 6.90 -38.53 -26.62
CA TRP D 217 7.92 -39.01 -27.55
C TRP D 217 9.20 -39.36 -26.80
N SER D 218 9.05 -39.82 -25.56
CA SER D 218 10.19 -40.22 -24.75
C SER D 218 9.85 -41.47 -23.97
N THR D 219 10.88 -42.24 -23.62
CA THR D 219 10.71 -43.50 -22.90
C THR D 219 11.37 -43.43 -21.53
N SER D 220 12.01 -42.28 -21.27
CA SER D 220 12.77 -42.04 -20.04
C SER D 220 11.92 -41.47 -18.89
N TYR D 221 11.57 -42.32 -17.93
CA TYR D 221 10.74 -41.91 -16.78
C TYR D 221 11.45 -40.84 -15.97
N GLU D 222 12.73 -41.07 -15.73
CA GLU D 222 13.59 -40.15 -15.02
C GLU D 222 13.53 -38.74 -15.64
N ALA D 223 13.19 -38.67 -16.92
CA ALA D 223 13.14 -37.38 -17.62
C ALA D 223 11.71 -36.86 -17.79
N ASN D 224 10.79 -37.75 -18.14
CA ASN D 224 9.40 -37.38 -18.28
C ASN D 224 8.91 -36.77 -16.98
N VAL D 225 9.29 -37.39 -15.87
CA VAL D 225 8.87 -36.92 -14.56
C VAL D 225 9.38 -35.51 -14.33
N THR D 226 10.59 -35.24 -14.81
CA THR D 226 11.15 -33.90 -14.72
C THR D 226 10.45 -32.88 -15.63
N LEU D 227 10.15 -33.27 -16.87
CA LEU D 227 9.38 -32.40 -17.78
C LEU D 227 8.02 -32.06 -17.21
N VAL D 228 7.28 -33.08 -16.81
CA VAL D 228 5.89 -32.89 -16.45
C VAL D 228 5.76 -32.18 -15.11
N VAL D 229 6.58 -32.54 -14.15
CA VAL D 229 6.52 -31.88 -12.85
C VAL D 229 7.06 -30.44 -12.89
N SER D 230 8.16 -30.24 -13.60
CA SER D 230 8.73 -28.90 -13.70
C SER D 230 7.76 -27.88 -14.28
N THR D 231 7.07 -28.27 -15.35
CA THR D 231 6.16 -27.36 -16.03
C THR D 231 4.89 -27.17 -15.22
N LEU D 232 4.45 -28.21 -14.51
CA LEU D 232 3.28 -28.14 -13.63
C LEU D 232 3.52 -27.04 -12.61
N ILE D 233 4.78 -26.92 -12.21
CA ILE D 233 5.16 -25.89 -11.27
C ILE D 233 5.05 -24.50 -11.91
N ALA D 234 5.68 -24.31 -13.07
CA ALA D 234 5.56 -23.07 -13.83
C ALA D 234 4.10 -22.70 -14.02
N HIS D 235 3.24 -23.71 -14.15
CA HIS D 235 1.83 -23.45 -14.39
C HIS D 235 1.23 -22.89 -13.11
N ILE D 236 1.46 -23.59 -12.01
CA ILE D 236 1.07 -23.10 -10.70
C ILE D 236 1.39 -21.59 -10.55
N ALA D 237 2.59 -21.17 -10.93
CA ALA D 237 2.97 -19.76 -10.85
C ALA D 237 1.99 -18.92 -11.61
N PHE D 238 1.84 -19.18 -12.90
CA PHE D 238 0.87 -18.42 -13.68
C PHE D 238 -0.51 -18.41 -13.03
N ASN D 239 -0.92 -19.55 -12.49
CA ASN D 239 -2.21 -19.62 -11.80
C ASN D 239 -2.26 -18.58 -10.67
N ILE D 240 -1.35 -18.70 -9.72
CA ILE D 240 -1.23 -17.71 -8.65
C ILE D 240 -1.17 -16.26 -9.16
N LEU D 241 -0.35 -16.00 -10.17
CA LEU D 241 -0.25 -14.66 -10.76
C LEU D 241 -1.62 -14.13 -11.13
N VAL D 242 -2.40 -14.96 -11.81
CA VAL D 242 -3.70 -14.55 -12.30
C VAL D 242 -4.69 -14.32 -11.15
N GLU D 243 -4.68 -15.18 -10.15
CA GLU D 243 -5.67 -15.07 -9.08
C GLU D 243 -5.31 -14.01 -8.02
N THR D 244 -4.18 -13.34 -8.19
CA THR D 244 -3.88 -12.16 -7.37
C THR D 244 -4.27 -10.84 -8.06
N ASN D 245 -4.59 -10.92 -9.35
CA ASN D 245 -5.12 -9.78 -10.13
C ASN D 245 -6.64 -9.75 -10.12
N LEU D 246 -7.26 -10.64 -9.35
CA LEU D 246 -8.70 -10.87 -9.44
C LEU D 246 -9.34 -11.06 -8.08
N PRO D 247 -10.53 -10.48 -7.89
CA PRO D 247 -11.33 -10.71 -6.68
C PRO D 247 -11.79 -12.16 -6.62
N LYS D 248 -12.15 -12.64 -5.44
CA LYS D 248 -12.59 -14.02 -5.35
C LYS D 248 -14.07 -14.12 -5.67
N THR D 249 -14.37 -14.50 -6.91
CA THR D 249 -15.74 -14.66 -7.37
C THR D 249 -16.32 -16.00 -6.94
N PRO D 250 -17.64 -16.05 -6.71
CA PRO D 250 -18.37 -17.25 -6.30
C PRO D 250 -18.86 -18.01 -7.53
N TYR D 251 -18.47 -17.50 -8.70
CA TYR D 251 -18.75 -18.13 -9.96
C TYR D 251 -17.42 -18.47 -10.61
N MET D 252 -17.47 -19.06 -11.78
CA MET D 252 -16.24 -19.49 -12.42
C MET D 252 -15.91 -18.57 -13.57
N THR D 253 -14.68 -18.06 -13.58
CA THR D 253 -14.21 -17.20 -14.67
C THR D 253 -13.64 -18.03 -15.81
N TYR D 254 -13.64 -17.45 -17.02
CA TYR D 254 -13.14 -18.16 -18.19
C TYR D 254 -11.68 -18.57 -18.00
N THR D 255 -10.81 -17.59 -17.77
CA THR D 255 -9.40 -17.85 -17.49
C THR D 255 -9.24 -18.85 -16.34
N GLY D 256 -10.19 -18.86 -15.43
CA GLY D 256 -10.09 -19.72 -14.26
C GLY D 256 -10.35 -21.16 -14.63
N ALA D 257 -11.36 -21.37 -15.47
CA ALA D 257 -11.71 -22.68 -16.00
C ALA D 257 -10.54 -23.25 -16.80
N ILE D 258 -10.09 -22.48 -17.79
CA ILE D 258 -8.96 -22.86 -18.63
C ILE D 258 -7.77 -23.26 -17.76
N ILE D 259 -7.45 -22.41 -16.79
CA ILE D 259 -6.32 -22.66 -15.89
C ILE D 259 -6.53 -23.92 -15.06
N PHE D 260 -7.76 -24.16 -14.63
CA PHE D 260 -8.06 -25.34 -13.82
C PHE D 260 -8.03 -26.62 -14.62
N MET D 261 -8.58 -26.56 -15.84
CA MET D 261 -8.59 -27.71 -16.73
C MET D 261 -7.18 -28.20 -16.96
N ILE D 262 -6.29 -27.28 -17.31
CA ILE D 262 -4.91 -27.62 -17.57
C ILE D 262 -4.30 -28.44 -16.43
N TYR D 263 -4.73 -28.21 -15.19
CA TYR D 263 -4.27 -29.05 -14.09
C TYR D 263 -4.56 -30.50 -14.40
N LEU D 264 -5.76 -30.79 -14.89
CA LEU D 264 -6.17 -32.15 -15.23
C LEU D 264 -5.25 -32.79 -16.28
N PHE D 265 -5.01 -32.06 -17.36
CA PHE D 265 -4.10 -32.48 -18.41
C PHE D 265 -2.65 -32.71 -17.93
N TYR D 266 -2.34 -32.27 -16.72
CA TYR D 266 -1.03 -32.49 -16.12
C TYR D 266 -1.11 -33.78 -15.32
N PHE D 267 -2.21 -33.94 -14.61
CA PHE D 267 -2.43 -35.12 -13.78
C PHE D 267 -2.62 -36.37 -14.63
N VAL D 268 -3.33 -36.25 -15.74
CA VAL D 268 -3.48 -37.38 -16.64
C VAL D 268 -2.12 -37.73 -17.26
N ALA D 269 -1.41 -36.74 -17.76
CA ALA D 269 -0.05 -36.96 -18.29
C ALA D 269 0.86 -37.65 -17.27
N VAL D 270 0.88 -37.20 -16.02
CA VAL D 270 1.69 -37.90 -15.03
C VAL D 270 1.26 -39.36 -14.91
N ILE D 271 -0.04 -39.61 -14.97
CA ILE D 271 -0.56 -40.97 -14.98
C ILE D 271 0.03 -41.76 -16.15
N GLU D 272 -0.24 -41.33 -17.37
CA GLU D 272 0.29 -42.00 -18.56
C GLU D 272 1.80 -42.25 -18.48
N VAL D 273 2.57 -41.20 -18.16
CA VAL D 273 4.02 -41.31 -17.96
C VAL D 273 4.39 -42.41 -16.96
N THR D 274 3.51 -42.64 -15.97
CA THR D 274 3.72 -43.62 -14.93
C THR D 274 3.34 -45.02 -15.43
N VAL D 275 2.14 -45.11 -16.00
CA VAL D 275 1.67 -46.33 -16.65
C VAL D 275 2.72 -46.89 -17.62
N GLN D 276 3.18 -46.04 -18.54
CA GLN D 276 4.21 -46.42 -19.50
C GLN D 276 5.43 -47.02 -18.82
N HIS D 277 5.93 -46.37 -17.77
CA HIS D 277 7.10 -46.88 -17.06
C HIS D 277 6.78 -48.21 -16.38
N TYR D 278 5.61 -48.31 -15.76
CA TYR D 278 5.21 -49.56 -15.11
C TYR D 278 5.26 -50.75 -16.06
N LEU D 279 4.76 -50.55 -17.27
CA LEU D 279 4.86 -51.56 -18.32
C LEU D 279 6.33 -51.92 -18.66
N LYS D 280 7.09 -50.94 -19.13
CA LYS D 280 8.52 -51.15 -19.46
C LYS D 280 9.31 -51.92 -18.41
N VAL D 281 9.00 -51.72 -17.13
CA VAL D 281 9.73 -52.42 -16.08
C VAL D 281 9.30 -53.90 -16.01
N GLU D 282 8.06 -54.16 -16.40
CA GLU D 282 7.51 -55.51 -16.45
C GLU D 282 7.81 -56.14 -17.79
N SER D 283 8.62 -55.44 -18.58
CA SER D 283 8.91 -55.86 -19.95
C SER D 283 7.61 -55.93 -20.72
N GLN D 284 7.18 -54.78 -21.24
CA GLN D 284 5.98 -54.69 -22.06
C GLN D 284 6.06 -53.50 -23.01
N PRO D 285 7.28 -53.12 -23.44
CA PRO D 285 7.41 -51.91 -24.26
C PRO D 285 6.36 -51.83 -25.37
N ALA D 286 5.74 -52.97 -25.68
CA ALA D 286 4.70 -53.06 -26.70
C ALA D 286 3.45 -52.30 -26.28
N ARG D 287 2.84 -52.73 -25.16
CA ARG D 287 1.64 -52.08 -24.63
C ARG D 287 1.92 -50.61 -24.37
N ALA D 288 3.00 -50.35 -23.65
CA ALA D 288 3.43 -48.99 -23.37
C ALA D 288 3.35 -48.16 -24.64
N ALA D 289 4.19 -48.51 -25.62
CA ALA D 289 4.33 -47.71 -26.84
C ALA D 289 3.02 -47.50 -27.60
N SER D 290 2.03 -48.35 -27.37
CA SER D 290 0.77 -48.22 -28.09
C SER D 290 -0.08 -47.17 -27.40
N ILE D 291 0.01 -47.15 -26.07
CA ILE D 291 -0.58 -46.08 -25.26
C ILE D 291 0.11 -44.73 -25.55
N THR D 292 1.41 -44.67 -25.28
CA THR D 292 2.22 -43.51 -25.62
C THR D 292 1.95 -43.01 -27.05
N ARG D 293 1.62 -43.91 -27.95
CA ARG D 293 1.43 -43.51 -29.34
C ARG D 293 0.10 -42.80 -29.51
N ALA D 294 -0.89 -43.22 -28.71
CA ALA D 294 -2.22 -42.61 -28.73
C ALA D 294 -2.18 -41.23 -28.06
N SER D 295 -1.59 -41.19 -26.88
CA SER D 295 -1.41 -39.94 -26.15
C SER D 295 -0.98 -38.81 -27.08
N ARG D 296 0.05 -39.05 -27.89
CA ARG D 296 0.57 -38.05 -28.82
C ARG D 296 -0.51 -37.39 -29.66
N ILE D 297 -1.66 -38.03 -29.75
CA ILE D 297 -2.77 -37.47 -30.50
C ILE D 297 -3.95 -37.14 -29.59
N ALA D 298 -4.26 -38.06 -28.69
CA ALA D 298 -5.41 -37.90 -27.79
C ALA D 298 -5.35 -36.58 -27.02
N PHE D 299 -4.20 -36.27 -26.42
CA PHE D 299 -4.06 -35.03 -25.65
C PHE D 299 -4.37 -33.77 -26.49
N PRO D 300 -3.52 -33.46 -27.47
CA PRO D 300 -3.80 -32.24 -28.25
C PRO D 300 -5.22 -32.20 -28.79
N VAL D 301 -5.81 -33.36 -29.05
CA VAL D 301 -7.14 -33.37 -29.67
C VAL D 301 -8.24 -33.21 -28.63
N VAL D 302 -8.03 -33.79 -27.45
CA VAL D 302 -8.99 -33.63 -26.36
C VAL D 302 -8.87 -32.23 -25.76
N PHE D 303 -7.68 -31.64 -25.83
CA PHE D 303 -7.49 -30.28 -25.36
C PHE D 303 -8.21 -29.29 -26.28
N LEU D 304 -7.77 -29.21 -27.53
CA LEU D 304 -8.38 -28.37 -28.55
C LEU D 304 -9.89 -28.64 -28.65
N LEU D 305 -10.31 -29.79 -28.16
CA LEU D 305 -11.73 -30.16 -28.15
C LEU D 305 -12.42 -29.46 -26.99
N ALA D 306 -11.93 -29.72 -25.79
CA ALA D 306 -12.50 -29.15 -24.57
C ALA D 306 -12.46 -27.61 -24.52
N ASN D 307 -11.38 -26.99 -24.99
CA ASN D 307 -11.35 -25.53 -25.08
C ASN D 307 -12.51 -25.01 -25.90
N ILE D 308 -12.77 -25.65 -27.03
CA ILE D 308 -13.91 -25.28 -27.85
C ILE D 308 -15.19 -25.35 -27.03
N ILE D 309 -15.39 -26.46 -26.33
CA ILE D 309 -16.52 -26.61 -25.43
C ILE D 309 -16.63 -25.55 -24.33
N LEU D 310 -15.50 -25.11 -23.76
CA LEU D 310 -15.55 -24.03 -22.77
C LEU D 310 -16.00 -22.74 -23.42
N ALA D 311 -15.24 -22.28 -24.42
CA ALA D 311 -15.60 -21.06 -25.15
C ALA D 311 -17.09 -21.01 -25.41
N PHE D 312 -17.63 -22.14 -25.83
CA PHE D 312 -19.05 -22.24 -26.07
C PHE D 312 -19.84 -21.84 -24.82
N LEU D 313 -19.64 -22.59 -23.73
CA LEU D 313 -20.36 -22.33 -22.48
C LEU D 313 -20.18 -20.91 -21.97
N PHE D 314 -19.16 -20.24 -22.45
CA PHE D 314 -18.81 -18.93 -21.90
C PHE D 314 -19.15 -17.74 -22.81
N PHE D 315 -19.29 -17.96 -24.10
CA PHE D 315 -19.60 -16.87 -25.03
C PHE D 315 -20.78 -17.09 -25.99
N VAL E 5 -15.00 40.98 -5.03
CA VAL E 5 -15.35 39.63 -5.49
C VAL E 5 -16.39 39.58 -6.62
N SER E 6 -16.06 40.22 -7.73
CA SER E 6 -16.74 40.00 -9.00
C SER E 6 -15.78 40.46 -10.08
N PRO E 7 -15.81 39.82 -11.25
CA PRO E 7 -14.72 40.00 -12.23
C PRO E 7 -14.57 41.43 -12.70
N PRO E 8 -13.33 41.88 -12.95
CA PRO E 8 -13.07 43.23 -13.46
C PRO E 8 -13.76 43.40 -14.80
N PRO E 9 -14.64 44.41 -14.90
CA PRO E 9 -15.44 44.57 -16.12
C PRO E 9 -14.62 45.25 -17.21
N PRO E 10 -14.95 44.97 -18.47
CA PRO E 10 -14.22 45.41 -19.66
C PRO E 10 -14.47 46.86 -20.04
N ILE E 11 -13.41 47.65 -20.15
CA ILE E 11 -13.52 48.99 -20.71
C ILE E 11 -13.67 48.83 -22.23
N ALA E 12 -14.77 48.19 -22.62
CA ALA E 12 -15.04 47.79 -24.00
C ALA E 12 -15.78 46.45 -24.01
N ASP E 13 -15.12 45.45 -24.59
CA ASP E 13 -15.62 44.08 -24.58
C ASP E 13 -14.49 43.09 -24.88
N GLU E 14 -13.28 43.45 -24.47
CA GLU E 14 -12.12 42.58 -24.62
C GLU E 14 -12.18 41.43 -23.61
N PRO E 15 -11.62 40.27 -23.98
CA PRO E 15 -11.52 39.22 -22.96
C PRO E 15 -10.41 39.58 -21.97
N LEU E 16 -10.58 39.18 -20.71
CA LEU E 16 -9.56 39.37 -19.68
C LEU E 16 -8.44 38.32 -19.80
N THR E 17 -7.20 38.80 -19.97
CA THR E 17 -6.08 37.89 -20.11
C THR E 17 -5.39 37.63 -18.76
N VAL E 18 -5.30 36.36 -18.38
CA VAL E 18 -4.50 36.00 -17.21
C VAL E 18 -3.17 35.40 -17.65
N ASN E 19 -2.08 35.93 -17.09
CA ASN E 19 -0.73 35.46 -17.43
C ASN E 19 -0.25 34.43 -16.43
N THR E 20 0.08 33.25 -16.93
CA THR E 20 0.42 32.15 -16.06
C THR E 20 1.89 31.81 -16.14
N GLY E 21 2.38 31.18 -15.09
CA GLY E 21 3.75 30.71 -15.03
C GLY E 21 3.85 29.59 -14.00
N ILE E 22 4.51 28.51 -14.36
CA ILE E 22 4.76 27.42 -13.43
C ILE E 22 6.27 27.22 -13.26
N TYR E 23 6.71 27.09 -12.01
CA TYR E 23 8.14 26.88 -11.73
C TYR E 23 8.23 25.68 -10.82
N LEU E 24 8.67 24.56 -11.38
CA LEU E 24 8.75 23.31 -10.65
C LEU E 24 9.81 23.41 -9.58
N ILE E 25 9.47 22.97 -8.38
CA ILE E 25 10.41 22.90 -7.27
C ILE E 25 10.78 21.45 -7.03
N GLU E 26 9.79 20.56 -7.16
CA GLU E 26 10.02 19.12 -7.06
C GLU E 26 9.20 18.32 -8.06
N CYS E 27 9.83 17.37 -8.72
CA CYS E 27 9.07 16.31 -9.36
C CYS E 27 9.49 15.08 -8.61
N TYR E 28 8.58 14.13 -8.49
CA TYR E 28 8.86 12.89 -7.78
C TYR E 28 7.72 11.89 -7.94
N SER E 29 8.02 10.62 -7.72
CA SER E 29 7.01 9.56 -7.82
C SER E 29 6.37 9.43 -9.22
N LEU E 30 7.21 9.24 -10.23
CA LEU E 30 6.71 8.83 -11.54
C LEU E 30 6.38 7.34 -11.47
N ASP E 31 5.11 7.06 -11.29
CA ASP E 31 4.59 5.69 -11.14
C ASP E 31 4.15 5.12 -12.49
N ASP E 32 4.91 4.20 -13.07
CA ASP E 32 4.58 3.72 -14.41
C ASP E 32 3.22 3.03 -14.49
N LYS E 33 2.94 2.11 -13.57
CA LYS E 33 1.63 1.41 -13.57
C LYS E 33 0.44 2.36 -13.56
N ALA E 34 0.50 3.39 -12.71
CA ALA E 34 -0.60 4.35 -12.54
C ALA E 34 -0.55 5.47 -13.56
N GLU E 35 0.62 5.68 -14.15
CA GLU E 35 0.83 6.77 -15.09
C GLU E 35 0.55 8.14 -14.44
N THR E 36 1.15 8.34 -13.27
CA THR E 36 1.05 9.60 -12.55
C THR E 36 2.42 10.05 -12.06
N PHE E 37 2.57 11.35 -11.90
CA PHE E 37 3.70 11.87 -11.14
C PHE E 37 3.21 12.93 -10.15
N LYS E 38 4.03 13.26 -9.16
CA LYS E 38 3.65 14.27 -8.19
C LYS E 38 4.52 15.49 -8.40
N VAL E 39 3.90 16.66 -8.33
CA VAL E 39 4.62 17.90 -8.60
C VAL E 39 4.49 18.82 -7.39
N ASN E 40 5.48 19.67 -7.22
CA ASN E 40 5.48 20.64 -6.15
C ASN E 40 6.10 21.92 -6.73
N ALA E 41 5.27 22.94 -6.94
CA ALA E 41 5.65 24.05 -7.80
C ALA E 41 5.09 25.42 -7.40
N PHE E 42 5.67 26.50 -7.97
CA PHE E 42 5.05 27.82 -7.92
C PHE E 42 4.09 27.97 -9.07
N LEU E 43 2.87 28.42 -8.76
CA LEU E 43 1.95 28.90 -9.79
C LEU E 43 1.91 30.40 -9.69
N SER E 44 2.09 31.08 -10.83
CA SER E 44 2.08 32.53 -10.82
C SER E 44 1.01 33.06 -11.77
N LEU E 45 0.18 33.98 -11.26
CA LEU E 45 -0.88 34.58 -12.06
C LEU E 45 -0.76 36.09 -12.12
N SER E 46 -1.11 36.67 -13.28
CA SER E 46 -1.12 38.12 -13.42
C SER E 46 -2.19 38.63 -14.39
N TRP E 47 -2.96 39.61 -13.94
CA TRP E 47 -4.01 40.20 -14.76
C TRP E 47 -4.26 41.65 -14.32
N LYS E 48 -4.95 42.42 -15.16
CA LYS E 48 -5.29 43.80 -14.81
C LYS E 48 -6.73 43.97 -14.30
N ASP E 49 -6.83 44.46 -13.07
CA ASP E 49 -8.10 44.79 -12.45
C ASP E 49 -8.04 46.27 -12.13
N ARG E 50 -8.49 47.11 -13.06
CA ARG E 50 -8.37 48.57 -12.93
C ARG E 50 -8.95 49.18 -11.65
N ARG E 51 -10.06 48.62 -11.18
CA ARG E 51 -10.64 48.99 -9.90
C ARG E 51 -9.63 49.07 -8.75
N LEU E 52 -8.49 48.41 -8.91
CA LEU E 52 -7.51 48.30 -7.82
C LEU E 52 -6.39 49.33 -7.93
N ALA E 53 -6.36 50.07 -9.04
CA ALA E 53 -5.36 51.12 -9.26
C ALA E 53 -5.35 52.20 -8.20
N PHE E 54 -4.21 52.90 -8.09
CA PHE E 54 -4.01 53.88 -7.04
C PHE E 54 -2.88 54.85 -7.37
N ASP E 55 -2.68 55.82 -6.50
CA ASP E 55 -1.65 56.83 -6.68
C ASP E 55 -0.46 56.53 -5.76
N PRO E 56 0.73 56.40 -6.35
CA PRO E 56 2.01 56.21 -5.63
C PRO E 56 2.33 57.41 -4.74
N VAL E 57 2.07 58.59 -5.28
CA VAL E 57 2.35 59.84 -4.61
C VAL E 57 1.46 60.03 -3.38
N ARG E 58 0.15 60.10 -3.58
CA ARG E 58 -0.80 60.20 -2.46
C ARG E 58 -0.73 59.01 -1.51
N SER E 59 -0.91 57.81 -2.05
CA SER E 59 -0.96 56.60 -1.23
C SER E 59 0.40 56.28 -0.62
N GLY E 60 1.47 56.77 -1.25
CA GLY E 60 2.80 56.75 -0.66
C GLY E 60 3.56 55.45 -0.82
N VAL E 61 2.86 54.42 -1.30
CA VAL E 61 3.45 53.11 -1.54
C VAL E 61 3.59 52.83 -3.05
N ARG E 62 4.66 52.15 -3.43
CA ARG E 62 4.92 51.85 -4.84
C ARG E 62 4.11 50.64 -5.26
N VAL E 63 3.59 49.93 -4.26
CA VAL E 63 2.84 48.70 -4.48
C VAL E 63 2.09 48.32 -3.22
N LYS E 64 0.87 47.79 -3.38
CA LYS E 64 0.02 47.47 -2.24
C LYS E 64 -0.25 45.97 -2.15
N THR E 65 -0.44 45.49 -0.91
CA THR E 65 -0.72 44.08 -0.64
C THR E 65 -2.20 43.82 -0.37
N TYR E 66 -2.68 42.64 -0.78
CA TYR E 66 -4.04 42.21 -0.46
C TYR E 66 -4.07 40.75 -0.04
N GLU E 67 -5.01 40.41 0.84
CA GLU E 67 -5.32 39.02 1.13
C GLU E 67 -6.29 38.46 0.07
N PRO E 68 -6.18 37.16 -0.22
CA PRO E 68 -6.96 36.57 -1.33
C PRO E 68 -8.48 36.86 -1.26
N GLU E 69 -9.03 37.01 -0.07
CA GLU E 69 -10.48 37.26 0.09
C GLU E 69 -10.82 38.70 -0.30
N ALA E 70 -9.90 39.61 -0.05
CA ALA E 70 -10.08 41.02 -0.39
C ALA E 70 -10.42 41.26 -1.85
N ILE E 71 -9.70 40.61 -2.76
CA ILE E 71 -9.89 40.88 -4.18
C ILE E 71 -10.42 39.70 -4.98
N TRP E 72 -10.88 39.97 -6.19
CA TRP E 72 -11.27 38.93 -7.14
C TRP E 72 -10.02 38.32 -7.72
N ILE E 73 -10.00 36.98 -7.70
CA ILE E 73 -8.92 36.20 -8.26
C ILE E 73 -9.52 35.17 -9.20
N PRO E 74 -8.92 34.98 -10.38
CA PRO E 74 -9.51 34.08 -11.36
C PRO E 74 -9.43 32.62 -10.91
N GLU E 75 -10.55 31.92 -11.00
CA GLU E 75 -10.59 30.49 -10.65
C GLU E 75 -9.87 29.62 -11.68
N ILE E 76 -8.54 29.55 -11.54
CA ILE E 76 -7.67 28.71 -12.36
C ILE E 76 -7.63 27.30 -11.78
N ARG E 77 -7.78 26.30 -12.63
CA ARG E 77 -7.79 24.92 -12.15
C ARG E 77 -6.93 24.01 -13.04
N PHE E 78 -6.40 22.91 -12.48
CA PHE E 78 -5.65 21.94 -13.29
C PHE E 78 -6.62 20.95 -13.87
N VAL E 79 -6.46 20.62 -15.15
CA VAL E 79 -7.36 19.65 -15.77
C VAL E 79 -7.04 18.21 -15.38
N ASN E 80 -5.79 17.80 -15.55
CA ASN E 80 -5.42 16.40 -15.33
C ASN E 80 -4.78 16.10 -13.98
N VAL E 81 -5.51 16.33 -12.90
CA VAL E 81 -5.03 15.98 -11.58
C VAL E 81 -6.00 15.02 -10.92
N GLU E 82 -5.49 14.28 -9.94
CA GLU E 82 -6.29 13.35 -9.15
C GLU E 82 -7.31 14.10 -8.30
N ASN E 83 -6.82 14.99 -7.45
CA ASN E 83 -7.67 15.85 -6.65
C ASN E 83 -7.28 17.31 -6.82
N ALA E 84 -8.22 18.20 -6.53
CA ALA E 84 -7.90 19.60 -6.49
C ALA E 84 -6.59 19.76 -5.74
N ARG E 85 -5.63 20.43 -6.37
CA ARG E 85 -4.31 20.65 -5.77
C ARG E 85 -4.37 21.32 -4.40
N ASP E 86 -3.40 21.00 -3.55
CA ASP E 86 -3.22 21.73 -2.29
C ASP E 86 -2.44 22.99 -2.60
N ALA E 87 -3.06 24.14 -2.38
CA ALA E 87 -2.40 25.42 -2.62
C ALA E 87 -2.23 26.23 -1.33
N ASP E 88 -1.20 27.05 -1.32
CA ASP E 88 -0.88 27.89 -0.19
C ASP E 88 -0.49 29.23 -0.79
N VAL E 89 -1.29 30.27 -0.59
CA VAL E 89 -0.99 31.54 -1.23
C VAL E 89 0.21 32.20 -0.58
N VAL E 90 1.16 32.60 -1.43
CA VAL E 90 2.44 33.10 -0.95
C VAL E 90 2.50 34.62 -0.97
N ASP E 91 1.81 35.23 -1.95
CA ASP E 91 1.88 36.68 -2.15
C ASP E 91 0.88 37.25 -3.17
N ILE E 92 0.19 38.33 -2.80
CA ILE E 92 -0.58 39.10 -3.79
C ILE E 92 -0.14 40.55 -3.76
N SER E 93 0.37 41.05 -4.88
CA SER E 93 0.97 42.37 -4.96
C SER E 93 0.36 43.19 -6.09
N VAL E 94 -0.36 44.24 -5.73
CA VAL E 94 -0.97 45.11 -6.74
C VAL E 94 -0.11 46.34 -7.04
N SER E 95 0.04 46.64 -8.31
CA SER E 95 0.80 47.80 -8.74
C SER E 95 -0.18 48.89 -9.17
N PRO E 96 0.27 50.15 -9.12
CA PRO E 96 -0.56 51.35 -9.26
C PRO E 96 -1.57 51.34 -10.39
N ASP E 97 -1.24 50.71 -11.51
CA ASP E 97 -2.16 50.69 -12.65
C ASP E 97 -3.24 49.59 -12.55
N GLY E 98 -3.24 48.86 -11.43
CA GLY E 98 -4.23 47.83 -11.18
C GLY E 98 -3.80 46.47 -11.70
N THR E 99 -2.50 46.27 -11.82
CA THR E 99 -1.95 44.99 -12.25
C THR E 99 -1.72 44.10 -11.04
N VAL E 100 -2.31 42.90 -11.06
CA VAL E 100 -2.17 41.98 -9.94
C VAL E 100 -1.08 40.94 -10.22
N GLN E 101 -0.26 40.67 -9.20
CA GLN E 101 0.71 39.58 -9.25
C GLN E 101 0.39 38.56 -8.17
N TYR E 102 -0.18 37.44 -8.59
CA TYR E 102 -0.57 36.36 -7.71
C TYR E 102 0.56 35.32 -7.68
N LEU E 103 0.77 34.70 -6.53
CA LEU E 103 1.76 33.63 -6.42
C LEU E 103 1.43 32.61 -5.35
N GLU E 104 1.10 31.40 -5.79
CA GLU E 104 0.85 30.31 -4.85
C GLU E 104 1.91 29.25 -5.02
N ARG E 105 2.13 28.48 -3.96
CA ARG E 105 2.91 27.27 -4.07
C ARG E 105 1.97 26.08 -3.92
N PHE E 106 1.94 25.21 -4.90
CA PHE E 106 1.02 24.08 -4.85
C PHE E 106 1.71 22.74 -4.96
N SER E 107 0.96 21.69 -4.63
CA SER E 107 1.38 20.33 -4.91
C SER E 107 0.20 19.55 -5.43
N ALA E 108 0.41 18.82 -6.52
CA ALA E 108 -0.66 18.01 -7.08
C ALA E 108 -0.11 16.69 -7.55
N ARG E 109 -1.00 15.72 -7.68
CA ARG E 109 -0.65 14.48 -8.34
C ARG E 109 -1.27 14.52 -9.74
N VAL E 110 -0.41 14.55 -10.73
CA VAL E 110 -0.81 14.70 -12.12
C VAL E 110 -0.98 13.35 -12.83
N LEU E 111 -1.83 13.35 -13.85
CA LEU E 111 -2.28 12.13 -14.49
C LEU E 111 -2.07 12.27 -15.99
N SER E 112 -0.83 12.07 -16.41
CA SER E 112 -0.51 12.07 -17.82
C SER E 112 -0.05 10.67 -18.23
N PRO E 113 -0.59 10.15 -19.34
CA PRO E 113 -0.26 8.81 -19.82
C PRO E 113 1.12 8.72 -20.45
N LEU E 114 1.73 7.54 -20.39
CA LEU E 114 3.05 7.28 -20.94
C LEU E 114 3.02 6.28 -22.10
N ASP E 115 4.00 6.36 -23.00
CA ASP E 115 4.12 5.43 -24.11
C ASP E 115 5.23 4.41 -23.85
N PHE E 116 4.85 3.14 -23.67
CA PHE E 116 5.83 2.15 -23.26
C PHE E 116 6.48 1.37 -24.40
N ARG E 117 6.03 1.59 -25.62
CA ARG E 117 6.53 0.87 -26.80
C ARG E 117 8.04 0.63 -26.80
N ARG E 118 8.83 1.63 -26.41
CA ARG E 118 10.29 1.49 -26.45
C ARG E 118 10.92 1.22 -25.09
N TYR E 119 10.11 0.74 -24.16
CA TYR E 119 10.58 0.52 -22.80
C TYR E 119 11.62 -0.61 -22.77
N PRO E 120 12.70 -0.44 -22.00
CA PRO E 120 12.97 0.70 -21.12
C PRO E 120 13.82 1.80 -21.75
N PHE E 121 13.81 1.90 -23.08
CA PHE E 121 14.61 2.94 -23.76
C PHE E 121 13.74 4.10 -24.22
N ASP E 122 12.64 4.32 -23.50
CA ASP E 122 11.61 5.26 -23.92
C ASP E 122 11.82 6.67 -23.40
N SER E 123 11.14 7.61 -24.06
CA SER E 123 11.07 8.96 -23.57
C SER E 123 9.60 9.35 -23.46
N GLN E 124 9.31 10.25 -22.54
CA GLN E 124 7.94 10.68 -22.33
C GLN E 124 7.81 12.19 -22.41
N THR E 125 6.62 12.65 -22.76
CA THR E 125 6.25 14.05 -22.57
C THR E 125 5.12 14.14 -21.54
N LEU E 126 5.47 14.56 -20.34
CA LEU E 126 4.48 14.79 -19.30
C LEU E 126 3.70 16.08 -19.55
N HIS E 127 2.42 16.07 -19.21
CA HIS E 127 1.56 17.22 -19.44
C HIS E 127 0.94 17.76 -18.15
N ILE E 128 1.08 19.05 -17.90
CA ILE E 128 0.28 19.69 -16.86
C ILE E 128 -0.61 20.74 -17.54
N TYR E 129 -1.93 20.51 -17.54
CA TYR E 129 -2.86 21.44 -18.21
C TYR E 129 -3.52 22.42 -17.24
N LEU E 130 -3.27 23.71 -17.43
CA LEU E 130 -4.00 24.77 -16.74
C LEU E 130 -5.27 25.11 -17.49
N ILE E 131 -6.37 25.26 -16.76
CA ILE E 131 -7.61 25.68 -17.39
C ILE E 131 -8.33 26.79 -16.62
N VAL E 132 -9.08 27.62 -17.33
CA VAL E 132 -9.91 28.61 -16.66
C VAL E 132 -11.25 28.81 -17.37
N ARG E 133 -12.31 28.90 -16.57
CA ARG E 133 -13.66 28.93 -17.14
C ARG E 133 -14.15 30.37 -17.16
N SER E 134 -14.66 30.80 -18.31
CA SER E 134 -15.16 32.17 -18.45
C SER E 134 -16.41 32.39 -17.60
N VAL E 135 -16.52 33.57 -16.99
CA VAL E 135 -17.68 33.94 -16.21
C VAL E 135 -18.76 34.63 -17.06
N ASP E 136 -19.92 34.89 -16.46
CA ASP E 136 -21.04 35.39 -17.25
C ASP E 136 -20.90 36.82 -17.72
N THR E 137 -20.00 37.59 -17.12
CA THR E 137 -19.85 38.98 -17.50
C THR E 137 -18.57 39.32 -18.26
N ARG E 138 -17.73 38.32 -18.49
CA ARG E 138 -16.68 38.40 -19.51
C ARG E 138 -15.85 37.12 -19.69
N ASN E 139 -15.13 37.08 -20.81
CA ASN E 139 -14.34 35.92 -21.18
C ASN E 139 -12.93 36.00 -20.65
N ILE E 140 -12.50 34.93 -20.01
CA ILE E 140 -11.15 34.85 -19.49
C ILE E 140 -10.29 33.99 -20.38
N VAL E 141 -9.06 34.45 -20.63
CA VAL E 141 -8.14 33.73 -21.50
C VAL E 141 -6.77 33.62 -20.84
N LEU E 142 -6.15 32.44 -20.97
CA LEU E 142 -4.84 32.23 -20.38
C LEU E 142 -3.72 32.53 -21.37
N ALA E 143 -2.58 32.91 -20.82
CA ALA E 143 -1.40 33.16 -21.63
C ALA E 143 -0.17 32.81 -20.80
N VAL E 144 0.94 32.57 -21.48
CA VAL E 144 2.15 32.14 -20.82
C VAL E 144 3.17 33.26 -20.68
N ASP E 145 3.48 33.66 -19.45
CA ASP E 145 4.61 34.55 -19.22
C ASP E 145 5.89 33.72 -19.13
N LEU E 146 6.58 33.53 -20.25
CA LEU E 146 7.78 32.69 -20.29
C LEU E 146 8.81 33.04 -19.20
N GLU E 147 8.94 34.31 -18.89
CA GLU E 147 9.84 34.78 -17.84
C GLU E 147 9.62 34.08 -16.50
N LYS E 148 8.42 33.54 -16.30
CA LYS E 148 8.00 32.99 -15.00
C LYS E 148 7.77 31.46 -15.08
N VAL E 149 8.37 30.84 -16.09
CA VAL E 149 8.26 29.42 -16.32
C VAL E 149 9.64 28.77 -16.24
N GLY E 150 9.79 27.78 -15.36
CA GLY E 150 11.05 27.09 -15.21
C GLY E 150 11.04 25.98 -14.18
N LYS E 151 12.23 25.60 -13.73
CA LYS E 151 12.40 24.53 -12.76
C LYS E 151 13.76 24.74 -12.14
N ASN E 152 13.90 24.45 -10.85
CA ASN E 152 15.21 24.62 -10.25
C ASN E 152 16.16 23.48 -10.58
N ASP E 153 17.46 23.72 -10.42
CA ASP E 153 18.50 22.81 -10.90
C ASP E 153 18.54 21.47 -10.17
N ASP E 154 18.04 21.46 -8.93
CA ASP E 154 17.95 20.22 -8.15
C ASP E 154 16.93 19.21 -8.69
N VAL E 155 15.75 19.71 -9.05
CA VAL E 155 14.63 18.88 -9.49
C VAL E 155 15.12 17.55 -10.06
N PHE E 156 15.04 16.51 -9.23
CA PHE E 156 15.53 15.19 -9.60
C PHE E 156 14.37 14.20 -9.62
N LEU E 157 14.03 13.72 -10.80
CA LEU E 157 12.98 12.73 -10.92
C LEU E 157 13.61 11.33 -10.89
N THR E 158 13.67 10.73 -9.71
CA THR E 158 14.35 9.46 -9.49
C THR E 158 14.16 8.39 -10.59
N GLY E 159 15.23 8.07 -11.31
CA GLY E 159 15.14 7.10 -12.39
C GLY E 159 14.91 7.67 -13.78
N TRP E 160 14.96 9.00 -13.90
CA TRP E 160 14.67 9.66 -15.17
C TRP E 160 15.59 10.88 -15.36
N ASP E 161 15.84 11.22 -16.61
CA ASP E 161 16.59 12.43 -16.90
C ASP E 161 15.57 13.43 -17.38
N ILE E 162 15.68 14.65 -16.85
CA ILE E 162 14.77 15.71 -17.25
C ILE E 162 15.37 16.57 -18.36
N GLU E 163 14.77 16.52 -19.54
CA GLU E 163 15.27 17.26 -20.68
C GLU E 163 14.84 18.73 -20.71
N SER E 164 13.58 19.01 -20.44
CA SER E 164 13.03 20.34 -20.65
C SER E 164 11.69 20.57 -19.99
N PHE E 165 11.39 21.83 -19.69
CA PHE E 165 10.05 22.22 -19.21
C PHE E 165 9.63 23.50 -19.92
N THR E 166 8.65 23.39 -20.79
CA THR E 166 8.19 24.53 -21.56
C THR E 166 6.67 24.54 -21.67
N ALA E 167 6.09 25.68 -22.05
CA ALA E 167 4.66 25.71 -22.25
C ALA E 167 4.35 26.04 -23.71
N VAL E 168 3.28 25.45 -24.22
CA VAL E 168 2.78 25.85 -25.52
C VAL E 168 2.09 27.18 -25.35
N VAL E 169 2.64 28.22 -25.97
CA VAL E 169 2.21 29.60 -25.74
C VAL E 169 0.75 29.84 -26.09
N LYS E 170 0.27 29.11 -27.10
CA LYS E 170 -1.09 29.30 -27.63
C LYS E 170 -2.10 28.42 -26.92
N PRO E 171 -2.97 29.04 -26.10
CA PRO E 171 -4.07 28.36 -25.40
C PRO E 171 -5.07 27.77 -26.37
N ALA E 172 -5.63 26.62 -26.00
CA ALA E 172 -6.72 26.03 -26.75
C ALA E 172 -8.01 26.54 -26.12
N ASN E 173 -8.72 27.41 -26.85
CA ASN E 173 -10.01 27.89 -26.40
C ASN E 173 -11.11 27.06 -27.02
N PHE E 174 -12.19 26.83 -26.27
CA PHE E 174 -13.26 25.95 -26.73
C PHE E 174 -14.42 26.08 -25.78
N ALA E 175 -15.57 25.53 -26.16
CA ALA E 175 -16.77 25.71 -25.36
C ALA E 175 -17.10 24.43 -24.61
N LEU E 176 -17.25 24.54 -23.31
CA LEU E 176 -17.59 23.39 -22.47
C LEU E 176 -18.78 23.70 -21.59
N GLU E 177 -19.93 23.13 -21.95
CA GLU E 177 -21.16 23.34 -21.20
C GLU E 177 -21.44 24.82 -21.07
N ASP E 178 -21.94 25.43 -22.15
CA ASP E 178 -22.42 26.82 -22.13
C ASP E 178 -21.33 27.89 -22.25
N ARG E 179 -20.40 27.91 -21.30
CA ARG E 179 -19.33 28.92 -21.27
C ARG E 179 -18.06 28.48 -22.00
N LEU E 180 -17.15 29.45 -22.19
CA LEU E 180 -15.91 29.18 -22.89
C LEU E 180 -14.77 28.88 -21.91
N GLU E 181 -13.88 27.99 -22.30
CA GLU E 181 -12.78 27.59 -21.42
C GLU E 181 -11.43 27.81 -22.13
N SER E 182 -10.44 28.25 -21.36
CA SER E 182 -9.09 28.47 -21.89
C SER E 182 -8.08 27.49 -21.25
N LYS E 183 -7.41 26.70 -22.08
CA LYS E 183 -6.56 25.61 -21.59
C LYS E 183 -5.09 25.74 -22.06
N LEU E 184 -4.16 25.72 -21.12
CA LEU E 184 -2.74 25.80 -21.44
C LEU E 184 -2.02 24.47 -21.25
N ASP E 185 -1.04 24.21 -22.10
CA ASP E 185 -0.33 22.93 -22.10
C ASP E 185 1.13 23.10 -21.67
N TYR E 186 1.39 22.88 -20.38
CA TYR E 186 2.76 22.81 -19.89
C TYR E 186 3.33 21.40 -20.12
N GLN E 187 4.57 21.34 -20.59
CA GLN E 187 5.15 20.06 -21.03
C GLN E 187 6.49 19.76 -20.40
N LEU E 188 6.51 18.72 -19.57
CA LEU E 188 7.74 18.25 -18.93
C LEU E 188 8.29 17.07 -19.74
N ARG E 189 9.48 17.23 -20.31
CA ARG E 189 10.03 16.19 -21.19
C ARG E 189 11.13 15.37 -20.52
N ILE E 190 10.94 14.06 -20.48
CA ILE E 190 11.87 13.22 -19.77
C ILE E 190 12.24 12.00 -20.57
N SER E 191 13.43 11.46 -20.28
CA SER E 191 13.88 10.22 -20.92
C SER E 191 14.31 9.26 -19.83
N ARG E 192 13.91 7.99 -19.97
CA ARG E 192 14.18 7.00 -18.92
C ARG E 192 15.67 6.66 -18.84
N GLN E 193 16.13 6.38 -17.62
CA GLN E 193 17.50 5.99 -17.38
C GLN E 193 17.65 4.47 -17.54
N TYR E 194 18.05 4.05 -18.73
CA TYR E 194 17.99 2.63 -19.08
C TYR E 194 19.06 1.76 -18.40
N PHE E 195 20.15 2.37 -17.98
CA PHE E 195 21.29 1.64 -17.41
C PHE E 195 20.95 0.45 -16.51
N SER E 196 20.23 0.69 -15.42
CA SER E 196 20.00 -0.39 -14.44
C SER E 196 19.37 -1.64 -15.07
N TYR E 197 18.49 -1.45 -16.04
CA TYR E 197 17.80 -2.57 -16.68
C TYR E 197 18.79 -3.58 -17.27
N ILE E 198 19.98 -3.11 -17.56
CA ILE E 198 20.98 -3.95 -18.20
C ILE E 198 21.51 -5.06 -17.29
N PRO E 199 22.18 -4.71 -16.18
CA PRO E 199 22.62 -5.77 -15.25
C PRO E 199 21.51 -6.44 -14.43
N ASN E 200 20.31 -5.85 -14.41
CA ASN E 200 19.25 -6.32 -13.51
C ASN E 200 18.27 -7.27 -14.17
N ILE E 201 18.06 -7.08 -15.46
CA ILE E 201 17.01 -7.77 -16.22
C ILE E 201 17.52 -8.35 -17.52
N ILE E 202 18.09 -7.50 -18.37
CA ILE E 202 18.48 -7.91 -19.72
C ILE E 202 19.62 -8.94 -19.78
N LEU E 203 20.76 -8.65 -19.18
CA LEU E 203 21.86 -9.63 -19.23
C LEU E 203 21.50 -10.95 -18.54
N PRO E 204 21.07 -10.89 -17.27
CA PRO E 204 20.73 -12.15 -16.61
C PRO E 204 19.84 -13.02 -17.49
N MET E 205 18.86 -12.37 -18.12
CA MET E 205 17.91 -13.08 -18.96
C MET E 205 18.59 -13.74 -20.15
N LEU E 206 19.60 -13.07 -20.71
CA LEU E 206 20.42 -13.64 -21.79
C LEU E 206 21.29 -14.80 -21.31
N PHE E 207 22.09 -14.57 -20.27
CA PHE E 207 22.86 -15.63 -19.61
C PHE E 207 22.09 -16.94 -19.39
N ILE E 208 20.88 -16.88 -18.80
CA ILE E 208 20.14 -18.11 -18.57
C ILE E 208 19.76 -18.76 -19.91
N LEU E 209 19.60 -17.95 -20.95
CA LEU E 209 19.26 -18.45 -22.28
C LEU E 209 20.45 -19.16 -22.91
N PHE E 210 21.63 -18.56 -22.76
CA PHE E 210 22.86 -19.14 -23.26
C PHE E 210 23.16 -20.45 -22.53
N ILE E 211 23.07 -20.40 -21.20
CA ILE E 211 23.20 -21.61 -20.41
C ILE E 211 22.32 -22.72 -20.98
N SER E 212 21.15 -22.36 -21.51
CA SER E 212 20.25 -23.37 -22.08
C SER E 212 20.82 -23.97 -23.36
N TRP E 213 21.67 -23.22 -24.04
CA TRP E 213 22.14 -23.62 -25.36
C TRP E 213 23.28 -24.62 -25.30
N THR E 214 23.82 -24.84 -24.12
CA THR E 214 24.85 -25.85 -23.95
C THR E 214 24.29 -27.27 -24.09
N ALA E 215 22.98 -27.40 -24.19
CA ALA E 215 22.37 -28.72 -24.41
C ALA E 215 22.64 -29.20 -25.85
N PHE E 216 23.08 -28.27 -26.70
CA PHE E 216 23.41 -28.61 -28.07
C PHE E 216 24.78 -29.31 -28.16
N TRP E 217 25.59 -29.19 -27.12
CA TRP E 217 26.85 -29.93 -27.00
C TRP E 217 26.72 -31.08 -26.00
N SER E 218 25.51 -31.63 -25.91
CA SER E 218 25.26 -32.74 -25.00
C SER E 218 24.37 -33.75 -25.69
N THR E 219 24.47 -35.00 -25.26
CA THR E 219 23.69 -36.10 -25.84
C THR E 219 22.78 -36.72 -24.80
N SER E 220 22.88 -36.20 -23.58
CA SER E 220 22.08 -36.65 -22.43
C SER E 220 20.69 -35.98 -22.29
N TYR E 221 19.64 -36.69 -22.69
CA TYR E 221 18.27 -36.19 -22.61
C TYR E 221 17.88 -35.88 -21.17
N GLU E 222 18.23 -36.80 -20.29
CA GLU E 222 17.99 -36.66 -18.85
C GLU E 222 18.57 -35.34 -18.32
N ALA E 223 19.58 -34.81 -19.00
CA ALA E 223 20.23 -33.57 -18.56
C ALA E 223 19.80 -32.35 -19.36
N ASN E 224 19.70 -32.50 -20.67
CA ASN E 224 19.21 -31.43 -21.51
C ASN E 224 17.83 -30.97 -21.03
N VAL E 225 16.97 -31.93 -20.73
CA VAL E 225 15.64 -31.60 -20.26
C VAL E 225 15.72 -30.78 -18.97
N THR E 226 16.69 -31.09 -18.13
CA THR E 226 16.89 -30.33 -16.90
C THR E 226 17.45 -28.93 -17.18
N LEU E 227 18.42 -28.81 -18.07
CA LEU E 227 18.94 -27.50 -18.48
C LEU E 227 17.85 -26.62 -19.05
N VAL E 228 17.14 -27.14 -20.03
CA VAL E 228 16.20 -26.33 -20.78
C VAL E 228 14.97 -25.97 -19.98
N VAL E 229 14.43 -26.91 -19.23
CA VAL E 229 13.26 -26.64 -18.41
C VAL E 229 13.58 -25.76 -17.20
N SER E 230 14.72 -25.99 -16.56
CA SER E 230 15.11 -25.19 -15.40
C SER E 230 15.29 -23.73 -15.73
N THR E 231 15.95 -23.44 -16.83
CA THR E 231 16.16 -22.06 -17.24
C THR E 231 14.87 -21.40 -17.75
N LEU E 232 14.02 -22.18 -18.42
CA LEU E 232 12.73 -21.68 -18.89
C LEU E 232 11.95 -21.14 -17.70
N ILE E 233 12.16 -21.78 -16.56
CA ILE E 233 11.51 -21.37 -15.34
C ILE E 233 12.09 -20.03 -14.87
N ALA E 234 13.41 -19.97 -14.70
CA ALA E 234 14.09 -18.72 -14.38
C ALA E 234 13.65 -17.59 -15.30
N HIS E 235 13.36 -17.94 -16.55
CA HIS E 235 12.95 -16.91 -17.51
C HIS E 235 11.57 -16.43 -17.13
N ILE E 236 10.66 -17.36 -16.94
CA ILE E 236 9.32 -17.05 -16.47
C ILE E 236 9.38 -16.03 -15.33
N ALA E 237 10.29 -16.23 -14.36
CA ALA E 237 10.44 -15.29 -13.22
C ALA E 237 10.72 -13.89 -13.72
N PHE E 238 11.79 -13.73 -14.46
CA PHE E 238 12.09 -12.44 -15.03
C PHE E 238 10.90 -11.85 -15.80
N ASN E 239 10.18 -12.70 -16.53
CA ASN E 239 9.02 -12.22 -17.26
C ASN E 239 8.03 -11.58 -16.29
N ILE E 240 7.61 -12.37 -15.30
CA ILE E 240 6.71 -11.88 -14.26
C ILE E 240 7.22 -10.62 -13.55
N LEU E 241 8.50 -10.62 -13.18
CA LEU E 241 9.13 -9.45 -12.58
C LEU E 241 8.92 -8.18 -13.39
N VAL E 242 9.13 -8.31 -14.69
CA VAL E 242 9.01 -7.16 -15.58
C VAL E 242 7.56 -6.70 -15.74
N GLU E 243 6.61 -7.63 -15.84
CA GLU E 243 5.24 -7.23 -16.12
C GLU E 243 4.49 -6.80 -14.87
N THR E 244 5.16 -6.84 -13.72
CA THR E 244 4.60 -6.23 -12.50
C THR E 244 5.11 -4.79 -12.30
N ASN E 245 6.12 -4.40 -13.06
CA ASN E 245 6.63 -3.03 -13.08
C ASN E 245 5.95 -2.17 -14.14
N LEU E 246 4.96 -2.75 -14.83
CA LEU E 246 4.40 -2.13 -16.02
C LEU E 246 2.90 -2.26 -16.08
N PRO E 247 2.25 -1.20 -16.56
CA PRO E 247 0.80 -1.22 -16.82
C PRO E 247 0.48 -2.18 -17.97
N LYS E 248 -0.76 -2.60 -18.08
CA LYS E 248 -1.09 -3.52 -19.16
C LYS E 248 -1.45 -2.71 -20.40
N THR E 249 -0.46 -2.59 -21.29
CA THR E 249 -0.63 -1.91 -22.56
C THR E 249 -1.33 -2.80 -23.60
N PRO E 250 -2.12 -2.17 -24.48
CA PRO E 250 -2.85 -2.85 -25.55
C PRO E 250 -1.98 -2.93 -26.80
N TYR E 251 -0.75 -2.46 -26.66
CA TYR E 251 0.24 -2.56 -27.72
C TYR E 251 1.37 -3.39 -27.19
N MET E 252 2.39 -3.61 -28.01
CA MET E 252 3.49 -4.46 -27.61
C MET E 252 4.70 -3.61 -27.25
N THR E 253 5.25 -3.84 -26.06
CA THR E 253 6.48 -3.17 -25.64
C THR E 253 7.72 -3.89 -26.14
N TYR E 254 8.83 -3.17 -26.27
CA TYR E 254 10.08 -3.76 -26.75
C TYR E 254 10.54 -4.91 -25.84
N THR E 255 10.75 -4.62 -24.56
CA THR E 255 11.09 -5.65 -23.57
C THR E 255 10.09 -6.80 -23.59
N GLY E 256 8.84 -6.49 -23.93
CA GLY E 256 7.82 -7.53 -23.97
C GLY E 256 8.00 -8.49 -25.13
N ALA E 257 8.29 -7.93 -26.30
CA ALA E 257 8.58 -8.71 -27.50
C ALA E 257 9.79 -9.61 -27.27
N ILE E 258 10.89 -9.01 -26.89
CA ILE E 258 12.11 -9.73 -26.60
C ILE E 258 11.84 -10.88 -25.63
N ILE E 259 11.12 -10.59 -24.55
CA ILE E 259 10.80 -11.58 -23.53
C ILE E 259 9.91 -12.69 -24.10
N PHE E 260 8.99 -12.32 -24.98
CA PHE E 260 8.09 -13.30 -25.56
C PHE E 260 8.78 -14.18 -26.58
N MET E 261 9.63 -13.57 -27.39
CA MET E 261 10.38 -14.27 -28.40
C MET E 261 11.18 -15.39 -27.75
N ILE E 262 11.91 -15.02 -26.70
CA ILE E 262 12.73 -15.99 -25.99
C ILE E 262 11.95 -17.26 -25.60
N TYR E 263 10.65 -17.13 -25.32
CA TYR E 263 9.84 -18.31 -25.05
C TYR E 263 9.93 -19.26 -26.23
N LEU E 264 9.85 -18.72 -27.44
CA LEU E 264 9.92 -19.54 -28.65
C LEU E 264 11.25 -20.31 -28.75
N PHE E 265 12.35 -19.61 -28.57
CA PHE E 265 13.66 -20.23 -28.55
C PHE E 265 13.84 -21.30 -27.47
N TYR E 266 12.91 -21.35 -26.51
CA TYR E 266 12.94 -22.36 -25.48
C TYR E 266 12.15 -23.56 -25.98
N PHE E 267 11.02 -23.27 -26.60
CA PHE E 267 10.12 -24.29 -27.10
C PHE E 267 10.76 -25.02 -28.27
N VAL E 268 11.45 -24.29 -29.14
CA VAL E 268 12.15 -24.94 -30.23
C VAL E 268 13.29 -25.81 -29.70
N ALA E 269 14.10 -25.26 -28.80
CA ALA E 269 15.12 -26.04 -28.12
C ALA E 269 14.59 -27.33 -27.48
N VAL E 270 13.49 -27.26 -26.74
CA VAL E 270 12.93 -28.48 -26.20
C VAL E 270 12.57 -29.45 -27.32
N ILE E 271 12.07 -28.93 -28.43
CA ILE E 271 11.79 -29.78 -29.58
C ILE E 271 13.06 -30.49 -30.06
N GLU E 272 14.07 -29.71 -30.47
CA GLU E 272 15.35 -30.28 -30.90
C GLU E 272 15.91 -31.30 -29.91
N VAL E 273 16.00 -30.94 -28.63
CA VAL E 273 16.43 -31.84 -27.58
C VAL E 273 15.66 -33.17 -27.57
N THR E 274 14.37 -33.09 -27.92
CA THR E 274 13.49 -34.25 -27.98
C THR E 274 13.72 -35.06 -29.26
N VAL E 275 13.69 -34.37 -30.39
CA VAL E 275 14.05 -34.97 -31.67
C VAL E 275 15.37 -35.76 -31.61
N GLN E 276 16.41 -35.11 -31.11
CA GLN E 276 17.70 -35.75 -30.95
C GLN E 276 17.61 -37.07 -30.15
N HIS E 277 16.92 -37.05 -29.02
CA HIS E 277 16.77 -38.26 -28.21
C HIS E 277 15.98 -39.31 -28.98
N TYR E 278 14.91 -38.90 -29.66
CA TYR E 278 14.08 -39.85 -30.41
C TYR E 278 14.91 -40.64 -31.40
N LEU E 279 15.80 -39.93 -32.11
CA LEU E 279 16.73 -40.59 -33.02
C LEU E 279 17.64 -41.59 -32.28
N LYS E 280 18.45 -41.08 -31.35
CA LYS E 280 19.35 -41.93 -30.54
C LYS E 280 18.73 -43.23 -30.03
N VAL E 281 17.46 -43.18 -29.65
CA VAL E 281 16.79 -44.38 -29.13
C VAL E 281 16.49 -45.37 -30.27
N GLU E 282 16.30 -44.83 -31.47
CA GLU E 282 16.04 -45.63 -32.67
C GLU E 282 17.35 -45.99 -33.33
N SER E 283 18.45 -45.68 -32.64
CA SER E 283 19.78 -45.88 -33.17
C SER E 283 19.93 -45.08 -34.45
N GLN E 284 20.23 -43.79 -34.28
CA GLN E 284 20.46 -42.90 -35.41
C GLN E 284 21.41 -41.76 -35.06
N PRO E 285 22.33 -42.00 -34.09
CA PRO E 285 23.16 -40.89 -33.59
C PRO E 285 23.72 -40.03 -34.72
N ALA E 286 23.69 -40.56 -35.95
CA ALA E 286 24.16 -39.84 -37.13
C ALA E 286 23.26 -38.66 -37.44
N ARG E 287 21.98 -38.94 -37.71
CA ARG E 287 21.01 -37.88 -38.01
C ARG E 287 20.94 -36.89 -36.86
N ALA E 288 20.78 -37.41 -35.65
CA ALA E 288 20.76 -36.60 -34.46
C ALA E 288 21.90 -35.59 -34.51
N ALA E 289 23.13 -36.11 -34.48
CA ALA E 289 24.32 -35.28 -34.38
C ALA E 289 24.46 -34.24 -35.49
N SER E 290 23.79 -34.45 -36.61
CA SER E 290 23.89 -33.50 -37.71
C SER E 290 22.92 -32.34 -37.46
N ILE E 291 21.76 -32.67 -36.88
CA ILE E 291 20.82 -31.67 -36.40
C ILE E 291 21.45 -30.88 -35.23
N THR E 292 21.76 -31.57 -34.15
CA THR E 292 22.47 -30.98 -33.01
C THR E 292 23.64 -30.09 -33.46
N ARG E 293 24.28 -30.45 -34.56
CA ARG E 293 25.46 -29.72 -34.99
C ARG E 293 25.05 -28.39 -35.59
N ALA E 294 23.90 -28.38 -36.25
CA ALA E 294 23.39 -27.16 -36.87
C ALA E 294 22.85 -26.22 -35.81
N SER E 295 22.04 -26.77 -34.90
CA SER E 295 21.51 -26.00 -33.79
C SER E 295 22.57 -25.11 -33.16
N ARG E 296 23.73 -25.68 -32.86
CA ARG E 296 24.84 -24.93 -32.25
C ARG E 296 25.15 -23.62 -32.96
N ILE E 297 24.72 -23.52 -34.22
CA ILE E 297 24.94 -22.30 -34.97
C ILE E 297 23.62 -21.60 -35.29
N ALA E 298 22.64 -22.38 -35.73
CA ALA E 298 21.34 -21.85 -36.12
C ALA E 298 20.72 -20.97 -35.02
N PHE E 299 20.69 -21.47 -33.79
CA PHE E 299 20.11 -20.70 -32.68
C PHE E 299 20.78 -19.33 -32.50
N PRO E 300 22.04 -19.30 -32.05
CA PRO E 300 22.65 -17.98 -31.83
C PRO E 300 22.54 -17.06 -33.06
N VAL E 301 22.45 -17.63 -34.25
CA VAL E 301 22.43 -16.80 -35.45
C VAL E 301 21.02 -16.32 -35.78
N VAL E 302 20.04 -17.16 -35.50
CA VAL E 302 18.65 -16.77 -35.72
C VAL E 302 18.21 -15.81 -34.61
N PHE E 303 18.84 -15.93 -33.44
CA PHE E 303 18.55 -15.04 -32.32
C PHE E 303 19.10 -13.65 -32.62
N LEU E 304 20.42 -13.56 -32.72
CA LEU E 304 21.10 -12.32 -33.06
C LEU E 304 20.52 -11.71 -34.35
N LEU E 305 19.88 -12.54 -35.15
CA LEU E 305 19.22 -12.08 -36.37
C LEU E 305 17.90 -11.39 -36.03
N ALA E 306 17.01 -12.14 -35.37
CA ALA E 306 15.69 -11.65 -35.00
C ALA E 306 15.72 -10.42 -34.07
N ASN E 307 16.63 -10.39 -33.10
CA ASN E 307 16.79 -9.20 -32.27
C ASN E 307 17.04 -7.96 -33.11
N ILE E 308 17.91 -8.09 -34.11
CA ILE E 308 18.18 -7.00 -35.03
C ILE E 308 16.88 -6.55 -35.69
N ILE E 309 16.11 -7.51 -36.20
CA ILE E 309 14.81 -7.22 -36.78
C ILE E 309 13.82 -6.54 -35.82
N LEU E 310 13.80 -6.92 -34.55
CA LEU E 310 12.93 -6.22 -33.59
C LEU E 310 13.38 -4.80 -33.43
N ALA E 311 14.61 -4.61 -32.95
CA ALA E 311 15.17 -3.26 -32.79
C ALA E 311 14.77 -2.34 -33.95
N PHE E 312 14.89 -2.88 -35.16
CA PHE E 312 14.48 -2.16 -36.34
C PHE E 312 13.02 -1.69 -36.20
N LEU E 313 12.08 -2.64 -36.09
CA LEU E 313 10.65 -2.34 -36.00
C LEU E 313 10.33 -1.39 -34.87
N PHE E 314 11.23 -1.25 -33.90
CA PHE E 314 10.94 -0.51 -32.69
C PHE E 314 11.64 0.84 -32.60
N PHE E 315 12.75 1.02 -33.32
CA PHE E 315 13.49 2.29 -33.23
C PHE E 315 13.83 2.98 -34.56
#